data_8G7W
#
_entry.id   8G7W
#
_cell.length_a   204.480
_cell.length_b   204.480
_cell.length_c   251.850
_cell.angle_alpha   90.00
_cell.angle_beta   90.00
_cell.angle_gamma   90.00
#
_symmetry.space_group_name_H-M   'I 41 2 2'
#
loop_
_entity.id
_entity.type
_entity.pdbx_description
1 polymer 'Type I PKS module 4, module 5'
2 non-polymer 'NADP NICOTINAMIDE-ADENINE-DINUCLEOTIDE PHOSPHATE'
3 non-polymer 'SULFATE ION'
4 non-polymer GLYCEROL
5 water water
#
_entity_poly.entity_id   1
_entity_poly.type   'polypeptide(L)'
_entity_poly.pdbx_seq_one_letter_code
;SNAHPLLGGAVELPDRGGHVYPARLGVRHHPWLGEHALLGAAILPGAAYAELALWAGRRDGAGRIEELTLDAPLVVADES
AAQLRLVVGPADAEGRRQLTVHSRADGADADTAWTRHAQGTLVPADADAAWSGEPGAPWPPAGAEPVEVAGLYDRFADRG
YQYGPSFRGVRAAWRAGDTVYAEVALPVPQPGSPRFGVHPALLDAAFQAMSLGAFFPEDGQVRMPFALRGVSSSGVGADR
LRVTISPAGAEAVRIACVDERGNPVVVIDSLVARAVPVEALTPGTPGIPGAGDGALHHVAWTARPEPGVAAVQRWAVVGA
ADPGLAGGLDRAGGLCGAYPDLAALVAAVAEGAALPDVVAVPVPSGAPVGPDAVRATVLGALDLIRAWLAVEGRLGLARL
AFVTTSAVAVGDGTEHVDPVSAALWGLVRSAQSEEPGRFVLVDLDADPASASALPAALAAREPQLAVRAGAVHVPRLVRH
RPRPDGPLTPPAGAAWRLAAGGQGTLEGLALVPAPDAEAPLTPGQVRVAVRAAGVNFRDTLIALGMYPGTPVLGAEGAGV
ITEVAPDVAGFAPGDRVLGMWTGGLGPVAVADARMLARVPRGWSYAEAASVPAVFLTAHYALTRLAGIRPGQSLLVHAGA
GGVGMATLQLARHLGVEVYATASRGKWDTLRGLGLDDAHIADSRSLDFAGRFLAATGGRGVDVVLNSLAGDFVDASLRLL
PRGGHFLELGKADVRDPDRIAADHPGVGYRAFDLVEAGPELVGQLLGELMELFAAGVLSPLPLTVRDVRRAREAFRLISQ
ARHVGKVVLTMPPAFGAYGTVLVTGGTGTLGGAVARHLVARHGVRHLVLAGRSGPAADGASALVDELTASGASVTVVACD
AADRVALRRLLDGIPAAHPLTAVVHAAGVLDDATITALTAGQVDAVLRPKADAVVNLHELTRDRELSAFVLFSSAAALFG
SPGQGNYSAANGFVDAFAQYRRAQGLHAVSLAWGLWADSSRMAGHLDQEGMRRRMARGGVLPLTTDQGLALFDAAQLVDE
ALQVPIRLNVGALRAAGKVPALLADLV
;
_entity_poly.pdbx_strand_id   A,B
#
# COMPACT_ATOMS: atom_id res chain seq x y z
N HIS A 4 -20.48 2.47 -47.95
CA HIS A 4 -19.42 2.68 -46.98
C HIS A 4 -20.00 2.45 -45.58
N PRO A 5 -19.23 1.80 -44.70
CA PRO A 5 -19.78 1.45 -43.37
C PRO A 5 -20.09 2.68 -42.52
N LEU A 6 -19.49 3.81 -42.82
CA LEU A 6 -19.63 5.03 -42.04
C LEU A 6 -20.29 6.15 -42.85
N LEU A 7 -19.77 6.41 -44.05
CA LEU A 7 -20.25 7.49 -44.89
C LEU A 7 -21.58 7.16 -45.52
N GLY A 8 -22.35 8.21 -45.82
CA GLY A 8 -23.56 8.10 -46.59
C GLY A 8 -23.33 8.45 -48.04
N GLY A 9 -24.42 8.69 -48.76
CA GLY A 9 -24.31 9.09 -50.15
C GLY A 9 -23.70 10.47 -50.30
N ALA A 10 -23.05 10.68 -51.45
CA ALA A 10 -22.46 11.98 -51.75
C ALA A 10 -23.55 13.01 -51.99
N VAL A 11 -23.52 14.09 -51.21
CA VAL A 11 -24.42 15.22 -51.39
C VAL A 11 -23.78 16.24 -52.32
N GLU A 12 -24.52 16.64 -53.35
CA GLU A 12 -23.98 17.51 -54.39
C GLU A 12 -23.76 18.92 -53.85
N LEU A 13 -22.80 19.63 -54.49
CA LEU A 13 -22.46 21.02 -54.19
C LEU A 13 -22.19 21.87 -55.43
N PRO A 14 -23.09 22.76 -55.79
CA PRO A 14 -22.81 23.62 -56.94
C PRO A 14 -21.88 24.80 -56.64
N ASP A 15 -22.00 25.41 -55.45
CA ASP A 15 -21.24 26.63 -55.17
C ASP A 15 -19.73 26.39 -55.14
N ARG A 16 -19.25 25.57 -54.20
CA ARG A 16 -17.82 25.28 -54.19
C ARG A 16 -17.50 24.40 -55.38
N GLY A 17 -18.49 23.62 -55.84
CA GLY A 17 -18.34 22.71 -56.94
C GLY A 17 -17.86 21.37 -56.43
N GLY A 18 -18.64 20.30 -56.51
CA GLY A 18 -18.16 19.05 -55.93
C GLY A 18 -19.20 18.41 -55.02
N HIS A 19 -18.70 17.58 -54.12
CA HIS A 19 -19.56 16.69 -53.33
C HIS A 19 -19.31 16.85 -51.83
N VAL A 20 -20.24 16.28 -51.05
CA VAL A 20 -20.17 16.27 -49.58
C VAL A 20 -20.58 14.88 -49.11
N TYR A 21 -19.67 14.21 -48.41
CA TYR A 21 -19.94 12.89 -47.88
C TYR A 21 -20.27 13.01 -46.40
N PRO A 22 -21.53 12.82 -46.00
CA PRO A 22 -21.85 12.84 -44.57
C PRO A 22 -21.58 11.50 -43.91
N ALA A 23 -21.47 11.54 -42.59
CA ALA A 23 -21.30 10.34 -41.79
C ALA A 23 -21.65 10.66 -40.35
N ARG A 24 -22.33 9.72 -39.70
CA ARG A 24 -22.65 9.82 -38.28
C ARG A 24 -21.75 8.86 -37.51
N LEU A 25 -21.12 9.37 -36.45
CA LEU A 25 -20.21 8.59 -35.63
C LEU A 25 -20.87 8.26 -34.30
N GLY A 26 -20.72 7.01 -33.87
CA GLY A 26 -21.23 6.55 -32.60
C GLY A 26 -20.58 5.27 -32.13
N VAL A 27 -20.27 5.17 -30.82
CA VAL A 27 -19.62 3.96 -30.35
C VAL A 27 -20.63 2.81 -30.36
N ARG A 28 -21.91 3.11 -30.12
CA ARG A 28 -22.92 2.06 -30.20
C ARG A 28 -23.04 1.51 -31.61
N HIS A 29 -22.82 2.35 -32.63
CA HIS A 29 -22.86 1.89 -34.02
C HIS A 29 -21.56 1.20 -34.42
N HIS A 30 -20.43 1.67 -33.90
CA HIS A 30 -19.12 1.12 -34.24
C HIS A 30 -18.27 1.09 -32.98
N PRO A 31 -18.36 0.01 -32.19
CA PRO A 31 -17.66 -0.01 -30.90
C PRO A 31 -16.17 0.22 -30.99
N TRP A 32 -15.56 -0.05 -32.15
CA TRP A 32 -14.11 0.09 -32.28
C TRP A 32 -13.67 1.55 -32.37
N LEU A 33 -14.59 2.47 -32.67
CA LEU A 33 -14.24 3.88 -32.80
C LEU A 33 -13.58 4.44 -31.55
N GLY A 34 -13.81 3.83 -30.40
CA GLY A 34 -13.19 4.28 -29.16
C GLY A 34 -11.96 3.51 -28.78
N GLU A 35 -11.76 2.35 -29.41
CA GLU A 35 -10.67 1.46 -29.02
C GLU A 35 -9.30 1.93 -29.55
N HIS A 36 -9.21 3.18 -30.00
CA HIS A 36 -7.95 3.84 -30.31
C HIS A 36 -7.88 5.08 -29.44
N ALA A 37 -6.94 5.09 -28.50
CA ALA A 37 -6.84 6.17 -27.53
C ALA A 37 -5.39 6.41 -27.17
N LEU A 38 -5.06 7.68 -26.95
CA LEU A 38 -3.70 8.08 -26.57
C LEU A 38 -3.79 9.01 -25.38
N LEU A 39 -3.11 8.66 -24.30
CA LEU A 39 -2.97 9.50 -23.12
C LEU A 39 -4.33 9.94 -22.58
N GLY A 40 -5.24 8.98 -22.47
CA GLY A 40 -6.53 9.19 -21.85
C GLY A 40 -7.61 9.72 -22.74
N ALA A 41 -7.36 9.87 -24.04
CA ALA A 41 -8.33 10.44 -24.96
C ALA A 41 -8.62 9.43 -26.07
N ALA A 42 -9.84 8.90 -26.08
CA ALA A 42 -10.30 8.09 -27.19
C ALA A 42 -10.52 8.97 -28.40
N ILE A 43 -9.77 8.71 -29.47
CA ILE A 43 -9.76 9.57 -30.65
C ILE A 43 -9.81 8.71 -31.91
N LEU A 44 -10.08 9.36 -33.02
CA LEU A 44 -10.09 8.71 -34.32
C LEU A 44 -8.68 8.70 -34.89
N PRO A 45 -8.15 7.57 -35.30
CA PRO A 45 -6.77 7.54 -35.80
C PRO A 45 -6.65 8.26 -37.12
N GLY A 46 -5.44 8.76 -37.40
CA GLY A 46 -5.18 9.34 -38.70
C GLY A 46 -5.43 8.34 -39.82
N ALA A 47 -5.16 7.07 -39.55
CA ALA A 47 -5.45 5.99 -40.49
C ALA A 47 -6.90 5.96 -40.94
N ALA A 48 -7.81 6.50 -40.12
CA ALA A 48 -9.22 6.53 -40.50
C ALA A 48 -9.48 7.55 -41.59
N TYR A 49 -8.86 8.72 -41.49
CA TYR A 49 -9.01 9.75 -42.53
C TYR A 49 -8.43 9.31 -43.87
N ALA A 50 -7.51 8.34 -43.88
CA ALA A 50 -6.94 7.87 -45.13
C ALA A 50 -7.91 6.98 -45.90
N GLU A 51 -8.51 6.00 -45.21
CA GLU A 51 -9.54 5.16 -45.83
C GLU A 51 -10.60 6.01 -46.52
N LEU A 52 -11.18 6.96 -45.79
CA LEU A 52 -12.17 7.86 -46.36
C LEU A 52 -11.67 8.54 -47.62
N ALA A 53 -10.39 8.93 -47.63
CA ALA A 53 -9.85 9.70 -48.75
C ALA A 53 -9.65 8.84 -49.99
N LEU A 54 -9.13 7.62 -49.80
CA LEU A 54 -8.86 6.75 -50.94
C LEU A 54 -10.15 6.20 -51.56
N TRP A 55 -11.20 6.07 -50.76
CA TRP A 55 -12.48 5.57 -51.25
C TRP A 55 -13.23 6.64 -52.02
N ALA A 56 -13.48 7.79 -51.38
CA ALA A 56 -14.14 8.91 -52.05
C ALA A 56 -13.33 9.44 -53.21
N GLY A 57 -12.00 9.30 -53.15
CA GLY A 57 -11.13 9.80 -54.20
C GLY A 57 -11.11 8.94 -55.45
N ARG A 58 -11.10 7.61 -55.26
CA ARG A 58 -11.17 6.71 -56.41
C ARG A 58 -12.46 6.91 -57.18
N ARG A 59 -13.55 7.24 -56.49
CA ARG A 59 -14.85 7.36 -57.13
C ARG A 59 -14.96 8.61 -57.99
N ASP A 60 -14.32 9.71 -57.58
CA ASP A 60 -14.43 10.98 -58.29
C ASP A 60 -13.13 11.32 -59.02
N GLY A 61 -12.40 10.30 -59.46
CA GLY A 61 -11.21 10.45 -60.30
C GLY A 61 -9.86 10.51 -59.60
N ALA A 62 -9.78 11.22 -58.48
CA ALA A 62 -8.50 11.47 -57.82
C ALA A 62 -8.25 10.40 -56.76
N GLY A 63 -7.80 9.23 -57.23
CA GLY A 63 -7.57 8.10 -56.35
C GLY A 63 -6.26 8.13 -55.59
N ARG A 64 -5.37 9.05 -55.92
CA ARG A 64 -4.10 9.23 -55.23
C ARG A 64 -4.16 10.49 -54.37
N ILE A 65 -3.57 10.43 -53.20
CA ILE A 65 -3.46 11.55 -52.28
C ILE A 65 -2.08 12.17 -52.51
N GLU A 66 -2.03 13.40 -53.01
CA GLU A 66 -0.73 14.07 -53.05
C GLU A 66 -0.28 14.39 -51.63
N GLU A 67 -1.11 15.11 -50.86
CA GLU A 67 -0.78 15.48 -49.50
C GLU A 67 -2.04 15.44 -48.64
N LEU A 68 -1.88 14.98 -47.40
CA LEU A 68 -2.96 14.94 -46.42
C LEU A 68 -2.44 15.46 -45.09
N THR A 69 -3.04 16.54 -44.58
CA THR A 69 -2.60 17.18 -43.35
C THR A 69 -3.68 17.06 -42.27
N LEU A 70 -3.26 16.74 -41.05
CA LEU A 70 -4.12 16.62 -39.89
C LEU A 70 -3.86 17.80 -38.96
N ASP A 71 -4.92 18.53 -38.60
CA ASP A 71 -4.76 19.76 -37.84
C ASP A 71 -4.92 19.56 -36.33
N ALA A 72 -5.97 18.88 -35.91
CA ALA A 72 -6.22 18.65 -34.48
C ALA A 72 -7.12 17.42 -34.36
N PRO A 73 -6.78 16.49 -33.48
CA PRO A 73 -7.52 15.22 -33.44
C PRO A 73 -8.97 15.40 -33.02
N LEU A 74 -9.80 14.47 -33.46
CA LEU A 74 -11.21 14.41 -33.11
C LEU A 74 -11.39 13.35 -32.04
N VAL A 75 -11.84 13.76 -30.87
CA VAL A 75 -12.00 12.86 -29.73
C VAL A 75 -13.36 12.19 -29.84
N VAL A 76 -13.41 10.92 -29.44
CA VAL A 76 -14.64 10.16 -29.39
C VAL A 76 -15.05 10.11 -27.92
N ALA A 77 -16.15 10.80 -27.60
CA ALA A 77 -16.79 10.70 -26.31
C ALA A 77 -17.66 9.44 -26.23
N ASP A 78 -18.56 9.41 -25.27
CA ASP A 78 -19.41 8.26 -24.97
C ASP A 78 -20.45 8.14 -26.07
N GLU A 79 -21.53 7.42 -25.85
CA GLU A 79 -22.49 7.21 -26.93
C GLU A 79 -22.95 8.54 -27.52
N SER A 80 -23.50 8.50 -28.74
CA SER A 80 -23.83 9.69 -29.52
C SER A 80 -22.57 10.51 -29.83
N ALA A 81 -21.69 9.89 -30.62
CA ALA A 81 -20.53 10.63 -31.08
C ALA A 81 -20.95 11.66 -32.14
N ALA A 82 -20.00 12.51 -32.52
CA ALA A 82 -20.26 13.65 -33.39
C ALA A 82 -20.29 13.26 -34.86
N GLN A 83 -21.12 13.96 -35.63
CA GLN A 83 -21.15 13.77 -37.07
C GLN A 83 -19.91 14.37 -37.74
N LEU A 84 -19.52 13.73 -38.84
CA LEU A 84 -18.37 14.13 -39.64
C LEU A 84 -18.81 14.31 -41.08
N ARG A 85 -18.26 15.33 -41.74
CA ARG A 85 -18.57 15.63 -43.13
C ARG A 85 -17.26 15.77 -43.90
N LEU A 86 -17.18 15.13 -45.07
CA LEU A 86 -16.08 15.26 -46.00
C LEU A 86 -16.54 16.04 -47.23
N VAL A 87 -15.73 17.02 -47.65
CA VAL A 87 -16.01 17.82 -48.84
C VAL A 87 -14.99 17.50 -49.92
N VAL A 88 -15.50 17.32 -51.15
CA VAL A 88 -14.69 17.08 -52.34
C VAL A 88 -14.76 18.31 -53.22
N GLY A 89 -13.60 18.81 -53.64
CA GLY A 89 -13.50 20.00 -54.46
C GLY A 89 -13.74 19.71 -55.92
N PRO A 90 -13.96 20.77 -56.69
CA PRO A 90 -14.13 20.60 -58.14
C PRO A 90 -12.81 20.31 -58.82
N ALA A 91 -12.89 19.72 -60.01
CA ALA A 91 -11.69 19.36 -60.74
C ALA A 91 -11.09 20.62 -61.38
N ASP A 92 -9.84 20.91 -61.05
CA ASP A 92 -9.15 22.08 -61.58
C ASP A 92 -8.63 21.80 -62.99
N ALA A 93 -7.75 22.69 -63.46
CA ALA A 93 -7.19 22.57 -64.81
C ALA A 93 -6.32 21.34 -64.98
N GLU A 94 -5.92 20.68 -63.90
CA GLU A 94 -5.07 19.50 -63.97
C GLU A 94 -5.77 18.25 -63.43
N GLY A 95 -7.05 18.34 -63.06
CA GLY A 95 -7.81 17.22 -62.53
C GLY A 95 -7.74 17.06 -61.02
N ARG A 96 -6.98 17.92 -60.34
CA ARG A 96 -6.82 17.83 -58.89
C ARG A 96 -8.02 18.42 -58.15
N ARG A 97 -8.31 17.86 -56.98
CA ARG A 97 -9.47 18.26 -56.17
C ARG A 97 -9.05 18.45 -54.72
N GLN A 98 -9.48 19.55 -54.12
CA GLN A 98 -9.18 19.90 -52.74
C GLN A 98 -10.00 19.04 -51.76
N LEU A 99 -9.71 19.19 -50.48
CA LEU A 99 -10.30 18.36 -49.43
C LEU A 99 -10.24 19.07 -48.08
N THR A 100 -11.31 18.91 -47.30
CA THR A 100 -11.40 19.36 -45.93
C THR A 100 -12.31 18.39 -45.17
N VAL A 101 -12.01 18.18 -43.88
CA VAL A 101 -12.81 17.32 -43.02
C VAL A 101 -13.18 18.08 -41.75
N HIS A 102 -14.44 17.98 -41.34
CA HIS A 102 -14.99 18.78 -40.24
C HIS A 102 -15.91 17.93 -39.37
N SER A 103 -16.00 18.29 -38.09
CA SER A 103 -16.83 17.58 -37.14
C SER A 103 -17.41 18.55 -36.12
N ARG A 104 -18.62 18.25 -35.66
CA ARG A 104 -19.33 19.05 -34.67
C ARG A 104 -20.18 18.13 -33.82
N ALA A 105 -20.31 18.48 -32.54
CA ALA A 105 -20.97 17.61 -31.58
C ALA A 105 -22.39 17.28 -32.03
N ASP A 106 -22.81 16.05 -31.76
CA ASP A 106 -24.10 15.56 -32.24
C ASP A 106 -25.23 16.44 -31.75
N GLY A 107 -26.10 16.84 -32.68
CA GLY A 107 -27.27 17.61 -32.34
C GLY A 107 -27.00 19.08 -32.09
N ALA A 108 -25.74 19.52 -32.09
CA ALA A 108 -25.42 20.91 -31.78
C ALA A 108 -26.16 21.88 -32.67
N ASP A 109 -26.30 23.12 -32.19
CA ASP A 109 -27.07 24.16 -32.81
C ASP A 109 -26.35 24.76 -34.02
N ALA A 110 -27.13 25.36 -34.92
CA ALA A 110 -26.58 25.97 -36.12
C ALA A 110 -25.62 27.11 -35.80
N ASP A 111 -25.69 27.68 -34.59
CA ASP A 111 -24.83 28.79 -34.24
C ASP A 111 -23.45 28.35 -33.79
N THR A 112 -23.29 27.13 -33.30
CA THR A 112 -21.98 26.60 -32.97
C THR A 112 -21.26 26.12 -34.23
N ALA A 113 -19.98 26.42 -34.33
CA ALA A 113 -19.22 26.17 -35.54
C ALA A 113 -18.59 24.78 -35.54
N TRP A 114 -18.04 24.41 -36.69
CA TRP A 114 -17.43 23.10 -36.91
C TRP A 114 -15.92 23.22 -36.73
N THR A 115 -15.32 22.21 -36.10
CA THR A 115 -13.87 22.13 -36.03
C THR A 115 -13.32 21.42 -37.26
N ARG A 116 -12.22 21.93 -37.80
CA ARG A 116 -11.59 21.35 -38.98
C ARG A 116 -10.47 20.42 -38.53
N HIS A 117 -10.52 19.18 -39.01
CA HIS A 117 -9.58 18.14 -38.58
C HIS A 117 -8.58 17.73 -39.64
N ALA A 118 -8.92 17.88 -40.92
CA ALA A 118 -8.06 17.38 -41.97
C ALA A 118 -8.26 18.19 -43.24
N GLN A 119 -7.15 18.46 -43.92
CA GLN A 119 -7.14 19.11 -45.22
C GLN A 119 -6.02 18.50 -46.05
N GLY A 120 -6.26 18.42 -47.36
CA GLY A 120 -5.28 17.79 -48.23
C GLY A 120 -5.54 18.10 -49.68
N THR A 121 -4.92 17.31 -50.55
CA THR A 121 -5.04 17.51 -51.99
C THR A 121 -4.89 16.18 -52.71
N LEU A 122 -5.85 15.89 -53.58
CA LEU A 122 -5.92 14.60 -54.28
C LEU A 122 -5.61 14.79 -55.76
N VAL A 123 -5.12 13.74 -56.40
CA VAL A 123 -4.71 13.79 -57.80
C VAL A 123 -5.09 12.48 -58.48
N PRO A 124 -5.18 12.50 -59.80
CA PRO A 124 -5.29 11.22 -60.52
C PRO A 124 -3.95 10.49 -60.52
N ALA A 125 -4.01 9.16 -60.46
CA ALA A 125 -2.84 8.31 -60.57
C ALA A 125 -3.26 7.01 -61.24
N ASP A 126 -2.45 6.56 -62.20
CA ASP A 126 -2.75 5.32 -62.90
C ASP A 126 -2.08 4.13 -62.21
N ALA A 127 -2.86 3.06 -62.03
CA ALA A 127 -2.32 1.82 -61.47
C ALA A 127 -1.57 0.99 -62.51
N ASP A 128 -1.68 1.32 -63.80
CA ASP A 128 -1.00 0.56 -64.84
C ASP A 128 0.49 0.42 -64.57
N ALA A 129 1.13 1.48 -64.07
CA ALA A 129 2.55 1.43 -63.75
C ALA A 129 2.75 0.70 -62.43
N ALA A 130 3.44 -0.44 -62.48
CA ALA A 130 3.70 -1.28 -61.30
C ALA A 130 2.39 -1.73 -60.66
N TRP A 131 1.60 -2.47 -61.42
CA TRP A 131 0.32 -2.97 -60.90
C TRP A 131 0.52 -3.88 -59.69
N SER A 132 1.29 -4.96 -59.86
CA SER A 132 1.42 -6.00 -58.84
C SER A 132 2.84 -6.53 -58.79
N GLY A 133 3.23 -7.06 -57.63
CA GLY A 133 4.55 -7.61 -57.45
C GLY A 133 4.64 -9.10 -57.78
N GLU A 134 5.84 -9.66 -57.52
CA GLU A 134 6.14 -11.09 -57.66
C GLU A 134 5.84 -11.81 -56.35
N PRO A 135 5.18 -12.97 -56.41
CA PRO A 135 4.79 -13.68 -55.19
C PRO A 135 5.93 -14.37 -54.46
N GLY A 136 7.16 -14.39 -54.98
CA GLY A 136 8.19 -15.22 -54.37
C GLY A 136 9.44 -14.68 -53.70
N ALA A 137 9.60 -13.37 -53.48
CA ALA A 137 10.83 -12.88 -52.86
C ALA A 137 10.88 -13.30 -51.39
N PRO A 138 12.05 -13.78 -50.90
CA PRO A 138 12.15 -14.10 -49.46
C PRO A 138 11.72 -12.95 -48.57
N TRP A 139 10.61 -13.16 -47.89
CA TRP A 139 10.05 -12.16 -46.96
C TRP A 139 9.68 -12.95 -45.72
N PRO A 140 10.38 -12.77 -44.59
CA PRO A 140 11.31 -11.71 -44.19
C PRO A 140 12.65 -11.76 -44.90
N PRO A 141 13.21 -10.60 -45.23
CA PRO A 141 14.54 -10.56 -45.83
C PRO A 141 15.58 -11.24 -44.95
N ALA A 142 16.62 -11.75 -45.59
CA ALA A 142 17.70 -12.41 -44.88
C ALA A 142 18.38 -11.43 -43.93
N GLY A 143 18.64 -11.89 -42.71
CA GLY A 143 19.41 -11.10 -41.75
C GLY A 143 18.63 -10.08 -40.97
N ALA A 144 17.31 -10.13 -41.01
CA ALA A 144 16.49 -9.22 -40.20
C ALA A 144 16.37 -9.76 -38.79
N GLU A 145 16.48 -8.86 -37.80
CA GLU A 145 16.42 -9.26 -36.40
C GLU A 145 14.97 -9.41 -35.95
N PRO A 146 14.59 -10.57 -35.40
CA PRO A 146 13.24 -10.68 -34.82
C PRO A 146 13.03 -9.63 -33.73
N VAL A 147 11.80 -9.11 -33.68
CA VAL A 147 11.41 -8.10 -32.70
C VAL A 147 10.54 -8.77 -31.65
N GLU A 148 10.76 -8.38 -30.39
CA GLU A 148 10.04 -9.00 -29.27
C GLU A 148 8.59 -8.52 -29.33
N VAL A 149 7.69 -9.39 -29.82
CA VAL A 149 6.28 -9.06 -29.90
C VAL A 149 5.55 -9.46 -28.62
N ALA A 150 6.14 -10.33 -27.79
CA ALA A 150 5.52 -10.74 -26.54
C ALA A 150 5.13 -9.54 -25.69
N GLY A 151 3.86 -9.49 -25.31
CA GLY A 151 3.38 -8.46 -24.39
C GLY A 151 3.54 -7.04 -24.90
N LEU A 152 3.54 -6.86 -26.23
CA LEU A 152 3.71 -5.52 -26.78
C LEU A 152 2.57 -4.60 -26.34
N TYR A 153 1.34 -5.14 -26.24
CA TYR A 153 0.20 -4.29 -25.92
C TYR A 153 0.29 -3.72 -24.51
N ASP A 154 0.92 -4.45 -23.59
CA ASP A 154 1.24 -3.88 -22.30
C ASP A 154 2.31 -2.79 -22.41
N ARG A 155 3.19 -2.89 -23.41
CA ARG A 155 4.28 -1.92 -23.51
C ARG A 155 3.83 -0.62 -24.16
N PHE A 156 2.92 -0.68 -25.14
CA PHE A 156 2.30 0.54 -25.62
C PHE A 156 1.57 1.28 -24.50
N ALA A 157 0.74 0.56 -23.74
CA ALA A 157 -0.01 1.16 -22.66
C ALA A 157 0.88 1.97 -21.73
N ASP A 158 2.02 1.40 -21.32
CA ASP A 158 2.91 2.08 -20.38
C ASP A 158 3.34 3.44 -20.91
N ARG A 159 3.53 3.57 -22.21
CA ARG A 159 3.95 4.84 -22.79
C ARG A 159 2.79 5.76 -23.13
N GLY A 160 1.62 5.21 -23.44
CA GLY A 160 0.47 6.03 -23.73
C GLY A 160 -0.30 5.65 -24.98
N TYR A 161 0.07 4.53 -25.60
CA TYR A 161 -0.67 4.03 -26.76
C TYR A 161 -1.69 3.02 -26.24
N GLN A 162 -2.82 3.56 -25.79
CA GLN A 162 -3.91 2.77 -25.23
C GLN A 162 -4.75 2.19 -26.36
N TYR A 163 -4.48 0.93 -26.71
CA TYR A 163 -5.07 0.26 -27.84
C TYR A 163 -6.03 -0.82 -27.37
N GLY A 164 -7.27 -0.76 -27.84
CA GLY A 164 -8.27 -1.73 -27.44
C GLY A 164 -8.16 -2.99 -28.26
N PRO A 165 -9.08 -3.93 -28.00
CA PRO A 165 -9.06 -5.22 -28.71
C PRO A 165 -9.06 -5.09 -30.23
N SER A 166 -9.53 -3.98 -30.80
CA SER A 166 -9.67 -3.90 -32.25
C SER A 166 -8.39 -3.53 -32.98
N PHE A 167 -7.42 -2.88 -32.33
CA PHE A 167 -6.21 -2.50 -33.05
C PHE A 167 -4.99 -3.35 -32.71
N ARG A 168 -5.04 -4.19 -31.68
CA ARG A 168 -3.88 -4.96 -31.25
C ARG A 168 -3.65 -6.15 -32.17
N GLY A 169 -3.11 -5.87 -33.35
CA GLY A 169 -2.92 -6.92 -34.34
C GLY A 169 -1.53 -7.09 -34.90
N VAL A 170 -0.52 -6.50 -34.28
CA VAL A 170 0.86 -6.70 -34.72
C VAL A 170 1.36 -8.00 -34.10
N ARG A 171 1.65 -8.99 -34.97
CA ARG A 171 1.94 -10.34 -34.50
C ARG A 171 3.38 -10.79 -34.71
N ALA A 172 4.11 -10.15 -35.62
CA ALA A 172 5.52 -10.43 -35.81
C ALA A 172 6.13 -9.22 -36.51
N ALA A 173 7.44 -9.07 -36.35
CA ALA A 173 8.14 -7.95 -36.97
C ALA A 173 9.64 -8.19 -36.85
N TRP A 174 10.39 -7.43 -37.64
CA TRP A 174 11.83 -7.58 -37.77
C TRP A 174 12.42 -6.21 -38.06
N ARG A 175 13.59 -5.93 -37.50
CA ARG A 175 14.32 -4.72 -37.80
C ARG A 175 15.52 -5.08 -38.67
N ALA A 176 15.75 -4.27 -39.70
CA ALA A 176 16.89 -4.46 -40.60
C ALA A 176 17.50 -3.10 -40.90
N GLY A 177 18.44 -2.68 -40.05
CA GLY A 177 19.12 -1.41 -40.21
C GLY A 177 18.15 -0.24 -40.30
N ASP A 178 18.19 0.46 -41.44
CA ASP A 178 17.31 1.60 -41.64
C ASP A 178 15.83 1.20 -41.59
N THR A 179 15.52 -0.06 -41.92
CA THR A 179 14.19 -0.46 -42.33
C THR A 179 13.57 -1.42 -41.31
N VAL A 180 12.25 -1.57 -41.39
CA VAL A 180 11.49 -2.46 -40.50
C VAL A 180 10.45 -3.23 -41.33
N TYR A 181 10.38 -4.54 -41.10
CA TYR A 181 9.39 -5.41 -41.74
C TYR A 181 8.45 -5.96 -40.66
N ALA A 182 7.15 -6.01 -40.96
CA ALA A 182 6.18 -6.42 -39.96
C ALA A 182 4.91 -6.98 -40.61
N GLU A 183 4.28 -7.92 -39.90
CA GLU A 183 3.00 -8.51 -40.28
C GLU A 183 1.91 -8.04 -39.33
N VAL A 184 0.77 -7.63 -39.90
CA VAL A 184 -0.38 -7.21 -39.10
C VAL A 184 -1.63 -7.94 -39.60
N ALA A 185 -2.61 -8.06 -38.71
CA ALA A 185 -3.87 -8.72 -39.01
C ALA A 185 -4.93 -8.25 -38.02
N LEU A 186 -6.14 -7.98 -38.53
CA LEU A 186 -7.23 -7.57 -37.66
C LEU A 186 -7.45 -8.64 -36.60
N PRO A 187 -7.55 -8.26 -35.32
CA PRO A 187 -7.88 -9.27 -34.30
C PRO A 187 -9.19 -10.00 -34.59
N VAL A 188 -10.24 -9.28 -34.94
CA VAL A 188 -11.53 -9.87 -35.29
C VAL A 188 -11.90 -9.49 -36.72
N PRO A 189 -12.12 -10.44 -37.62
CA PRO A 189 -12.63 -10.07 -38.94
C PRO A 189 -14.04 -9.50 -38.85
N GLN A 190 -14.36 -8.65 -39.82
CA GLN A 190 -15.64 -7.96 -39.88
C GLN A 190 -16.68 -8.74 -40.69
N PRO A 191 -17.80 -9.14 -40.09
CA PRO A 191 -18.73 -10.07 -40.75
C PRO A 191 -19.83 -9.38 -41.56
N GLY A 192 -19.93 -8.07 -41.56
CA GLY A 192 -21.03 -7.39 -42.20
C GLY A 192 -20.62 -6.98 -43.60
N SER A 193 -21.61 -6.95 -44.50
CA SER A 193 -21.38 -6.65 -45.91
C SER A 193 -21.04 -5.19 -46.17
N PRO A 194 -21.48 -4.22 -45.36
CA PRO A 194 -20.76 -2.94 -45.36
C PRO A 194 -19.41 -3.12 -44.68
N ARG A 195 -18.35 -3.20 -45.48
CA ARG A 195 -17.01 -3.47 -44.99
C ARG A 195 -16.02 -2.43 -45.51
N PHE A 196 -14.93 -2.28 -44.76
CA PHE A 196 -13.85 -1.42 -45.21
C PHE A 196 -12.94 -2.18 -46.16
N GLY A 197 -12.35 -1.47 -47.12
CA GLY A 197 -11.41 -2.10 -48.02
C GLY A 197 -10.18 -2.59 -47.27
N VAL A 198 -9.60 -1.69 -46.48
CA VAL A 198 -8.66 -2.03 -45.41
C VAL A 198 -9.15 -1.31 -44.16
N HIS A 199 -9.37 -2.06 -43.09
CA HIS A 199 -9.95 -1.45 -41.90
C HIS A 199 -9.02 -0.36 -41.41
N PRO A 200 -9.54 0.80 -40.97
CA PRO A 200 -8.68 1.79 -40.33
C PRO A 200 -7.92 1.22 -39.14
N ALA A 201 -8.39 0.11 -38.58
CA ALA A 201 -7.69 -0.58 -37.51
C ALA A 201 -6.45 -1.27 -38.03
N LEU A 202 -6.56 -1.91 -39.20
CA LEU A 202 -5.44 -2.63 -39.77
C LEU A 202 -4.37 -1.68 -40.29
N LEU A 203 -4.78 -0.54 -40.84
CA LEU A 203 -3.80 0.46 -41.26
C LEU A 203 -3.07 1.05 -40.05
N ASP A 204 -3.82 1.39 -38.99
CA ASP A 204 -3.17 1.92 -37.80
C ASP A 204 -2.21 0.90 -37.21
N ALA A 205 -2.60 -0.38 -37.23
CA ALA A 205 -1.67 -1.44 -36.84
C ALA A 205 -0.39 -1.38 -37.65
N ALA A 206 -0.50 -1.10 -38.96
CA ALA A 206 0.69 -0.83 -39.76
C ALA A 206 1.43 0.40 -39.24
N PHE A 207 0.69 1.48 -38.96
CA PHE A 207 1.30 2.69 -38.40
C PHE A 207 2.00 2.39 -37.08
N GLN A 208 1.47 1.47 -36.29
CA GLN A 208 2.09 1.12 -35.01
C GLN A 208 3.53 0.67 -35.21
N ALA A 209 3.81 0.00 -36.34
CA ALA A 209 5.11 -0.58 -36.60
C ALA A 209 6.21 0.46 -36.81
N MET A 210 5.87 1.74 -36.93
CA MET A 210 6.91 2.77 -36.93
C MET A 210 7.63 2.81 -35.59
N SER A 211 6.85 2.83 -34.50
CA SER A 211 7.41 2.84 -33.15
C SER A 211 8.07 1.53 -32.77
N LEU A 212 8.05 0.53 -33.65
CA LEU A 212 8.74 -0.73 -33.39
C LEU A 212 10.20 -0.67 -33.81
N GLY A 213 10.58 0.33 -34.61
CA GLY A 213 11.94 0.54 -35.00
C GLY A 213 12.57 1.72 -34.29
N ALA A 214 13.67 2.21 -34.85
CA ALA A 214 14.38 3.37 -34.32
C ALA A 214 14.24 4.57 -35.24
N PHE A 215 13.05 4.76 -35.82
CA PHE A 215 12.83 5.88 -36.73
C PHE A 215 12.71 7.21 -35.99
N PHE A 216 12.35 7.18 -34.71
CA PHE A 216 11.99 8.35 -33.96
C PHE A 216 13.07 8.68 -32.94
N PRO A 217 13.21 9.95 -32.55
CA PRO A 217 14.20 10.32 -31.53
C PRO A 217 13.90 9.63 -30.20
N GLU A 218 14.97 9.42 -29.42
CA GLU A 218 14.82 8.86 -28.07
C GLU A 218 14.44 9.98 -27.10
N ASP A 219 13.23 10.51 -27.30
CA ASP A 219 12.70 11.54 -26.43
C ASP A 219 11.48 11.05 -25.67
N GLY A 220 11.20 9.75 -25.73
CA GLY A 220 10.17 9.10 -24.94
C GLY A 220 8.80 9.74 -24.95
N GLN A 221 8.50 10.53 -25.96
CA GLN A 221 7.19 11.15 -26.08
C GLN A 221 6.42 10.55 -27.24
N VAL A 222 5.10 10.73 -27.19
CA VAL A 222 4.15 10.04 -28.05
C VAL A 222 3.95 10.82 -29.35
N ARG A 223 3.83 10.09 -30.46
CA ARG A 223 3.79 10.66 -31.79
C ARG A 223 2.63 10.07 -32.58
N MET A 224 1.89 10.93 -33.27
CA MET A 224 0.76 10.56 -34.12
C MET A 224 1.06 10.95 -35.55
N PRO A 225 0.39 10.35 -36.54
CA PRO A 225 0.49 10.87 -37.92
C PRO A 225 0.01 12.31 -38.01
N PHE A 226 0.78 13.12 -38.74
CA PHE A 226 0.50 14.54 -38.93
C PHE A 226 0.33 14.95 -40.38
N ALA A 227 1.07 14.33 -41.29
CA ALA A 227 1.00 14.72 -42.70
C ALA A 227 1.50 13.54 -43.54
N LEU A 228 0.72 13.20 -44.57
CA LEU A 228 1.00 12.04 -45.41
C LEU A 228 1.04 12.50 -46.86
N ARG A 229 2.14 12.18 -47.56
CA ARG A 229 2.32 12.62 -48.94
C ARG A 229 2.56 11.43 -49.85
N GLY A 230 1.84 11.40 -50.98
CA GLY A 230 2.03 10.43 -52.05
C GLY A 230 1.45 9.05 -51.77
N VAL A 231 0.15 9.00 -51.47
CA VAL A 231 -0.51 7.76 -51.04
C VAL A 231 -1.36 7.24 -52.19
N SER A 232 -0.97 6.10 -52.74
CA SER A 232 -1.74 5.40 -53.77
C SER A 232 -2.17 4.04 -53.23
N SER A 233 -3.44 3.72 -53.36
CA SER A 233 -3.95 2.38 -53.06
C SER A 233 -4.40 1.73 -54.36
N SER A 234 -4.00 0.47 -54.56
CA SER A 234 -4.35 -0.26 -55.77
C SER A 234 -5.36 -1.38 -55.49
N GLY A 235 -5.03 -2.33 -54.64
CA GLY A 235 -5.90 -3.48 -54.50
C GLY A 235 -7.15 -3.14 -53.71
N VAL A 236 -7.85 -4.22 -53.34
CA VAL A 236 -9.16 -4.16 -52.70
C VAL A 236 -9.35 -5.45 -51.91
N GLY A 237 -9.83 -5.35 -50.67
CA GLY A 237 -10.11 -6.55 -49.91
C GLY A 237 -8.90 -7.22 -49.29
N ALA A 238 -8.27 -6.56 -48.32
CA ALA A 238 -7.07 -7.06 -47.67
C ALA A 238 -7.24 -6.90 -46.16
N ASP A 239 -7.38 -8.03 -45.47
CA ASP A 239 -7.50 -8.04 -44.01
C ASP A 239 -6.21 -8.41 -43.29
N ARG A 240 -5.24 -9.00 -43.99
CA ARG A 240 -3.94 -9.34 -43.44
C ARG A 240 -2.87 -8.77 -44.37
N LEU A 241 -1.85 -8.14 -43.80
CA LEU A 241 -0.86 -7.44 -44.61
C LEU A 241 0.57 -7.75 -44.17
N ARG A 242 1.49 -7.51 -45.10
CA ARG A 242 2.93 -7.61 -44.87
C ARG A 242 3.54 -6.26 -45.21
N VAL A 243 4.12 -5.60 -44.20
CA VAL A 243 4.46 -4.18 -44.26
C VAL A 243 5.97 -4.02 -44.31
N THR A 244 6.44 -3.16 -45.23
CA THR A 244 7.83 -2.75 -45.30
C THR A 244 7.93 -1.25 -45.05
N ILE A 245 8.80 -0.85 -44.12
CA ILE A 245 8.98 0.56 -43.78
C ILE A 245 10.46 0.90 -43.86
N SER A 246 10.80 1.85 -44.72
CA SER A 246 12.13 2.41 -44.86
C SER A 246 12.07 3.91 -44.59
N PRO A 247 13.17 4.54 -44.18
CA PRO A 247 13.17 6.00 -44.08
C PRO A 247 13.25 6.62 -45.47
N ALA A 248 12.29 7.47 -45.79
CA ALA A 248 12.34 8.19 -47.07
C ALA A 248 13.42 9.25 -47.02
N GLY A 249 13.27 10.21 -46.12
CA GLY A 249 14.23 11.26 -45.89
C GLY A 249 14.87 11.15 -44.53
N ALA A 250 15.37 12.28 -44.04
CA ALA A 250 15.95 12.30 -42.70
C ALA A 250 14.86 12.25 -41.65
N GLU A 251 13.79 13.03 -41.83
CA GLU A 251 12.68 13.09 -40.89
C GLU A 251 11.39 12.49 -41.43
N ALA A 252 11.48 11.72 -42.52
CA ALA A 252 10.30 11.14 -43.15
C ALA A 252 10.55 9.68 -43.50
N VAL A 253 9.49 8.88 -43.44
CA VAL A 253 9.60 7.44 -43.72
C VAL A 253 8.63 7.09 -44.84
N ARG A 254 8.95 6.02 -45.55
CA ARG A 254 8.13 5.50 -46.64
C ARG A 254 7.60 4.13 -46.23
N ILE A 255 6.29 3.92 -46.40
CA ILE A 255 5.63 2.70 -45.97
C ILE A 255 5.07 1.98 -47.19
N ALA A 256 5.41 0.70 -47.33
CA ALA A 256 4.91 -0.14 -48.41
C ALA A 256 4.45 -1.47 -47.81
N CYS A 257 3.15 -1.73 -47.88
CA CYS A 257 2.58 -2.96 -47.34
C CYS A 257 1.94 -3.74 -48.47
N VAL A 258 2.04 -5.05 -48.40
CA VAL A 258 1.50 -5.96 -49.41
C VAL A 258 0.58 -6.95 -48.72
N ASP A 259 -0.08 -7.78 -49.53
CA ASP A 259 -0.87 -8.86 -48.96
C ASP A 259 0.02 -10.08 -48.77
N GLU A 260 -0.57 -11.18 -48.31
CA GLU A 260 0.20 -12.40 -48.11
C GLU A 260 0.78 -12.92 -49.42
N ARG A 261 0.22 -12.51 -50.56
CA ARG A 261 0.63 -13.02 -51.86
C ARG A 261 1.60 -12.08 -52.58
N GLY A 262 1.90 -10.93 -51.99
CA GLY A 262 2.81 -9.96 -52.57
C GLY A 262 2.16 -8.88 -53.39
N ASN A 263 0.84 -8.89 -53.50
CA ASN A 263 0.12 -7.86 -54.25
C ASN A 263 0.16 -6.54 -53.50
N PRO A 264 0.71 -5.47 -54.06
CA PRO A 264 0.70 -4.17 -53.37
C PRO A 264 -0.72 -3.69 -53.11
N VAL A 265 -1.03 -3.49 -51.83
CA VAL A 265 -2.35 -3.02 -51.42
C VAL A 265 -2.38 -1.50 -51.31
N VAL A 266 -1.45 -0.93 -50.53
CA VAL A 266 -1.31 0.52 -50.44
C VAL A 266 0.17 0.82 -50.24
N VAL A 267 0.58 2.01 -50.70
CA VAL A 267 1.96 2.49 -50.55
C VAL A 267 1.90 3.96 -50.18
N ILE A 268 2.66 4.35 -49.16
CA ILE A 268 2.76 5.73 -48.73
C ILE A 268 4.15 6.22 -49.10
N ASP A 269 4.21 7.17 -50.04
CA ASP A 269 5.52 7.67 -50.46
C ASP A 269 6.24 8.39 -49.33
N SER A 270 5.51 9.01 -48.40
CA SER A 270 6.15 9.66 -47.27
C SER A 270 5.12 9.94 -46.17
N LEU A 271 5.44 9.53 -44.94
CA LEU A 271 4.68 9.87 -43.76
C LEU A 271 5.59 10.58 -42.78
N VAL A 272 5.08 11.66 -42.18
CA VAL A 272 5.80 12.41 -41.15
C VAL A 272 4.94 12.45 -39.90
N ALA A 273 5.49 11.97 -38.79
CA ALA A 273 4.83 12.03 -37.50
C ALA A 273 5.37 13.20 -36.68
N ARG A 274 4.53 13.70 -35.77
CA ARG A 274 4.86 14.82 -34.91
C ARG A 274 4.28 14.60 -33.52
N ALA A 275 5.07 14.91 -32.50
CA ALA A 275 4.67 14.70 -31.12
C ALA A 275 3.29 15.29 -30.85
N VAL A 276 2.61 14.71 -29.87
CA VAL A 276 1.21 15.02 -29.60
C VAL A 276 1.17 16.20 -28.63
N PRO A 277 0.62 17.35 -29.02
CA PRO A 277 0.36 18.40 -28.04
C PRO A 277 -0.54 17.89 -26.94
N VAL A 278 -0.10 18.06 -25.69
CA VAL A 278 -0.97 17.81 -24.54
C VAL A 278 -2.27 18.58 -24.69
N GLU A 279 -2.20 19.76 -25.32
CA GLU A 279 -3.36 20.61 -25.55
C GLU A 279 -4.48 19.86 -26.26
N ALA A 280 -4.14 18.87 -27.08
CA ALA A 280 -5.04 18.35 -28.10
C ALA A 280 -5.95 17.24 -27.57
N LEU A 281 -6.26 17.25 -26.28
CA LEU A 281 -7.00 16.16 -25.67
C LEU A 281 -8.19 16.71 -24.89
N THR A 282 -9.23 15.89 -24.78
CA THR A 282 -10.45 16.16 -24.02
C THR A 282 -10.82 14.77 -23.50
N PRO A 283 -11.34 14.64 -22.28
CA PRO A 283 -11.36 13.32 -21.63
C PRO A 283 -12.29 12.34 -22.34
N GLY A 284 -11.74 11.18 -22.68
CA GLY A 284 -12.53 10.09 -23.19
C GLY A 284 -12.85 9.05 -22.14
N THR A 285 -12.05 9.04 -21.07
CA THR A 285 -12.18 8.14 -19.92
C THR A 285 -12.15 6.68 -20.37
N PRO A 286 -11.21 6.23 -21.26
CA PRO A 286 -11.20 4.78 -21.58
C PRO A 286 -10.72 3.93 -20.43
N GLY A 287 -9.43 4.02 -20.11
CA GLY A 287 -8.83 3.39 -18.97
C GLY A 287 -8.01 4.49 -18.34
N ILE A 288 -8.47 4.99 -17.21
CA ILE A 288 -7.96 6.21 -16.59
C ILE A 288 -6.44 6.18 -16.43
N PRO A 289 -5.70 6.97 -17.22
CA PRO A 289 -4.26 7.07 -17.01
C PRO A 289 -3.93 8.17 -16.00
N GLY A 290 -4.90 9.08 -15.83
CA GLY A 290 -4.89 10.10 -14.80
C GLY A 290 -6.26 10.68 -14.57
N ALA A 291 -6.74 10.69 -13.32
CA ALA A 291 -7.95 11.43 -12.96
C ALA A 291 -9.19 11.02 -13.75
N GLY A 292 -9.79 9.86 -13.45
CA GLY A 292 -10.97 9.45 -14.17
C GLY A 292 -12.05 10.48 -14.37
N ASP A 293 -12.63 10.96 -13.28
CA ASP A 293 -13.62 12.01 -13.37
C ASP A 293 -13.17 13.20 -12.53
N GLY A 294 -11.90 13.28 -12.21
CA GLY A 294 -11.64 14.39 -11.33
C GLY A 294 -11.45 13.93 -9.91
N ALA A 295 -10.64 14.67 -9.16
CA ALA A 295 -10.32 14.23 -7.81
C ALA A 295 -10.05 15.44 -6.94
N LEU A 296 -10.02 15.21 -5.63
CA LEU A 296 -9.85 16.27 -4.66
C LEU A 296 -8.40 16.25 -4.19
N HIS A 297 -7.65 17.28 -4.55
CA HIS A 297 -6.23 17.38 -4.25
C HIS A 297 -5.98 18.49 -3.24
N HIS A 298 -4.91 18.34 -2.46
CA HIS A 298 -4.44 19.39 -1.58
C HIS A 298 -2.92 19.46 -1.62
N VAL A 299 -2.38 20.66 -1.47
CA VAL A 299 -0.94 20.85 -1.41
C VAL A 299 -0.42 20.28 -0.10
N ALA A 300 0.77 19.70 -0.15
CA ALA A 300 1.40 19.08 1.02
C ALA A 300 2.81 19.62 1.14
N TRP A 301 3.06 20.36 2.21
CA TRP A 301 4.40 20.85 2.50
C TRP A 301 5.18 19.76 3.22
N THR A 302 6.22 19.27 2.57
CA THR A 302 6.95 18.11 3.04
C THR A 302 8.39 18.52 3.28
N ALA A 303 8.91 18.14 4.45
CA ALA A 303 10.13 18.76 4.93
C ALA A 303 11.33 18.05 4.35
N ARG A 304 12.35 18.82 4.06
CA ARG A 304 13.48 18.22 3.41
C ARG A 304 14.40 17.58 4.47
N PRO A 305 15.17 16.56 4.11
CA PRO A 305 16.16 16.04 5.05
C PRO A 305 17.25 17.07 5.27
N GLU A 306 17.78 17.08 6.48
CA GLU A 306 18.78 18.09 6.77
C GLU A 306 19.97 17.87 5.84
N PRO A 307 20.44 18.90 5.14
CA PRO A 307 21.49 18.69 4.14
C PRO A 307 22.78 18.24 4.79
N GLY A 308 23.40 17.23 4.17
CA GLY A 308 24.60 16.63 4.72
C GLY A 308 25.81 17.52 4.76
N VAL A 309 25.71 18.76 4.29
CA VAL A 309 26.88 19.62 4.12
C VAL A 309 26.41 21.06 3.99
N ALA A 310 27.27 21.99 4.39
CA ALA A 310 26.91 23.41 4.35
C ALA A 310 26.81 23.87 2.90
N ALA A 311 25.74 24.61 2.60
CA ALA A 311 25.50 25.13 1.26
C ALA A 311 25.67 26.65 1.28
N VAL A 312 26.07 27.22 0.14
CA VAL A 312 26.40 28.64 0.06
C VAL A 312 26.03 29.16 -1.33
N GLN A 313 25.70 30.45 -1.38
CA GLN A 313 25.55 31.21 -2.61
C GLN A 313 26.16 32.59 -2.36
N ARG A 314 26.31 33.38 -3.41
CA ARG A 314 26.60 34.80 -3.23
C ARG A 314 25.26 35.52 -3.08
N TRP A 315 25.11 36.30 -2.02
CA TRP A 315 23.85 36.95 -1.68
C TRP A 315 23.98 38.46 -1.69
N ALA A 316 22.94 39.12 -2.18
CA ALA A 316 22.81 40.57 -2.13
C ALA A 316 21.44 40.91 -1.59
N VAL A 317 21.39 41.54 -0.42
CA VAL A 317 20.14 41.93 0.20
C VAL A 317 19.79 43.33 -0.27
N VAL A 318 18.62 43.48 -0.86
CA VAL A 318 18.19 44.74 -1.43
C VAL A 318 16.92 45.18 -0.72
N GLY A 319 17.06 46.17 0.16
CA GLY A 319 15.90 46.80 0.79
C GLY A 319 15.84 46.55 2.29
N ALA A 320 14.62 46.45 2.82
CA ALA A 320 14.38 46.52 4.26
C ALA A 320 14.98 45.29 4.96
N ALA A 321 16.17 45.45 5.52
CA ALA A 321 16.85 44.36 6.22
C ALA A 321 16.15 44.02 7.53
N ASP A 322 15.22 43.06 7.49
CA ASP A 322 14.65 42.55 8.73
C ASP A 322 15.80 42.25 9.71
N PRO A 323 15.69 42.69 10.97
CA PRO A 323 16.74 42.36 11.94
C PRO A 323 16.78 40.87 12.19
N GLY A 324 17.97 40.30 12.04
CA GLY A 324 18.19 38.88 12.18
C GLY A 324 18.35 38.13 10.88
N LEU A 325 17.91 38.72 9.75
CA LEU A 325 18.00 38.05 8.46
C LEU A 325 19.42 37.99 7.95
N ALA A 326 20.07 39.16 7.82
CA ALA A 326 21.43 39.21 7.31
C ALA A 326 22.37 38.29 8.10
N GLY A 327 22.14 38.19 9.42
CA GLY A 327 22.97 37.31 10.22
C GLY A 327 22.94 35.88 9.76
N GLY A 328 21.76 35.41 9.31
CA GLY A 328 21.66 34.04 8.84
C GLY A 328 22.38 33.83 7.53
N LEU A 329 22.25 34.78 6.60
CA LEU A 329 22.91 34.66 5.31
C LEU A 329 24.43 34.75 5.47
N ASP A 330 24.90 35.63 6.35
CA ASP A 330 26.33 35.84 6.51
C ASP A 330 27.03 34.73 7.30
N ARG A 331 26.29 33.93 8.08
CA ARG A 331 26.92 32.80 8.75
C ARG A 331 27.67 31.92 7.77
N ALA A 332 26.97 31.45 6.73
CA ALA A 332 27.58 30.59 5.73
C ALA A 332 28.61 31.30 4.87
N GLY A 333 28.73 32.62 5.00
CA GLY A 333 29.68 33.35 4.19
C GLY A 333 29.20 33.63 2.79
N GLY A 334 27.93 34.00 2.65
CA GLY A 334 27.39 34.22 1.33
C GLY A 334 26.85 35.61 1.14
N LEU A 335 27.03 36.46 2.15
CA LEU A 335 26.47 37.80 2.13
C LEU A 335 27.51 38.72 1.49
N CYS A 336 27.20 39.23 0.30
CA CYS A 336 28.13 40.06 -0.45
C CYS A 336 27.83 41.55 -0.33
N GLY A 337 26.59 41.92 -0.03
CA GLY A 337 26.25 43.32 0.04
C GLY A 337 24.86 43.60 0.53
N ALA A 338 24.72 44.70 1.26
CA ALA A 338 23.43 45.25 1.63
C ALA A 338 23.22 46.52 0.84
N TYR A 339 21.99 46.75 0.39
CA TYR A 339 21.69 47.86 -0.51
C TYR A 339 20.31 48.38 -0.16
N PRO A 340 20.02 49.65 -0.48
CA PRO A 340 18.69 50.19 -0.19
C PRO A 340 17.65 49.86 -1.24
N ASP A 341 18.08 49.74 -2.50
CA ASP A 341 17.16 49.47 -3.60
C ASP A 341 17.95 48.88 -4.76
N LEU A 342 17.22 48.47 -5.80
CA LEU A 342 17.87 47.87 -6.96
C LEU A 342 18.81 48.85 -7.65
N ALA A 343 18.37 50.10 -7.80
CA ALA A 343 19.18 51.11 -8.48
C ALA A 343 20.59 51.20 -7.87
N ALA A 344 20.69 51.08 -6.55
CA ALA A 344 21.99 51.17 -5.91
C ALA A 344 22.83 49.93 -6.17
N LEU A 345 22.20 48.75 -6.18
CA LEU A 345 22.92 47.52 -6.50
C LEU A 345 23.50 47.57 -7.91
N VAL A 346 22.68 47.95 -8.88
CA VAL A 346 23.12 48.01 -10.28
C VAL A 346 24.39 48.86 -10.40
N ALA A 347 24.44 49.97 -9.68
CA ALA A 347 25.60 50.86 -9.78
C ALA A 347 26.82 50.28 -9.08
N ALA A 348 26.63 49.73 -7.88
CA ALA A 348 27.76 49.16 -7.14
C ALA A 348 28.47 48.08 -7.94
N VAL A 349 27.70 47.25 -8.65
CA VAL A 349 28.30 46.12 -9.35
C VAL A 349 28.99 46.57 -10.63
N ALA A 350 28.42 47.56 -11.33
CA ALA A 350 29.14 48.17 -12.45
C ALA A 350 30.41 48.86 -11.97
N GLU A 351 30.41 49.36 -10.74
CA GLU A 351 31.59 49.95 -10.10
C GLU A 351 32.51 48.91 -9.47
N GLY A 352 32.30 47.62 -9.76
CA GLY A 352 33.21 46.59 -9.33
C GLY A 352 32.82 45.80 -8.11
N ALA A 353 31.58 45.88 -7.64
CA ALA A 353 31.14 45.07 -6.53
C ALA A 353 31.06 43.60 -6.96
N ALA A 354 30.68 42.73 -6.03
CA ALA A 354 30.57 41.32 -6.32
C ALA A 354 29.29 41.03 -7.09
N LEU A 355 29.40 40.24 -8.14
CA LEU A 355 28.22 39.74 -8.83
C LEU A 355 27.54 38.69 -7.97
N PRO A 356 26.33 38.93 -7.48
CA PRO A 356 25.70 37.97 -6.58
C PRO A 356 24.98 36.86 -7.32
N ASP A 357 24.98 35.68 -6.69
CA ASP A 357 24.19 34.57 -7.21
C ASP A 357 22.71 34.81 -6.97
N VAL A 358 22.36 35.53 -5.91
CA VAL A 358 20.99 35.69 -5.47
C VAL A 358 20.80 37.11 -4.96
N VAL A 359 19.78 37.79 -5.46
CA VAL A 359 19.37 39.09 -4.96
C VAL A 359 18.07 38.91 -4.18
N ALA A 360 18.12 39.17 -2.87
CA ALA A 360 16.99 38.93 -1.99
C ALA A 360 16.20 40.22 -1.79
N VAL A 361 14.87 40.08 -1.79
CA VAL A 361 13.95 41.20 -1.62
C VAL A 361 13.07 40.90 -0.41
N PRO A 362 13.39 41.49 0.73
CA PRO A 362 12.59 41.25 1.94
C PRO A 362 11.22 41.90 1.89
N VAL A 363 10.18 41.07 1.81
CA VAL A 363 8.80 41.58 1.89
C VAL A 363 8.42 41.76 3.36
N PRO A 364 7.92 42.93 3.76
CA PRO A 364 7.58 43.15 5.17
C PRO A 364 6.20 42.67 5.52
N SER A 365 6.10 42.06 6.70
CA SER A 365 4.82 41.66 7.28
C SER A 365 4.15 42.89 7.90
N GLY A 366 3.05 42.66 8.61
CA GLY A 366 2.36 43.72 9.32
C GLY A 366 1.42 44.57 8.50
N ALA A 367 1.34 44.34 7.19
CA ALA A 367 0.38 45.08 6.38
C ALA A 367 -1.04 44.79 6.89
N PRO A 368 -1.89 45.80 7.00
CA PRO A 368 -3.29 45.54 7.34
C PRO A 368 -3.95 44.66 6.28
N VAL A 369 -4.80 43.75 6.72
CA VAL A 369 -5.43 42.80 5.80
C VAL A 369 -6.63 43.52 5.20
N GLY A 370 -6.37 44.27 4.13
CA GLY A 370 -7.39 45.05 3.48
C GLY A 370 -7.07 45.29 2.02
N PRO A 371 -8.04 45.81 1.29
CA PRO A 371 -7.83 46.02 -0.15
C PRO A 371 -6.71 47.00 -0.45
N ASP A 372 -6.55 48.03 0.38
CA ASP A 372 -5.61 49.11 0.08
C ASP A 372 -4.16 48.61 0.04
N ALA A 373 -3.78 47.79 1.01
CA ALA A 373 -2.40 47.32 1.08
C ALA A 373 -2.08 46.23 0.06
N VAL A 374 -3.09 45.51 -0.43
CA VAL A 374 -2.86 44.50 -1.46
C VAL A 374 -2.42 45.16 -2.77
N ARG A 375 -3.18 46.15 -3.25
CA ARG A 375 -2.78 46.88 -4.45
C ARG A 375 -1.34 47.37 -4.33
N ALA A 376 -1.01 47.96 -3.18
CA ALA A 376 0.35 48.43 -2.94
C ALA A 376 1.36 47.30 -3.07
N THR A 377 1.12 46.19 -2.35
CA THR A 377 2.06 45.07 -2.37
C THR A 377 2.23 44.52 -3.77
N VAL A 378 1.14 44.42 -4.53
CA VAL A 378 1.20 43.87 -5.88
C VAL A 378 1.90 44.84 -6.82
N LEU A 379 1.39 46.07 -6.89
CA LEU A 379 1.92 47.07 -7.82
C LEU A 379 3.39 47.36 -7.55
N GLY A 380 3.82 47.26 -6.29
CA GLY A 380 5.24 47.42 -5.99
C GLY A 380 6.08 46.26 -6.51
N ALA A 381 5.62 45.03 -6.29
CA ALA A 381 6.30 43.87 -6.85
C ALA A 381 6.29 43.91 -8.38
N LEU A 382 5.15 44.33 -8.95
CA LEU A 382 5.04 44.44 -10.40
C LEU A 382 6.07 45.41 -10.95
N ASP A 383 6.15 46.60 -10.36
CA ASP A 383 7.17 47.58 -10.75
C ASP A 383 8.57 47.01 -10.59
N LEU A 384 8.82 46.28 -9.51
CA LEU A 384 10.15 45.74 -9.26
C LEU A 384 10.53 44.70 -10.30
N ILE A 385 9.64 43.74 -10.55
CA ILE A 385 9.91 42.70 -11.56
C ILE A 385 10.24 43.35 -12.90
N ARG A 386 9.43 44.33 -13.33
CA ARG A 386 9.72 45.02 -14.57
C ARG A 386 11.08 45.70 -14.52
N ALA A 387 11.48 46.23 -13.37
CA ALA A 387 12.80 46.81 -13.23
C ALA A 387 13.89 45.76 -13.38
N TRP A 388 13.66 44.56 -12.85
CA TRP A 388 14.69 43.52 -12.86
C TRP A 388 14.91 42.95 -14.25
N LEU A 389 13.84 42.79 -15.03
CA LEU A 389 13.98 42.27 -16.38
C LEU A 389 14.70 43.25 -17.29
N ALA A 390 14.57 44.55 -17.02
CA ALA A 390 15.30 45.55 -17.78
C ALA A 390 16.76 45.67 -17.34
N VAL A 391 17.15 45.00 -16.26
CA VAL A 391 18.54 45.00 -15.83
C VAL A 391 19.40 44.35 -16.91
N GLU A 392 20.44 45.06 -17.33
CA GLU A 392 21.39 44.54 -18.31
C GLU A 392 22.62 44.00 -17.60
N GLY A 393 23.35 43.14 -18.30
CA GLY A 393 24.58 42.61 -17.76
C GLY A 393 24.40 41.31 -17.01
N ARG A 394 25.52 40.84 -16.44
CA ARG A 394 25.54 39.58 -15.73
C ARG A 394 24.69 39.60 -14.47
N LEU A 395 24.41 40.79 -13.94
CA LEU A 395 23.60 40.89 -12.72
C LEU A 395 22.22 40.30 -12.94
N GLY A 396 21.68 40.42 -14.16
CA GLY A 396 20.36 39.88 -14.44
C GLY A 396 20.27 38.37 -14.30
N LEU A 397 21.37 37.67 -14.58
CA LEU A 397 21.36 36.21 -14.51
C LEU A 397 21.10 35.71 -13.09
N ALA A 398 21.24 36.58 -12.09
CA ALA A 398 21.00 36.22 -10.71
C ALA A 398 19.53 35.89 -10.47
N ARG A 399 19.29 35.00 -9.51
CA ARG A 399 17.95 34.70 -9.05
C ARG A 399 17.41 35.81 -8.17
N LEU A 400 16.15 36.17 -8.42
CA LEU A 400 15.48 37.21 -7.65
C LEU A 400 14.66 36.49 -6.59
N ALA A 401 15.10 36.57 -5.35
CA ALA A 401 14.47 35.86 -4.25
C ALA A 401 13.54 36.81 -3.50
N PHE A 402 12.24 36.54 -3.56
CA PHE A 402 11.28 37.17 -2.68
C PHE A 402 11.22 36.36 -1.40
N VAL A 403 11.47 37.00 -0.28
CA VAL A 403 11.54 36.33 1.01
C VAL A 403 10.43 36.91 1.87
N THR A 404 9.33 36.16 1.98
CA THR A 404 8.16 36.61 2.73
C THR A 404 8.13 35.98 4.11
N THR A 405 7.20 36.45 4.93
CA THR A 405 7.06 35.99 6.31
C THR A 405 5.64 35.45 6.51
N SER A 406 5.53 34.15 6.72
CA SER A 406 4.26 33.46 6.96
C SER A 406 3.22 33.81 5.89
N ALA A 407 3.62 33.65 4.63
CA ALA A 407 2.70 33.86 3.51
C ALA A 407 1.98 32.58 3.08
N VAL A 408 2.25 31.45 3.72
CA VAL A 408 1.63 30.18 3.38
C VAL A 408 1.34 29.42 4.67
N ALA A 409 0.60 28.32 4.54
CA ALA A 409 0.27 27.44 5.65
C ALA A 409 1.03 26.14 5.45
N VAL A 410 2.12 25.97 6.20
CA VAL A 410 2.96 24.79 6.03
C VAL A 410 2.31 23.56 6.64
N GLY A 411 1.90 23.65 7.90
CA GLY A 411 1.37 22.50 8.64
C GLY A 411 -0.14 22.48 8.66
N ASP A 412 -0.70 21.27 8.59
CA ASP A 412 -2.15 21.09 8.68
C ASP A 412 -2.59 21.31 10.13
N GLY A 413 -2.61 22.56 10.52
CA GLY A 413 -3.02 22.96 11.85
C GLY A 413 -3.70 24.30 11.75
N THR A 414 -3.62 25.08 12.81
CA THR A 414 -4.18 26.43 12.84
C THR A 414 -3.13 27.48 12.50
N GLU A 415 -2.16 27.14 11.66
CA GLU A 415 -1.06 28.04 11.36
C GLU A 415 -1.58 29.39 10.84
N HIS A 416 -1.17 30.46 11.51
CA HIS A 416 -1.51 31.80 11.04
C HIS A 416 -0.73 32.16 9.77
N VAL A 417 -1.29 33.12 9.04
CA VAL A 417 -0.84 33.47 7.69
C VAL A 417 -1.06 34.96 7.49
N ASP A 418 -0.32 35.53 6.55
CA ASP A 418 -0.45 36.92 6.13
C ASP A 418 -1.04 36.95 4.73
N PRO A 419 -2.35 37.13 4.58
CA PRO A 419 -2.94 37.10 3.23
C PRO A 419 -2.35 38.11 2.27
N VAL A 420 -1.85 39.24 2.78
CA VAL A 420 -1.31 40.29 1.92
C VAL A 420 -0.07 39.79 1.19
N SER A 421 0.88 39.21 1.93
CA SER A 421 2.09 38.69 1.30
C SER A 421 1.76 37.56 0.33
N ALA A 422 0.78 36.73 0.67
CA ALA A 422 0.38 35.65 -0.22
C ALA A 422 -0.22 36.16 -1.52
N ALA A 423 -0.59 37.45 -1.58
CA ALA A 423 -1.00 38.04 -2.85
C ALA A 423 0.21 38.32 -3.72
N LEU A 424 1.30 38.82 -3.14
CA LEU A 424 2.57 38.87 -3.87
C LEU A 424 3.02 37.48 -4.28
N TRP A 425 2.86 36.50 -3.38
CA TRP A 425 3.27 35.13 -3.68
C TRP A 425 2.61 34.62 -4.95
N GLY A 426 1.35 34.99 -5.17
CA GLY A 426 0.60 34.59 -6.34
C GLY A 426 1.00 35.32 -7.60
N LEU A 427 1.26 36.63 -7.48
CA LEU A 427 1.76 37.40 -8.62
C LEU A 427 3.02 36.79 -9.18
N VAL A 428 4.01 36.53 -8.32
CA VAL A 428 5.25 35.92 -8.75
C VAL A 428 5.00 34.49 -9.24
N ARG A 429 4.00 33.82 -8.66
CA ARG A 429 3.64 32.48 -9.08
C ARG A 429 3.39 32.42 -10.58
N SER A 430 2.64 33.39 -11.12
CA SER A 430 2.47 33.50 -12.56
C SER A 430 3.74 33.99 -13.24
N ALA A 431 4.45 34.92 -12.61
CA ALA A 431 5.67 35.47 -13.20
C ALA A 431 6.72 34.40 -13.43
N GLN A 432 6.82 33.44 -12.50
CA GLN A 432 7.74 32.33 -12.69
C GLN A 432 7.46 31.56 -13.98
N SER A 433 6.18 31.38 -14.32
CA SER A 433 5.88 30.66 -15.56
C SER A 433 6.21 31.49 -16.80
N GLU A 434 5.92 32.80 -16.75
CA GLU A 434 6.23 33.64 -17.90
C GLU A 434 7.73 33.72 -18.14
N GLU A 435 8.50 33.89 -17.06
CA GLU A 435 9.94 34.06 -17.13
C GLU A 435 10.57 33.01 -16.22
N PRO A 436 10.76 31.79 -16.73
CA PRO A 436 11.26 30.71 -15.86
C PRO A 436 12.69 30.97 -15.39
N GLY A 437 13.01 30.39 -14.24
CA GLY A 437 14.34 30.49 -13.68
C GLY A 437 14.74 31.87 -13.18
N ARG A 438 13.84 32.84 -13.22
CA ARG A 438 14.16 34.22 -12.88
C ARG A 438 13.84 34.58 -11.44
N PHE A 439 12.82 33.96 -10.85
CA PHE A 439 12.32 34.37 -9.54
C PHE A 439 12.15 33.12 -8.67
N VAL A 440 12.25 33.32 -7.35
CA VAL A 440 11.99 32.25 -6.41
C VAL A 440 11.13 32.82 -5.28
N LEU A 441 10.42 31.93 -4.60
CA LEU A 441 9.62 32.27 -3.44
C LEU A 441 10.12 31.46 -2.27
N VAL A 442 10.41 32.11 -1.15
CA VAL A 442 10.87 31.43 0.05
C VAL A 442 10.18 32.09 1.23
N ASP A 443 9.38 31.31 1.96
CA ASP A 443 8.58 31.83 3.06
C ASP A 443 9.19 31.44 4.39
N LEU A 444 9.20 32.37 5.34
CA LEU A 444 9.83 32.18 6.63
C LEU A 444 8.83 32.40 7.75
N ASP A 445 9.03 31.65 8.84
CA ASP A 445 8.27 31.86 10.06
C ASP A 445 8.93 32.98 10.86
N ALA A 446 8.45 33.21 12.08
CA ALA A 446 9.01 34.27 12.93
C ALA A 446 10.25 33.81 13.69
N ASP A 447 10.77 32.62 13.43
CA ASP A 447 11.94 32.13 14.12
C ASP A 447 13.20 32.66 13.45
N PRO A 448 14.05 33.42 14.16
CA PRO A 448 15.32 33.85 13.56
C PRO A 448 16.19 32.69 13.09
N ALA A 449 16.00 31.49 13.67
CA ALA A 449 16.73 30.32 13.20
C ALA A 449 16.46 30.04 11.72
N SER A 450 15.25 30.37 11.25
CA SER A 450 14.90 30.09 9.87
C SER A 450 15.66 30.99 8.90
N ALA A 451 16.00 32.21 9.31
CA ALA A 451 16.86 33.06 8.48
C ALA A 451 18.20 32.38 8.18
N SER A 452 18.67 31.55 9.11
CA SER A 452 19.94 30.86 8.94
C SER A 452 19.86 29.67 7.99
N ALA A 453 18.66 29.12 7.79
CA ALA A 453 18.46 28.04 6.83
C ALA A 453 18.25 28.55 5.41
N LEU A 454 18.17 29.86 5.24
CA LEU A 454 17.87 30.43 3.92
C LEU A 454 18.93 30.07 2.87
N PRO A 455 20.23 30.00 3.18
CA PRO A 455 21.17 29.42 2.21
C PRO A 455 20.80 28.01 1.80
N ALA A 456 20.49 27.15 2.78
CA ALA A 456 20.09 25.78 2.47
C ALA A 456 18.86 25.75 1.60
N ALA A 457 17.87 26.60 1.91
CA ALA A 457 16.67 26.67 1.08
C ALA A 457 17.05 26.86 -0.38
N LEU A 458 17.98 27.76 -0.66
CA LEU A 458 18.37 28.07 -2.02
C LEU A 458 19.47 27.15 -2.52
N ALA A 459 19.82 26.10 -1.78
CA ALA A 459 20.55 24.98 -2.36
C ALA A 459 19.60 23.95 -2.96
N ALA A 460 18.33 24.30 -3.11
CA ALA A 460 17.28 23.38 -3.52
C ALA A 460 16.55 24.03 -4.69
N ARG A 461 16.74 23.48 -5.88
CA ARG A 461 16.30 24.13 -7.12
C ARG A 461 14.80 24.29 -7.24
N GLU A 462 14.06 23.94 -6.19
CA GLU A 462 12.63 24.16 -6.18
C GLU A 462 12.33 25.64 -6.40
N PRO A 463 11.23 25.97 -7.08
CA PRO A 463 10.92 27.38 -7.35
C PRO A 463 10.22 28.06 -6.18
N GLN A 464 9.44 27.31 -5.42
CA GLN A 464 8.85 27.81 -4.18
C GLN A 464 9.22 26.92 -3.01
N LEU A 465 9.38 27.55 -1.84
CA LEU A 465 10.02 26.96 -0.69
C LEU A 465 9.52 27.62 0.58
N ALA A 466 9.63 26.90 1.67
CA ALA A 466 9.22 27.42 2.97
C ALA A 466 10.14 26.83 4.02
N VAL A 467 10.37 27.61 5.08
CA VAL A 467 11.30 27.24 6.13
C VAL A 467 10.57 27.37 7.46
N ARG A 468 10.62 26.32 8.28
CA ARG A 468 9.93 26.27 9.56
C ARG A 468 10.90 25.71 10.59
N ALA A 469 11.32 26.57 11.53
CA ALA A 469 12.25 26.20 12.60
C ALA A 469 13.61 25.78 12.06
N GLY A 470 14.02 26.41 10.95
CA GLY A 470 15.27 26.04 10.32
C GLY A 470 15.22 24.77 9.51
N ALA A 471 14.03 24.34 9.08
CA ALA A 471 13.86 23.14 8.27
C ALA A 471 13.14 23.52 6.99
N VAL A 472 13.68 23.09 5.85
CA VAL A 472 13.17 23.49 4.55
C VAL A 472 12.05 22.54 4.15
N HIS A 473 10.95 23.12 3.67
CA HIS A 473 9.80 22.37 3.19
C HIS A 473 9.59 22.69 1.72
N VAL A 474 9.18 21.69 0.95
CA VAL A 474 8.87 21.89 -0.45
C VAL A 474 7.43 21.46 -0.69
N PRO A 475 6.67 22.17 -1.51
CA PRO A 475 5.25 21.86 -1.68
C PRO A 475 5.03 20.87 -2.81
N ARG A 476 4.03 20.01 -2.61
CA ARG A 476 3.66 19.02 -3.61
C ARG A 476 2.17 18.81 -3.60
N LEU A 477 1.55 18.90 -4.77
CA LEU A 477 0.13 18.57 -4.88
C LEU A 477 -0.04 17.07 -4.65
N VAL A 478 -1.14 16.69 -4.01
CA VAL A 478 -1.35 15.31 -3.58
C VAL A 478 -2.84 15.00 -3.60
N ARG A 479 -3.19 13.82 -4.13
CA ARG A 479 -4.58 13.37 -4.09
C ARG A 479 -4.98 13.02 -2.67
N HIS A 480 -6.16 13.49 -2.26
CA HIS A 480 -6.63 13.24 -0.91
C HIS A 480 -7.04 11.78 -0.72
N ARG A 481 -6.68 11.23 0.44
CA ARG A 481 -6.88 9.83 0.79
C ARG A 481 -6.93 9.74 2.31
N PRO A 482 -7.68 8.80 2.86
CA PRO A 482 -7.66 8.61 4.32
C PRO A 482 -6.29 8.15 4.78
N ARG A 483 -5.95 8.52 6.00
CA ARG A 483 -4.62 8.23 6.50
C ARG A 483 -4.70 8.03 8.00
N PRO A 484 -4.44 6.81 8.49
CA PRO A 484 -4.16 6.66 9.92
C PRO A 484 -3.01 7.57 10.29
N ASP A 485 -2.98 7.97 11.56
CA ASP A 485 -2.05 8.96 12.12
C ASP A 485 -2.52 10.35 11.71
N GLY A 486 -3.75 10.47 11.19
CA GLY A 486 -4.28 11.73 10.74
C GLY A 486 -5.74 11.94 11.12
N PRO A 487 -6.33 13.02 10.60
CA PRO A 487 -7.70 13.38 11.02
C PRO A 487 -8.71 12.32 10.62
N LEU A 488 -9.81 12.30 11.37
CA LEU A 488 -10.88 11.34 11.16
C LEU A 488 -11.71 11.73 9.93
N THR A 489 -12.27 10.71 9.28
CA THR A 489 -13.09 10.92 8.10
C THR A 489 -14.52 10.48 8.40
N PRO A 490 -15.50 11.38 8.37
CA PRO A 490 -16.85 11.00 8.75
C PRO A 490 -17.44 10.03 7.76
N PRO A 491 -18.37 9.17 8.18
CA PRO A 491 -18.94 8.17 7.27
C PRO A 491 -19.81 8.79 6.19
N ALA A 492 -20.37 7.94 5.32
CA ALA A 492 -21.19 8.46 4.23
C ALA A 492 -22.49 9.08 4.73
N GLY A 493 -22.96 8.68 5.91
CA GLY A 493 -24.23 9.18 6.39
C GLY A 493 -24.22 10.65 6.72
N ALA A 494 -25.42 11.23 6.75
CA ALA A 494 -25.58 12.58 7.27
C ALA A 494 -25.41 12.63 8.78
N ALA A 495 -25.82 11.56 9.47
CA ALA A 495 -25.76 11.50 10.92
C ALA A 495 -24.68 10.53 11.36
N TRP A 496 -23.89 10.95 12.33
CA TRP A 496 -22.75 10.18 12.84
C TRP A 496 -22.29 10.85 14.12
N ARG A 497 -21.45 10.14 14.87
CA ARG A 497 -20.93 10.68 16.12
C ARG A 497 -19.54 10.12 16.39
N LEU A 498 -18.88 10.71 17.37
CA LEU A 498 -17.62 10.17 17.88
C LEU A 498 -17.92 9.09 18.91
N ALA A 499 -17.20 7.98 18.82
CA ALA A 499 -17.49 6.83 19.67
C ALA A 499 -16.22 6.06 19.98
N ALA A 500 -16.17 5.46 21.16
CA ALA A 500 -15.00 4.69 21.57
C ALA A 500 -14.90 3.42 20.75
N GLY A 501 -13.68 3.13 20.27
CA GLY A 501 -13.45 1.99 19.40
C GLY A 501 -13.36 0.64 20.10
N GLY A 502 -13.18 0.64 21.42
CA GLY A 502 -13.12 -0.60 22.17
C GLY A 502 -11.77 -1.28 22.18
N GLN A 503 -10.84 -0.89 21.30
CA GLN A 503 -9.50 -1.44 21.36
C GLN A 503 -8.76 -1.03 22.62
N GLY A 504 -9.23 0.03 23.29
CA GLY A 504 -8.51 0.56 24.43
C GLY A 504 -7.44 1.57 24.09
N THR A 505 -7.56 2.27 22.96
CA THR A 505 -6.56 3.23 22.50
C THR A 505 -7.26 4.43 21.90
N LEU A 506 -6.56 5.56 21.87
CA LEU A 506 -7.12 6.76 21.23
C LEU A 506 -7.08 6.67 19.71
N GLU A 507 -6.20 5.85 19.15
CA GLU A 507 -6.23 5.60 17.71
C GLU A 507 -7.55 4.95 17.30
N GLY A 508 -8.24 4.27 18.22
CA GLY A 508 -9.47 3.57 17.91
C GLY A 508 -10.71 4.43 17.87
N LEU A 509 -10.65 5.66 18.40
CA LEU A 509 -11.74 6.62 18.21
C LEU A 509 -12.08 6.74 16.74
N ALA A 510 -13.37 6.69 16.43
CA ALA A 510 -13.80 6.73 15.04
C ALA A 510 -15.13 7.45 14.94
N LEU A 511 -15.33 8.14 13.82
CA LEU A 511 -16.60 8.76 13.51
C LEU A 511 -17.50 7.68 12.92
N VAL A 512 -18.58 7.36 13.63
CA VAL A 512 -19.39 6.18 13.29
C VAL A 512 -20.81 6.59 12.97
N PRO A 513 -21.51 5.87 12.10
CA PRO A 513 -22.93 6.18 11.84
C PRO A 513 -23.75 6.15 13.12
N ALA A 514 -24.69 7.08 13.21
CA ALA A 514 -25.56 7.21 14.39
C ALA A 514 -27.01 7.26 13.93
N PRO A 515 -27.60 6.11 13.61
CA PRO A 515 -29.00 6.11 13.16
C PRO A 515 -29.99 6.57 14.22
N ASP A 516 -29.75 6.24 15.50
CA ASP A 516 -30.71 6.61 16.54
C ASP A 516 -30.89 8.12 16.67
N ALA A 517 -30.04 8.91 16.01
CA ALA A 517 -30.25 10.35 15.96
C ALA A 517 -31.27 10.71 14.88
N GLU A 518 -31.14 10.10 13.69
CA GLU A 518 -32.08 10.37 12.60
C GLU A 518 -33.49 9.86 12.88
N ALA A 519 -33.64 8.91 13.80
CA ALA A 519 -34.86 8.13 14.01
C ALA A 519 -36.05 9.04 14.36
N PRO A 520 -37.29 8.57 14.25
CA PRO A 520 -38.42 9.43 14.59
C PRO A 520 -38.41 9.81 16.06
N LEU A 521 -38.99 10.96 16.37
CA LEU A 521 -38.97 11.48 17.72
C LEU A 521 -40.11 10.88 18.54
N THR A 522 -39.82 10.59 19.81
CA THR A 522 -40.85 10.29 20.79
C THR A 522 -41.30 11.60 21.44
N PRO A 523 -42.39 11.57 22.22
CA PRO A 523 -42.81 12.80 22.92
C PRO A 523 -41.71 13.36 23.80
N GLY A 524 -41.70 14.68 23.95
CA GLY A 524 -40.74 15.36 24.79
C GLY A 524 -39.39 15.63 24.16
N GLN A 525 -39.16 15.18 22.93
CA GLN A 525 -37.85 15.25 22.30
C GLN A 525 -37.80 16.35 21.24
N VAL A 526 -36.58 16.78 20.93
CA VAL A 526 -36.28 17.62 19.79
C VAL A 526 -35.07 17.01 19.09
N ARG A 527 -34.87 17.40 17.84
CA ARG A 527 -33.67 17.03 17.10
C ARG A 527 -32.86 18.28 16.81
N VAL A 528 -31.55 18.18 17.01
CA VAL A 528 -30.65 19.34 16.99
C VAL A 528 -29.56 19.12 15.95
N ALA A 529 -29.38 20.10 15.07
CA ALA A 529 -28.25 20.14 14.16
C ALA A 529 -27.08 20.73 14.95
N VAL A 530 -26.29 19.84 15.55
CA VAL A 530 -25.29 20.27 16.53
C VAL A 530 -24.19 21.08 15.85
N ARG A 531 -23.76 22.15 16.52
CA ARG A 531 -22.64 22.96 16.07
C ARG A 531 -21.37 22.75 16.90
N ALA A 532 -21.51 22.43 18.19
CA ALA A 532 -20.36 22.19 19.05
C ALA A 532 -20.79 21.36 20.24
N ALA A 533 -19.83 20.67 20.84
CA ALA A 533 -20.10 19.84 22.00
C ALA A 533 -18.95 19.92 22.99
N GLY A 534 -19.28 19.81 24.28
CA GLY A 534 -18.29 19.86 25.32
C GLY A 534 -17.69 18.50 25.61
N VAL A 535 -16.55 18.51 26.30
CA VAL A 535 -15.81 17.28 26.57
C VAL A 535 -15.36 17.29 28.03
N ASN A 536 -15.72 16.23 28.76
CA ASN A 536 -15.31 15.99 30.13
C ASN A 536 -14.13 15.01 30.15
N PHE A 537 -13.34 15.08 31.22
CA PHE A 537 -12.25 14.12 31.41
C PHE A 537 -12.76 12.69 31.41
N ARG A 538 -14.04 12.48 31.73
CA ARG A 538 -14.61 11.14 31.66
C ARG A 538 -14.68 10.63 30.23
N ASP A 539 -14.89 11.53 29.27
CA ASP A 539 -14.97 11.13 27.87
C ASP A 539 -13.62 10.64 27.35
N THR A 540 -12.52 11.04 27.99
CA THR A 540 -11.22 10.46 27.67
C THR A 540 -11.13 9.03 28.17
N LEU A 541 -11.53 8.80 29.42
CA LEU A 541 -11.43 7.48 30.02
C LEU A 541 -12.29 6.46 29.27
N ILE A 542 -13.43 6.90 28.73
CA ILE A 542 -14.27 6.00 27.94
C ILE A 542 -13.57 5.62 26.65
N ALA A 543 -12.89 6.57 26.02
CA ALA A 543 -12.15 6.28 24.79
C ALA A 543 -11.11 5.19 25.02
N LEU A 544 -10.61 5.07 26.25
CA LEU A 544 -9.66 4.04 26.62
C LEU A 544 -10.46 2.84 27.14
N GLY A 545 -9.78 1.85 27.72
CA GLY A 545 -10.50 0.72 28.26
C GLY A 545 -10.90 -0.25 27.16
N MET A 546 -10.62 -1.54 27.33
CA MET A 546 -10.67 -2.47 26.22
C MET A 546 -11.98 -3.24 26.12
N TYR A 547 -13.00 -2.85 26.87
CA TYR A 547 -14.28 -3.51 26.73
C TYR A 547 -14.92 -3.10 25.40
N PRO A 548 -15.49 -4.05 24.65
CA PRO A 548 -16.03 -3.69 23.33
C PRO A 548 -17.29 -2.86 23.41
N GLY A 549 -18.05 -3.00 24.48
CA GLY A 549 -19.21 -2.16 24.71
C GLY A 549 -18.88 -1.03 25.66
N THR A 550 -18.94 0.21 25.17
CA THR A 550 -18.53 1.36 25.93
C THR A 550 -19.68 2.35 26.06
N PRO A 551 -19.69 3.17 27.11
CA PRO A 551 -20.70 4.23 27.19
C PRO A 551 -20.60 5.19 26.02
N VAL A 552 -21.68 5.92 25.79
CA VAL A 552 -21.75 6.90 24.72
C VAL A 552 -20.94 8.12 25.12
N LEU A 553 -20.12 8.62 24.21
CA LEU A 553 -19.33 9.82 24.48
C LEU A 553 -20.20 11.06 24.34
N GLY A 554 -19.80 12.13 25.04
CA GLY A 554 -20.53 13.38 24.96
C GLY A 554 -21.59 13.53 26.03
N ALA A 555 -21.75 14.76 26.53
CA ALA A 555 -22.74 15.04 27.57
C ALA A 555 -23.54 16.31 27.33
N GLU A 556 -23.14 17.17 26.39
CA GLU A 556 -23.61 18.54 26.34
C GLU A 556 -23.31 19.12 24.97
N GLY A 557 -23.97 20.23 24.66
CA GLY A 557 -23.71 20.89 23.40
C GLY A 557 -24.66 22.03 23.15
N ALA A 558 -24.50 22.64 21.98
CA ALA A 558 -25.35 23.72 21.51
C ALA A 558 -25.48 23.61 20.01
N GLY A 559 -26.59 24.12 19.48
CA GLY A 559 -26.86 24.05 18.06
C GLY A 559 -28.20 24.62 17.65
N VAL A 560 -28.75 24.14 16.54
CA VAL A 560 -30.00 24.65 15.98
C VAL A 560 -30.98 23.50 15.88
N ILE A 561 -32.22 23.75 16.31
CA ILE A 561 -33.26 22.73 16.31
C ILE A 561 -33.78 22.53 14.89
N THR A 562 -34.17 21.30 14.58
CA THR A 562 -34.65 20.94 13.25
C THR A 562 -36.04 20.32 13.29
N GLU A 563 -36.34 19.53 14.31
CA GLU A 563 -37.68 18.97 14.49
C GLU A 563 -38.07 19.09 15.95
N VAL A 564 -39.38 19.10 16.21
CA VAL A 564 -39.94 19.23 17.54
C VAL A 564 -41.14 18.31 17.65
N ALA A 565 -41.24 17.57 18.75
CA ALA A 565 -42.40 16.74 19.00
C ALA A 565 -43.66 17.61 19.09
N PRO A 566 -44.83 17.06 18.76
CA PRO A 566 -46.05 17.89 18.77
C PRO A 566 -46.50 18.33 20.16
N ASP A 567 -46.08 17.66 21.23
CA ASP A 567 -46.43 18.12 22.57
C ASP A 567 -45.56 19.28 23.04
N VAL A 568 -44.39 19.45 22.43
CA VAL A 568 -43.39 20.40 22.93
C VAL A 568 -43.74 21.82 22.50
N ALA A 569 -43.81 22.72 23.47
CA ALA A 569 -43.90 24.15 23.23
C ALA A 569 -42.61 24.82 23.71
N GLY A 570 -42.43 26.07 23.31
CA GLY A 570 -41.28 26.85 23.73
C GLY A 570 -40.01 26.62 22.94
N PHE A 571 -39.98 25.64 22.05
CA PHE A 571 -38.90 25.49 21.09
C PHE A 571 -39.50 25.15 19.74
N ALA A 572 -39.00 25.79 18.69
CA ALA A 572 -39.51 25.63 17.34
C ALA A 572 -38.35 25.47 16.39
N PRO A 573 -38.58 24.86 15.21
CA PRO A 573 -37.50 24.75 14.21
C PRO A 573 -36.84 26.09 13.92
N GLY A 574 -35.53 26.17 14.13
CA GLY A 574 -34.78 27.38 13.85
C GLY A 574 -34.20 28.06 15.08
N ASP A 575 -34.47 27.57 16.29
CA ASP A 575 -34.06 28.24 17.51
C ASP A 575 -32.66 27.75 17.94
N ARG A 576 -31.80 28.69 18.31
CA ARG A 576 -30.50 28.34 18.85
C ARG A 576 -30.69 27.90 20.30
N VAL A 577 -30.07 26.78 20.68
CA VAL A 577 -30.24 26.27 22.03
C VAL A 577 -28.95 25.60 22.48
N LEU A 578 -28.76 25.58 23.80
CA LEU A 578 -27.71 24.83 24.49
C LEU A 578 -28.39 23.93 25.51
N GLY A 579 -27.73 22.85 25.89
CA GLY A 579 -28.32 21.94 26.86
C GLY A 579 -27.49 20.69 27.05
N MET A 580 -28.13 19.68 27.65
CA MET A 580 -27.51 18.42 28.04
C MET A 580 -28.09 17.31 27.17
N TRP A 581 -27.22 16.57 26.49
CA TRP A 581 -27.64 15.38 25.77
C TRP A 581 -26.46 14.46 25.53
N THR A 582 -26.74 13.16 25.47
CA THR A 582 -25.73 12.16 25.20
C THR A 582 -25.51 12.01 23.70
N GLY A 583 -24.27 11.68 23.33
CA GLY A 583 -23.96 11.43 21.94
C GLY A 583 -23.95 12.66 21.06
N GLY A 584 -23.58 13.82 21.62
CA GLY A 584 -23.57 15.05 20.87
C GLY A 584 -22.29 15.33 20.12
N LEU A 585 -21.39 14.35 20.02
CA LEU A 585 -20.12 14.53 19.31
C LEU A 585 -20.27 14.22 17.83
N GLY A 586 -21.28 14.84 17.22
CA GLY A 586 -21.59 14.67 15.82
C GLY A 586 -22.56 15.73 15.37
N PRO A 587 -22.84 15.78 14.05
CA PRO A 587 -23.67 16.87 13.53
C PRO A 587 -25.15 16.75 13.84
N VAL A 588 -25.61 15.62 14.41
CA VAL A 588 -27.03 15.38 14.63
C VAL A 588 -27.21 14.71 15.99
N ALA A 589 -28.18 15.17 16.77
CA ALA A 589 -28.45 14.63 18.10
C ALA A 589 -29.92 14.82 18.44
N VAL A 590 -30.45 13.91 19.26
CA VAL A 590 -31.78 13.98 19.83
C VAL A 590 -31.64 14.37 21.30
N ALA A 591 -32.57 15.20 21.79
CA ALA A 591 -32.42 15.71 23.15
C ALA A 591 -33.79 15.88 23.80
N ASP A 592 -33.77 15.95 25.13
CA ASP A 592 -34.95 16.16 25.94
C ASP A 592 -35.18 17.67 26.06
N ALA A 593 -36.41 18.11 25.74
CA ALA A 593 -36.70 19.54 25.73
C ALA A 593 -36.55 20.16 27.11
N ARG A 594 -36.73 19.37 28.16
CA ARG A 594 -36.62 19.89 29.53
C ARG A 594 -35.23 20.45 29.80
N MET A 595 -34.20 19.83 29.24
CA MET A 595 -32.81 20.14 29.58
C MET A 595 -32.18 21.11 28.58
N LEU A 596 -32.97 22.04 28.03
CA LEU A 596 -32.52 22.99 27.04
C LEU A 596 -32.73 24.42 27.51
N ALA A 597 -31.96 25.33 26.89
CA ALA A 597 -32.09 26.76 27.13
C ALA A 597 -31.77 27.48 25.84
N ARG A 598 -32.26 28.71 25.71
CA ARG A 598 -31.96 29.51 24.54
C ARG A 598 -30.58 30.13 24.65
N VAL A 599 -29.84 30.11 23.55
CA VAL A 599 -28.47 30.60 23.54
C VAL A 599 -28.52 32.11 23.68
N PRO A 600 -27.85 32.69 24.68
CA PRO A 600 -27.87 34.15 24.84
C PRO A 600 -27.38 34.84 23.57
N ARG A 601 -28.01 35.97 23.26
CA ARG A 601 -27.53 36.82 22.19
C ARG A 601 -26.04 37.09 22.35
N GLY A 602 -25.30 36.93 21.25
CA GLY A 602 -23.90 37.29 21.24
C GLY A 602 -22.92 36.23 21.66
N TRP A 603 -23.39 35.02 21.98
CA TRP A 603 -22.46 33.94 22.30
C TRP A 603 -22.10 33.16 21.05
N SER A 604 -20.90 32.59 21.06
CA SER A 604 -20.53 31.59 20.09
C SER A 604 -21.11 30.24 20.49
N TYR A 605 -21.27 29.35 19.50
CA TYR A 605 -21.73 28.00 19.81
C TYR A 605 -20.74 27.27 20.71
N ALA A 606 -19.47 27.62 20.63
CA ALA A 606 -18.47 27.00 21.50
C ALA A 606 -18.64 27.46 22.94
N GLU A 607 -18.69 28.78 23.15
CA GLU A 607 -19.02 29.31 24.48
C GLU A 607 -20.28 28.66 25.04
N ALA A 608 -21.32 28.56 24.20
CA ALA A 608 -22.59 28.02 24.66
C ALA A 608 -22.43 26.57 25.10
N ALA A 609 -21.83 25.72 24.26
CA ALA A 609 -21.70 24.31 24.56
C ALA A 609 -20.78 24.02 25.74
N SER A 610 -19.98 24.99 26.19
CA SER A 610 -19.04 24.72 27.28
C SER A 610 -19.74 24.65 28.63
N VAL A 611 -20.87 25.33 28.75
CA VAL A 611 -21.44 25.70 30.04
C VAL A 611 -22.20 24.57 30.74
N PRO A 612 -23.13 23.86 30.09
CA PRO A 612 -24.07 23.02 30.86
C PRO A 612 -23.43 22.13 31.91
N ALA A 613 -22.41 21.34 31.56
CA ALA A 613 -21.89 20.36 32.51
C ALA A 613 -21.33 21.04 33.76
N VAL A 614 -20.43 22.00 33.58
CA VAL A 614 -19.70 22.54 34.73
C VAL A 614 -20.63 23.32 35.65
N PHE A 615 -21.42 24.24 35.10
CA PHE A 615 -22.24 25.09 35.96
C PHE A 615 -23.44 24.35 36.54
N LEU A 616 -24.03 23.40 35.81
CA LEU A 616 -25.11 22.61 36.40
C LEU A 616 -24.61 21.78 37.56
N THR A 617 -23.45 21.16 37.42
CA THR A 617 -22.89 20.39 38.53
C THR A 617 -22.63 21.31 39.73
N ALA A 618 -22.03 22.47 39.47
CA ALA A 618 -21.71 23.40 40.56
C ALA A 618 -22.97 24.05 41.13
N HIS A 619 -24.02 24.19 40.33
CA HIS A 619 -25.26 24.78 40.84
C HIS A 619 -26.08 23.73 41.58
N TYR A 620 -26.24 22.55 40.98
CA TYR A 620 -26.89 21.43 41.66
C TYR A 620 -26.27 21.13 43.01
N ALA A 621 -24.95 21.30 43.13
CA ALA A 621 -24.28 20.94 44.37
C ALA A 621 -24.32 22.06 45.40
N LEU A 622 -24.04 23.30 44.99
CA LEU A 622 -24.03 24.41 45.94
C LEU A 622 -25.43 24.70 46.47
N THR A 623 -26.44 24.70 45.60
CA THR A 623 -27.77 25.19 45.96
C THR A 623 -28.73 24.07 46.36
N ARG A 624 -28.75 22.96 45.62
CA ARG A 624 -29.76 21.93 45.86
C ARG A 624 -29.30 20.81 46.78
N LEU A 625 -28.01 20.46 46.76
CA LEU A 625 -27.52 19.41 47.65
C LEU A 625 -27.10 19.98 49.01
N ALA A 626 -26.20 20.96 49.00
CA ALA A 626 -25.69 21.51 50.24
C ALA A 626 -26.55 22.64 50.79
N GLY A 627 -27.46 23.19 49.99
CA GLY A 627 -28.30 24.28 50.46
C GLY A 627 -27.54 25.42 51.07
N ILE A 628 -26.38 25.75 50.48
CA ILE A 628 -25.47 26.69 51.13
C ILE A 628 -26.11 28.07 51.22
N ARG A 629 -25.72 28.82 52.24
CA ARG A 629 -26.33 30.11 52.53
C ARG A 629 -25.28 31.22 52.47
N PRO A 630 -25.69 32.49 52.46
CA PRO A 630 -24.70 33.57 52.54
C PRO A 630 -24.00 33.56 53.89
N GLY A 631 -22.68 33.72 53.85
CA GLY A 631 -21.86 33.76 55.03
C GLY A 631 -21.18 32.45 55.38
N GLN A 632 -21.65 31.34 54.84
CA GLN A 632 -21.00 30.06 55.04
C GLN A 632 -19.68 29.97 54.27
N SER A 633 -18.86 28.99 54.66
CA SER A 633 -17.53 28.80 54.11
C SER A 633 -17.48 27.55 53.25
N LEU A 634 -16.76 27.62 52.14
CA LEU A 634 -16.69 26.54 51.19
C LEU A 634 -15.24 26.19 50.88
N LEU A 635 -14.98 24.89 50.78
CA LEU A 635 -13.71 24.38 50.26
C LEU A 635 -13.97 23.75 48.90
N VAL A 636 -13.12 24.08 47.94
CA VAL A 636 -13.23 23.58 46.57
C VAL A 636 -11.86 23.03 46.18
N HIS A 637 -11.74 21.71 46.09
CA HIS A 637 -10.51 21.12 45.58
C HIS A 637 -10.46 21.23 44.06
N ALA A 638 -9.24 21.44 43.56
CA ALA A 638 -8.99 21.59 42.12
C ALA A 638 -9.77 22.77 41.56
N GLY A 639 -9.74 23.89 42.30
CA GLY A 639 -10.54 25.06 41.95
C GLY A 639 -10.22 25.67 40.60
N ALA A 640 -9.09 25.32 40.01
CA ALA A 640 -8.73 25.82 38.69
C ALA A 640 -9.26 24.94 37.58
N GLY A 641 -9.89 23.81 37.91
CA GLY A 641 -10.44 22.92 36.91
C GLY A 641 -11.76 23.42 36.35
N GLY A 642 -12.40 22.54 35.58
CA GLY A 642 -13.67 22.87 34.96
C GLY A 642 -14.78 23.16 35.95
N VAL A 643 -15.21 22.13 36.70
CA VAL A 643 -16.28 22.31 37.68
C VAL A 643 -15.80 23.20 38.83
N GLY A 644 -14.49 23.26 39.07
CA GLY A 644 -13.98 24.10 40.14
C GLY A 644 -14.19 25.58 39.86
N MET A 645 -13.76 26.04 38.69
CA MET A 645 -13.97 27.43 38.30
C MET A 645 -15.44 27.80 38.34
N ALA A 646 -16.30 26.94 37.79
CA ALA A 646 -17.73 27.21 37.82
C ALA A 646 -18.25 27.32 39.25
N THR A 647 -17.76 26.46 40.14
CA THR A 647 -18.19 26.52 41.54
C THR A 647 -17.77 27.83 42.19
N LEU A 648 -16.54 28.30 41.89
CA LEU A 648 -16.07 29.54 42.49
C LEU A 648 -16.90 30.74 42.02
N GLN A 649 -17.36 30.71 40.77
CA GLN A 649 -18.10 31.87 40.26
C GLN A 649 -19.46 31.97 40.93
N LEU A 650 -20.18 30.85 41.05
CA LEU A 650 -21.44 30.85 41.78
C LEU A 650 -21.24 31.18 43.26
N ALA A 651 -20.20 30.61 43.88
CA ALA A 651 -19.99 30.82 45.30
C ALA A 651 -19.77 32.29 45.63
N ARG A 652 -19.12 33.03 44.74
CA ARG A 652 -18.94 34.46 44.95
C ARG A 652 -20.26 35.22 44.85
N HIS A 653 -21.17 34.76 43.99
CA HIS A 653 -22.48 35.37 43.86
C HIS A 653 -23.41 35.06 45.03
N LEU A 654 -23.11 33.99 45.78
CA LEU A 654 -23.97 33.52 46.84
C LEU A 654 -23.49 33.96 48.22
N GLY A 655 -22.47 34.82 48.29
CA GLY A 655 -22.00 35.33 49.56
C GLY A 655 -21.18 34.34 50.33
N VAL A 656 -20.44 33.47 49.64
CA VAL A 656 -19.73 32.36 50.28
C VAL A 656 -18.25 32.69 50.37
N GLU A 657 -17.69 32.50 51.57
CA GLU A 657 -16.25 32.60 51.76
C GLU A 657 -15.61 31.32 51.22
N VAL A 658 -14.77 31.48 50.20
CA VAL A 658 -14.23 30.35 49.45
C VAL A 658 -12.77 30.14 49.78
N TYR A 659 -12.42 28.92 50.17
CA TYR A 659 -11.05 28.45 50.14
C TYR A 659 -10.94 27.40 49.03
N ALA A 660 -9.74 27.23 48.48
CA ALA A 660 -9.60 26.32 47.36
C ALA A 660 -8.14 25.94 47.17
N THR A 661 -7.94 24.81 46.48
CA THR A 661 -6.64 24.25 46.18
C THR A 661 -6.47 24.12 44.67
N ALA A 662 -5.22 24.06 44.23
CA ALA A 662 -4.85 23.80 42.84
C ALA A 662 -3.34 23.70 42.74
N SER A 663 -2.87 23.20 41.59
CA SER A 663 -1.45 23.21 41.29
C SER A 663 -0.90 24.61 41.44
N ARG A 664 0.30 24.71 42.03
CA ARG A 664 0.87 26.02 42.33
C ARG A 664 1.03 26.89 41.08
N GLY A 665 1.12 26.28 39.90
CA GLY A 665 1.15 27.07 38.69
C GLY A 665 -0.21 27.63 38.31
N LYS A 666 -1.28 27.06 38.85
CA LYS A 666 -2.64 27.53 38.57
C LYS A 666 -3.14 28.53 39.61
N TRP A 667 -2.32 28.87 40.61
CA TRP A 667 -2.74 29.85 41.61
C TRP A 667 -3.11 31.19 40.98
N ASP A 668 -2.48 31.53 39.85
CA ASP A 668 -2.86 32.73 39.13
C ASP A 668 -4.31 32.66 38.67
N THR A 669 -4.77 31.46 38.31
CA THR A 669 -6.16 31.30 37.88
C THR A 669 -7.12 31.45 39.06
N LEU A 670 -6.70 31.05 40.26
CA LEU A 670 -7.54 31.21 41.44
C LEU A 670 -7.54 32.65 41.94
N ARG A 671 -6.35 33.25 42.08
CA ARG A 671 -6.25 34.64 42.49
C ARG A 671 -6.97 35.56 41.50
N GLY A 672 -7.18 35.11 40.26
CA GLY A 672 -7.94 35.88 39.30
C GLY A 672 -9.44 35.70 39.41
N LEU A 673 -9.89 34.55 39.92
CA LEU A 673 -11.30 34.36 40.23
C LEU A 673 -11.70 35.02 41.55
N GLY A 674 -10.82 35.84 42.13
CA GLY A 674 -11.14 36.58 43.33
C GLY A 674 -10.89 35.81 44.61
N LEU A 675 -9.67 35.31 44.79
CA LEU A 675 -9.28 34.62 46.01
C LEU A 675 -7.95 35.15 46.51
N ASP A 676 -7.80 35.18 47.83
CA ASP A 676 -6.59 35.66 48.47
C ASP A 676 -5.51 34.59 48.50
N ASP A 677 -4.27 35.02 48.69
CA ASP A 677 -3.20 34.08 48.97
C ASP A 677 -3.39 33.39 50.32
N ALA A 678 -4.28 33.93 51.17
CA ALA A 678 -4.70 33.27 52.39
C ALA A 678 -5.83 32.27 52.15
N HIS A 679 -6.40 32.26 50.94
CA HIS A 679 -7.53 31.43 50.58
C HIS A 679 -7.16 30.37 49.54
N ILE A 680 -5.87 30.19 49.28
CA ILE A 680 -5.34 29.26 48.29
C ILE A 680 -4.37 28.33 49.00
N ALA A 681 -4.20 27.12 48.45
CA ALA A 681 -3.19 26.19 48.94
C ALA A 681 -2.96 25.11 47.90
N ASP A 682 -1.87 24.39 48.07
CA ASP A 682 -1.42 23.42 47.07
C ASP A 682 -2.31 22.18 47.11
N SER A 683 -2.75 21.74 45.93
CA SER A 683 -3.63 20.57 45.83
C SER A 683 -2.89 19.24 45.87
N ARG A 684 -1.56 19.24 45.73
CA ARG A 684 -0.80 18.00 45.63
C ARG A 684 -0.16 17.61 46.96
N SER A 685 -0.40 18.36 48.02
CA SER A 685 0.04 18.01 49.36
C SER A 685 -1.16 18.08 50.29
N LEU A 686 -0.91 17.83 51.58
CA LEU A 686 -1.97 17.91 52.58
C LEU A 686 -1.79 19.10 53.51
N ASP A 687 -0.78 19.93 53.26
CA ASP A 687 -0.59 21.20 53.97
C ASP A 687 -1.90 21.97 54.09
N PHE A 688 -2.70 21.96 53.02
CA PHE A 688 -3.98 22.67 53.03
C PHE A 688 -4.81 22.31 54.25
N ALA A 689 -4.77 21.05 54.66
CA ALA A 689 -5.64 20.57 55.73
C ALA A 689 -5.39 21.27 57.05
N GLY A 690 -4.14 21.61 57.35
CA GLY A 690 -3.83 22.28 58.59
C GLY A 690 -3.46 23.72 58.37
N ARG A 691 -3.45 24.14 57.09
CA ARG A 691 -3.22 25.53 56.76
C ARG A 691 -4.51 26.32 56.87
N PHE A 692 -5.62 25.74 56.38
CA PHE A 692 -6.90 26.45 56.36
C PHE A 692 -7.63 26.39 57.71
N LEU A 693 -7.56 25.25 58.41
CA LEU A 693 -8.09 25.23 59.77
C LEU A 693 -7.40 26.26 60.64
N ALA A 694 -6.12 26.50 60.38
CA ALA A 694 -5.40 27.58 61.05
C ALA A 694 -5.88 28.95 60.59
N ALA A 695 -6.29 29.06 59.33
CA ALA A 695 -6.79 30.34 58.81
C ALA A 695 -8.23 30.60 59.26
N THR A 696 -9.04 29.56 59.40
CA THR A 696 -10.37 29.71 59.99
C THR A 696 -10.33 29.71 61.51
N GLY A 697 -9.14 29.67 62.12
CA GLY A 697 -9.05 29.60 63.56
C GLY A 697 -9.71 28.37 64.14
N GLY A 698 -9.59 27.23 63.45
CA GLY A 698 -10.14 25.99 63.94
C GLY A 698 -11.60 25.77 63.67
N ARG A 699 -12.32 26.78 63.15
CA ARG A 699 -13.72 26.58 62.81
C ARG A 699 -13.89 25.72 61.56
N GLY A 700 -12.89 25.67 60.70
CA GLY A 700 -13.04 24.95 59.47
C GLY A 700 -13.97 25.68 58.52
N VAL A 701 -14.54 24.91 57.62
CA VAL A 701 -15.50 25.45 56.65
C VAL A 701 -16.84 24.79 56.90
N ASP A 702 -17.84 25.15 56.09
CA ASP A 702 -19.18 24.61 56.26
C ASP A 702 -19.60 23.62 55.18
N VAL A 703 -18.94 23.63 54.03
CA VAL A 703 -19.22 22.70 52.93
C VAL A 703 -17.90 22.41 52.22
N VAL A 704 -17.72 21.18 51.76
CA VAL A 704 -16.47 20.74 51.12
C VAL A 704 -16.84 19.93 49.89
N LEU A 705 -16.49 20.44 48.71
CA LEU A 705 -16.70 19.75 47.45
C LEU A 705 -15.38 19.11 47.01
N ASN A 706 -15.37 17.79 46.89
CA ASN A 706 -14.14 17.07 46.60
C ASN A 706 -14.13 16.54 45.17
N SER A 707 -12.93 16.45 44.61
CA SER A 707 -12.67 15.64 43.43
C SER A 707 -11.48 14.71 43.62
N LEU A 708 -10.73 14.84 44.71
CA LEU A 708 -9.48 14.14 44.90
C LEU A 708 -9.72 12.84 45.66
N ALA A 709 -8.86 11.86 45.42
CA ALA A 709 -8.97 10.52 45.97
C ALA A 709 -7.91 10.31 47.05
N GLY A 710 -7.81 9.07 47.55
CA GLY A 710 -6.72 8.69 48.42
C GLY A 710 -6.78 9.35 49.78
N ASP A 711 -5.59 9.64 50.33
CA ASP A 711 -5.48 10.26 51.64
C ASP A 711 -6.22 11.60 51.71
N PHE A 712 -6.44 12.25 50.56
CA PHE A 712 -7.11 13.54 50.53
C PHE A 712 -8.48 13.52 51.17
N VAL A 713 -9.20 12.39 51.06
CA VAL A 713 -10.57 12.33 51.56
C VAL A 713 -10.60 12.60 53.06
N ASP A 714 -9.78 11.87 53.81
CA ASP A 714 -9.74 12.05 55.26
C ASP A 714 -9.17 13.42 55.64
N ALA A 715 -8.07 13.82 54.98
CA ALA A 715 -7.47 15.13 55.27
C ALA A 715 -8.46 16.26 55.10
N SER A 716 -9.48 16.09 54.26
CA SER A 716 -10.47 17.13 54.03
C SER A 716 -11.54 17.15 55.11
N LEU A 717 -11.97 15.95 55.56
CA LEU A 717 -12.94 15.87 56.65
C LEU A 717 -12.46 16.61 57.88
N ARG A 718 -11.15 16.67 58.06
CA ARG A 718 -10.51 17.43 59.11
C ARG A 718 -10.92 18.90 59.08
N LEU A 719 -11.34 19.42 57.93
CA LEU A 719 -11.83 20.78 57.78
C LEU A 719 -13.32 20.91 58.07
N LEU A 720 -13.93 19.88 58.65
CA LEU A 720 -15.31 20.01 59.12
C LEU A 720 -15.37 19.72 60.61
N PRO A 721 -14.55 20.38 61.45
CA PRO A 721 -14.60 20.09 62.89
C PRO A 721 -15.97 20.32 63.48
N ARG A 722 -16.69 21.33 62.97
CA ARG A 722 -18.02 21.68 63.42
C ARG A 722 -19.10 21.03 62.57
N GLY A 723 -18.73 20.05 61.75
CA GLY A 723 -19.68 19.38 60.89
C GLY A 723 -20.08 20.23 59.70
N GLY A 724 -20.96 19.65 58.88
CA GLY A 724 -21.46 20.32 57.70
C GLY A 724 -21.68 19.31 56.58
N HIS A 725 -21.65 19.80 55.34
CA HIS A 725 -21.75 18.95 54.17
C HIS A 725 -20.35 18.59 53.68
N PHE A 726 -20.19 17.34 53.24
CA PHE A 726 -19.02 16.92 52.49
C PHE A 726 -19.50 16.00 51.39
N LEU A 727 -19.20 16.37 50.15
CA LEU A 727 -19.83 15.76 48.99
C LEU A 727 -18.80 15.52 47.90
N GLU A 728 -18.79 14.30 47.36
CA GLU A 728 -17.70 13.75 46.57
C GLU A 728 -18.14 13.59 45.12
N LEU A 729 -17.38 14.20 44.20
CA LEU A 729 -17.57 13.91 42.78
C LEU A 729 -16.82 12.67 42.34
N GLY A 730 -15.63 12.45 42.90
CA GLY A 730 -14.80 11.35 42.44
C GLY A 730 -15.41 10.01 42.79
N LYS A 731 -15.40 9.09 41.82
CA LYS A 731 -16.01 7.78 42.02
C LYS A 731 -15.05 6.74 42.53
N ALA A 732 -13.79 7.09 42.73
CA ALA A 732 -12.86 6.23 43.45
C ALA A 732 -12.96 6.56 44.93
N ASP A 733 -12.88 5.52 45.77
CA ASP A 733 -12.87 5.67 47.23
C ASP A 733 -14.18 6.27 47.72
N VAL A 734 -15.29 5.71 47.24
CA VAL A 734 -16.61 6.14 47.70
C VAL A 734 -16.83 5.58 49.11
N ARG A 735 -17.53 6.33 49.95
CA ARG A 735 -17.62 5.99 51.36
C ARG A 735 -19.07 5.89 51.80
N ASP A 736 -19.24 5.29 52.97
CA ASP A 736 -20.54 5.09 53.58
C ASP A 736 -20.92 6.32 54.40
N PRO A 737 -22.07 6.95 54.16
CA PRO A 737 -22.43 8.16 54.91
C PRO A 737 -22.47 7.96 56.41
N ASP A 738 -22.66 6.72 56.87
CA ASP A 738 -22.90 6.46 58.29
C ASP A 738 -21.61 6.36 59.08
N ARG A 739 -20.59 5.68 58.53
CA ARG A 739 -19.30 5.61 59.20
C ARG A 739 -18.54 6.94 59.12
N ILE A 740 -18.99 7.86 58.26
CA ILE A 740 -18.50 9.23 58.29
C ILE A 740 -19.19 10.02 59.40
N ALA A 741 -20.53 10.03 59.39
CA ALA A 741 -21.30 10.65 60.46
C ALA A 741 -20.81 10.22 61.83
N ALA A 742 -20.33 8.98 61.95
CA ALA A 742 -19.79 8.49 63.21
C ALA A 742 -18.40 9.06 63.49
N ASP A 743 -17.46 8.83 62.57
CA ASP A 743 -16.08 9.25 62.79
C ASP A 743 -15.90 10.76 62.77
N HIS A 744 -16.89 11.50 62.28
CA HIS A 744 -16.80 12.95 62.12
C HIS A 744 -18.16 13.53 62.42
N PRO A 745 -18.44 13.79 63.71
CA PRO A 745 -19.83 14.09 64.12
C PRO A 745 -20.40 15.27 63.37
N GLY A 746 -21.62 15.11 62.88
CA GLY A 746 -22.31 16.18 62.18
C GLY A 746 -21.89 16.38 60.74
N VAL A 747 -21.33 15.36 60.09
CA VAL A 747 -20.90 15.46 58.69
C VAL A 747 -21.81 14.59 57.85
N GLY A 748 -22.70 15.23 57.09
CA GLY A 748 -23.48 14.51 56.10
C GLY A 748 -22.68 14.34 54.82
N TYR A 749 -22.33 13.10 54.49
CA TYR A 749 -21.50 12.78 53.34
C TYR A 749 -22.37 12.19 52.24
N ARG A 750 -22.25 12.75 51.03
CA ARG A 750 -22.94 12.22 49.87
C ARG A 750 -22.04 12.33 48.64
N ALA A 751 -21.63 11.19 48.10
CA ALA A 751 -21.03 11.14 46.78
C ALA A 751 -22.13 11.21 45.73
N PHE A 752 -21.95 12.05 44.72
CA PHE A 752 -23.02 12.31 43.78
C PHE A 752 -22.49 12.44 42.36
N ASP A 753 -23.41 12.29 41.43
CA ASP A 753 -23.18 12.45 39.99
C ASP A 753 -24.29 13.33 39.45
N LEU A 754 -23.97 14.18 38.47
CA LEU A 754 -24.96 15.11 37.95
C LEU A 754 -26.19 14.40 37.40
N VAL A 755 -26.07 13.13 37.03
CA VAL A 755 -27.21 12.39 36.50
C VAL A 755 -28.26 12.18 37.59
N GLU A 756 -27.86 12.16 38.86
CA GLU A 756 -28.80 11.90 39.94
C GLU A 756 -29.81 13.02 40.13
N ALA A 757 -29.69 14.13 39.39
CA ALA A 757 -30.57 15.27 39.56
C ALA A 757 -31.95 15.05 38.93
N GLY A 758 -32.00 14.34 37.80
CA GLY A 758 -33.26 14.14 37.10
C GLY A 758 -33.50 15.24 36.10
N PRO A 759 -34.12 14.90 34.96
CA PRO A 759 -34.17 15.86 33.85
C PRO A 759 -35.02 17.08 34.13
N GLU A 760 -36.09 16.95 34.92
CA GLU A 760 -36.92 18.10 35.21
C GLU A 760 -36.20 19.10 36.09
N LEU A 761 -35.34 18.64 36.99
CA LEU A 761 -34.58 19.56 37.84
C LEU A 761 -33.51 20.29 37.04
N VAL A 762 -32.80 19.58 36.15
CA VAL A 762 -31.80 20.20 35.30
C VAL A 762 -32.39 21.44 34.61
N GLY A 763 -33.56 21.29 34.00
CA GLY A 763 -34.18 22.41 33.31
C GLY A 763 -34.35 23.64 34.18
N GLN A 764 -34.84 23.45 35.40
CA GLN A 764 -35.00 24.59 36.31
C GLN A 764 -33.64 25.16 36.68
N LEU A 765 -32.70 24.31 37.07
CA LEU A 765 -31.35 24.75 37.40
C LEU A 765 -30.71 25.49 36.23
N LEU A 766 -30.84 24.96 35.02
CA LEU A 766 -30.27 25.62 33.85
C LEU A 766 -30.98 26.93 33.59
N GLY A 767 -32.30 26.98 33.79
CA GLY A 767 -33.01 28.25 33.71
C GLY A 767 -32.46 29.27 34.67
N GLU A 768 -32.24 28.87 35.93
CA GLU A 768 -31.70 29.78 36.93
C GLU A 768 -30.31 30.28 36.55
N LEU A 769 -29.49 29.39 35.99
CA LEU A 769 -28.15 29.78 35.56
C LEU A 769 -28.20 30.80 34.42
N MET A 770 -28.98 30.49 33.38
CA MET A 770 -29.09 31.40 32.25
C MET A 770 -29.55 32.79 32.69
N GLU A 771 -30.40 32.85 33.72
CA GLU A 771 -30.78 34.13 34.30
C GLU A 771 -29.56 34.91 34.78
N LEU A 772 -28.56 34.20 35.31
CA LEU A 772 -27.37 34.82 35.87
C LEU A 772 -26.30 35.11 34.82
N PHE A 773 -26.11 34.22 33.85
CA PHE A 773 -25.26 34.53 32.71
C PHE A 773 -25.71 35.83 32.03
N ALA A 774 -27.03 36.00 31.88
CA ALA A 774 -27.55 37.21 31.26
C ALA A 774 -27.45 38.41 32.18
N ALA A 775 -27.31 38.20 33.49
CA ALA A 775 -27.11 39.28 34.43
C ALA A 775 -25.65 39.69 34.59
N GLY A 776 -24.73 38.99 33.95
CA GLY A 776 -23.32 39.31 34.04
C GLY A 776 -22.62 38.75 35.25
N VAL A 777 -23.21 37.76 35.92
CA VAL A 777 -22.61 37.20 37.12
C VAL A 777 -21.71 36.01 36.78
N LEU A 778 -22.06 35.24 35.76
CA LEU A 778 -21.33 34.05 35.38
C LEU A 778 -20.80 34.23 33.95
N SER A 779 -19.60 33.72 33.69
CA SER A 779 -18.99 33.83 32.38
C SER A 779 -18.51 32.46 31.93
N PRO A 780 -18.71 32.12 30.65
CA PRO A 780 -18.18 30.85 30.14
C PRO A 780 -16.69 30.74 30.41
N LEU A 781 -16.23 29.52 30.70
CA LEU A 781 -14.86 29.30 31.11
C LEU A 781 -13.91 29.57 29.95
N PRO A 782 -12.60 29.63 30.20
CA PRO A 782 -11.65 29.61 29.08
C PRO A 782 -11.83 28.34 28.26
N LEU A 783 -11.62 28.45 26.96
CA LEU A 783 -11.96 27.38 26.03
C LEU A 783 -10.75 26.95 25.24
N THR A 784 -10.61 25.64 25.06
CA THR A 784 -9.62 25.05 24.17
C THR A 784 -10.44 24.32 23.10
N VAL A 785 -10.56 24.93 21.93
CA VAL A 785 -11.53 24.52 20.92
C VAL A 785 -10.81 23.77 19.82
N ARG A 786 -11.46 22.73 19.29
CA ARG A 786 -10.88 21.88 18.25
C ARG A 786 -12.00 21.45 17.30
N ASP A 787 -11.61 21.14 16.07
CA ASP A 787 -12.53 20.51 15.14
C ASP A 787 -12.73 19.06 15.53
N VAL A 788 -13.99 18.60 15.52
CA VAL A 788 -14.30 17.24 15.98
C VAL A 788 -13.49 16.21 15.21
N ARG A 789 -13.19 16.48 13.94
CA ARG A 789 -12.38 15.57 13.16
C ARG A 789 -10.95 15.46 13.69
N ARG A 790 -10.54 16.40 14.53
CA ARG A 790 -9.23 16.39 15.19
C ARG A 790 -9.36 16.01 16.67
N ALA A 791 -10.26 15.07 16.98
CA ALA A 791 -10.65 14.79 18.35
C ALA A 791 -9.60 13.99 19.10
N ARG A 792 -8.85 13.12 18.43
CA ARG A 792 -7.79 12.37 19.10
C ARG A 792 -6.87 13.31 19.86
N GLU A 793 -6.26 14.25 19.13
CA GLU A 793 -5.35 15.21 19.74
C GLU A 793 -6.01 15.94 20.90
N ALA A 794 -7.32 16.20 20.80
CA ALA A 794 -8.03 16.87 21.88
C ALA A 794 -8.05 16.01 23.13
N PHE A 795 -8.33 14.71 23.00
CA PHE A 795 -8.34 13.85 24.18
C PHE A 795 -6.94 13.65 24.76
N ARG A 796 -5.90 13.74 23.92
CA ARG A 796 -4.54 13.73 24.45
C ARG A 796 -4.25 14.96 25.31
N LEU A 797 -4.55 16.15 24.80
CA LEU A 797 -4.52 17.35 25.64
C LEU A 797 -5.16 17.09 26.99
N ILE A 798 -6.36 16.52 27.00
CA ILE A 798 -7.10 16.35 28.24
C ILE A 798 -6.41 15.33 29.14
N SER A 799 -6.02 14.18 28.57
CA SER A 799 -5.41 13.13 29.38
C SER A 799 -4.02 13.53 29.90
N GLN A 800 -3.40 14.54 29.29
CA GLN A 800 -2.12 15.08 29.77
C GLN A 800 -2.30 16.30 30.66
N ALA A 801 -3.54 16.65 31.00
CA ALA A 801 -3.86 17.84 31.78
C ALA A 801 -3.32 19.10 31.12
N ARG A 802 -3.14 19.08 29.80
CA ARG A 802 -2.62 20.26 29.12
C ARG A 802 -3.70 21.11 28.46
N HIS A 803 -4.97 20.79 28.64
CA HIS A 803 -6.00 21.69 28.17
C HIS A 803 -6.17 22.85 29.15
N VAL A 804 -6.78 23.93 28.67
CA VAL A 804 -7.08 25.11 29.47
C VAL A 804 -8.59 25.18 29.66
N GLY A 805 -9.03 25.08 30.91
CA GLY A 805 -10.44 25.17 31.22
C GLY A 805 -11.26 24.07 30.60
N LYS A 806 -12.11 24.42 29.64
CA LYS A 806 -13.04 23.49 29.02
C LYS A 806 -12.64 23.23 27.57
N VAL A 807 -12.73 21.98 27.15
CA VAL A 807 -12.47 21.59 25.75
C VAL A 807 -13.80 21.49 25.04
N VAL A 808 -13.85 22.03 23.82
CA VAL A 808 -15.06 22.03 23.01
C VAL A 808 -14.69 21.62 21.60
N LEU A 809 -15.50 20.75 21.00
CA LEU A 809 -15.29 20.28 19.65
C LEU A 809 -16.37 20.85 18.76
N THR A 810 -15.99 21.25 17.55
CA THR A 810 -16.88 21.98 16.65
C THR A 810 -17.05 21.18 15.36
N MET A 811 -18.30 20.97 14.97
CA MET A 811 -18.65 20.06 13.90
C MET A 811 -18.19 20.65 12.56
N PRO A 812 -18.21 19.86 11.49
CA PRO A 812 -17.76 20.36 10.18
C PRO A 812 -18.70 21.43 9.66
N PRO A 813 -18.29 22.20 8.65
CA PRO A 813 -19.20 23.20 8.07
C PRO A 813 -20.44 22.55 7.46
N ALA A 814 -21.55 23.28 7.50
CA ALA A 814 -22.80 22.74 7.00
C ALA A 814 -23.75 23.88 6.63
N PHE A 815 -24.44 23.72 5.50
CA PHE A 815 -25.54 24.59 5.13
C PHE A 815 -26.84 23.97 5.65
N GLY A 816 -27.78 24.81 6.04
CA GLY A 816 -29.01 24.34 6.63
C GLY A 816 -30.23 24.99 6.01
N ALA A 817 -31.38 24.37 6.29
CA ALA A 817 -32.67 24.92 5.89
C ALA A 817 -33.11 26.07 6.77
N TYR A 818 -32.38 26.32 7.86
CA TYR A 818 -32.69 27.40 8.79
C TYR A 818 -31.62 28.47 8.65
N GLY A 819 -32.06 29.69 8.37
CA GLY A 819 -31.16 30.79 8.08
C GLY A 819 -30.94 30.96 6.58
N THR A 820 -30.30 32.08 6.24
CA THR A 820 -30.13 32.50 4.85
C THR A 820 -28.72 32.18 4.38
N VAL A 821 -28.60 31.87 3.09
CA VAL A 821 -27.32 31.57 2.46
C VAL A 821 -27.10 32.60 1.37
N LEU A 822 -25.94 33.25 1.39
CA LEU A 822 -25.58 34.26 0.41
C LEU A 822 -24.65 33.64 -0.62
N VAL A 823 -24.99 33.80 -1.90
CA VAL A 823 -24.15 33.34 -3.00
C VAL A 823 -23.81 34.55 -3.84
N THR A 824 -22.62 35.12 -3.63
CA THR A 824 -22.17 36.25 -4.44
C THR A 824 -21.74 35.76 -5.80
N GLY A 825 -22.09 36.52 -6.84
CA GLY A 825 -21.91 36.04 -8.19
C GLY A 825 -22.85 34.92 -8.56
N GLY A 826 -24.02 34.86 -7.93
CA GLY A 826 -24.95 33.76 -8.10
C GLY A 826 -25.72 33.84 -9.41
N THR A 827 -25.13 34.52 -10.39
CA THR A 827 -25.61 34.53 -11.77
C THR A 827 -24.52 34.05 -12.72
N GLY A 828 -23.61 33.21 -12.22
CA GLY A 828 -22.47 32.78 -12.97
C GLY A 828 -22.65 31.38 -13.54
N THR A 829 -21.63 30.95 -14.29
CA THR A 829 -21.60 29.58 -14.81
C THR A 829 -21.97 28.59 -13.72
N LEU A 830 -21.33 28.70 -12.56
CA LEU A 830 -21.51 27.80 -11.44
C LEU A 830 -22.21 28.42 -10.23
N GLY A 831 -22.03 29.73 -10.00
CA GLY A 831 -22.69 30.36 -8.87
C GLY A 831 -24.18 30.08 -8.84
N GLY A 832 -24.83 30.15 -9.99
CA GLY A 832 -26.22 29.74 -10.07
C GLY A 832 -26.37 28.23 -9.97
N ALA A 833 -25.41 27.50 -10.53
CA ALA A 833 -25.44 26.04 -10.43
C ALA A 833 -25.27 25.59 -8.99
N VAL A 834 -24.40 26.27 -8.22
CA VAL A 834 -24.29 25.99 -6.79
C VAL A 834 -25.64 26.18 -6.11
N ALA A 835 -26.26 27.35 -6.34
CA ALA A 835 -27.56 27.65 -5.77
C ALA A 835 -28.56 26.52 -6.04
N ARG A 836 -28.64 26.05 -7.28
CA ARG A 836 -29.52 24.92 -7.58
C ARG A 836 -29.17 23.72 -6.72
N HIS A 837 -27.88 23.50 -6.50
CA HIS A 837 -27.44 22.30 -5.79
C HIS A 837 -27.56 22.45 -4.28
N LEU A 838 -27.29 23.64 -3.74
CA LEU A 838 -27.53 23.87 -2.32
C LEU A 838 -28.97 23.54 -1.94
N VAL A 839 -29.92 24.02 -2.75
CA VAL A 839 -31.33 23.75 -2.45
C VAL A 839 -31.65 22.29 -2.72
N ALA A 840 -30.99 21.66 -3.70
CA ALA A 840 -31.33 20.30 -4.08
C ALA A 840 -30.93 19.30 -2.99
N ARG A 841 -29.66 19.29 -2.61
CA ARG A 841 -29.12 18.25 -1.73
C ARG A 841 -28.67 18.75 -0.37
N HIS A 842 -28.59 20.06 -0.15
CA HIS A 842 -28.21 20.62 1.15
C HIS A 842 -29.41 21.20 1.91
N GLY A 843 -30.61 21.11 1.36
CA GLY A 843 -31.80 21.52 2.06
C GLY A 843 -31.96 23.02 2.26
N VAL A 844 -31.08 23.84 1.68
CA VAL A 844 -31.20 25.29 1.79
C VAL A 844 -32.60 25.72 1.41
N ARG A 845 -33.20 26.58 2.24
CA ARG A 845 -34.55 27.08 2.05
C ARG A 845 -34.62 28.59 1.91
N HIS A 846 -33.48 29.28 2.03
CA HIS A 846 -33.43 30.74 1.96
C HIS A 846 -32.15 31.16 1.25
N LEU A 847 -32.28 31.92 0.16
CA LEU A 847 -31.14 32.29 -0.66
C LEU A 847 -31.20 33.75 -1.09
N VAL A 848 -30.01 34.33 -1.26
CA VAL A 848 -29.82 35.67 -1.77
C VAL A 848 -28.69 35.57 -2.79
N LEU A 849 -29.00 35.81 -4.06
CA LEU A 849 -28.02 35.82 -5.13
C LEU A 849 -27.60 37.25 -5.40
N ALA A 850 -26.30 37.47 -5.62
CA ALA A 850 -25.78 38.83 -5.72
C ALA A 850 -24.81 38.96 -6.88
N GLY A 851 -24.76 40.18 -7.42
CA GLY A 851 -23.84 40.52 -8.48
C GLY A 851 -24.06 41.97 -8.87
N ARG A 852 -23.09 42.53 -9.60
CA ARG A 852 -23.25 43.91 -10.06
C ARG A 852 -24.53 44.08 -10.87
N SER A 853 -24.72 43.22 -11.87
CA SER A 853 -25.93 43.28 -12.68
C SER A 853 -27.17 43.03 -11.85
N GLY A 854 -27.14 42.00 -11.01
CA GLY A 854 -28.27 41.66 -10.19
C GLY A 854 -29.40 41.06 -10.99
N PRO A 855 -30.63 41.54 -10.75
CA PRO A 855 -31.77 41.09 -11.57
C PRO A 855 -31.54 41.28 -13.06
N ALA A 856 -30.78 42.31 -13.44
CA ALA A 856 -30.56 42.60 -14.85
C ALA A 856 -29.81 41.48 -15.57
N ALA A 857 -29.05 40.67 -14.82
CA ALA A 857 -28.31 39.57 -15.43
C ALA A 857 -29.26 38.65 -16.18
N ASP A 858 -28.83 38.18 -17.35
CA ASP A 858 -29.64 37.26 -18.12
C ASP A 858 -29.74 35.91 -17.42
N GLY A 859 -30.88 35.26 -17.59
CA GLY A 859 -31.17 34.05 -16.82
C GLY A 859 -31.36 34.25 -15.33
N ALA A 860 -31.44 35.49 -14.86
CA ALA A 860 -31.61 35.72 -13.42
C ALA A 860 -33.04 35.47 -12.96
N SER A 861 -34.01 36.19 -13.53
CA SER A 861 -35.40 35.93 -13.18
C SER A 861 -35.81 34.51 -13.54
N ALA A 862 -35.10 33.88 -14.47
CA ALA A 862 -35.37 32.49 -14.83
C ALA A 862 -34.81 31.54 -13.79
N LEU A 863 -33.65 31.85 -13.22
CA LEU A 863 -33.09 31.00 -12.17
C LEU A 863 -33.86 31.15 -10.87
N VAL A 864 -34.40 32.34 -10.59
CA VAL A 864 -35.22 32.53 -9.40
C VAL A 864 -36.45 31.64 -9.45
N ASP A 865 -37.22 31.77 -10.53
CA ASP A 865 -38.41 30.94 -10.70
C ASP A 865 -38.07 29.47 -10.62
N GLU A 866 -36.85 29.10 -11.03
CA GLU A 866 -36.43 27.72 -10.99
C GLU A 866 -36.17 27.26 -9.56
N LEU A 867 -35.51 28.10 -8.76
CA LEU A 867 -35.20 27.76 -7.37
C LEU A 867 -36.42 27.92 -6.48
N THR A 868 -37.23 28.96 -6.71
CA THR A 868 -38.43 29.16 -5.91
C THR A 868 -39.40 27.99 -6.10
N ALA A 869 -39.46 27.44 -7.30
CA ALA A 869 -40.26 26.22 -7.50
C ALA A 869 -39.68 25.05 -6.73
N SER A 870 -38.38 25.07 -6.46
CA SER A 870 -37.72 24.05 -5.66
C SER A 870 -37.99 24.20 -4.18
N GLY A 871 -38.86 25.14 -3.80
CA GLY A 871 -39.29 25.29 -2.43
C GLY A 871 -38.57 26.35 -1.63
N ALA A 872 -37.51 26.95 -2.18
CA ALA A 872 -36.69 27.91 -1.44
C ALA A 872 -37.12 29.34 -1.74
N SER A 873 -37.17 30.16 -0.69
CA SER A 873 -37.31 31.58 -0.88
C SER A 873 -36.01 32.13 -1.45
N VAL A 874 -36.09 32.92 -2.52
CA VAL A 874 -34.90 33.34 -3.26
C VAL A 874 -35.01 34.82 -3.59
N THR A 875 -33.87 35.51 -3.53
CA THR A 875 -33.76 36.91 -3.90
C THR A 875 -32.57 37.07 -4.82
N VAL A 876 -32.66 38.00 -5.77
CA VAL A 876 -31.52 38.43 -6.57
C VAL A 876 -31.34 39.91 -6.36
N VAL A 877 -30.09 40.32 -6.11
CA VAL A 877 -29.77 41.67 -5.70
C VAL A 877 -28.62 42.19 -6.54
N ALA A 878 -28.75 43.42 -7.01
CA ALA A 878 -27.66 44.13 -7.67
C ALA A 878 -26.74 44.66 -6.58
N CYS A 879 -25.53 44.11 -6.49
CA CYS A 879 -24.60 44.51 -5.44
C CYS A 879 -23.18 44.13 -5.84
N ASP A 880 -22.34 45.15 -5.99
CA ASP A 880 -20.90 44.91 -6.08
C ASP A 880 -20.39 44.59 -4.69
N ALA A 881 -19.92 43.35 -4.49
CA ALA A 881 -19.47 42.94 -3.17
C ALA A 881 -18.27 43.73 -2.67
N ALA A 882 -17.58 44.48 -3.53
CA ALA A 882 -16.49 45.33 -3.10
C ALA A 882 -16.97 46.70 -2.61
N ASP A 883 -18.19 47.10 -2.96
CA ASP A 883 -18.78 48.34 -2.47
C ASP A 883 -19.29 48.10 -1.06
N ARG A 884 -18.44 48.38 -0.07
CA ARG A 884 -18.74 48.11 1.33
C ARG A 884 -20.08 48.71 1.76
N VAL A 885 -20.55 49.75 1.07
CA VAL A 885 -21.84 50.34 1.43
C VAL A 885 -22.99 49.57 0.78
N ALA A 886 -22.79 49.03 -0.42
CA ALA A 886 -23.84 48.24 -1.05
C ALA A 886 -24.02 46.90 -0.34
N LEU A 887 -22.91 46.28 0.10
CA LEU A 887 -23.01 45.02 0.80
C LEU A 887 -23.64 45.20 2.18
N ARG A 888 -23.21 46.23 2.92
CA ARG A 888 -23.86 46.53 4.19
C ARG A 888 -25.35 46.84 3.99
N ARG A 889 -25.70 47.52 2.91
CA ARG A 889 -27.11 47.75 2.68
C ARG A 889 -27.83 46.47 2.28
N LEU A 890 -27.12 45.51 1.69
CA LEU A 890 -27.70 44.20 1.42
C LEU A 890 -27.98 43.45 2.71
N LEU A 891 -26.93 43.23 3.51
CA LEU A 891 -27.06 42.42 4.72
C LEU A 891 -28.10 43.00 5.68
N ASP A 892 -28.15 44.33 5.81
CA ASP A 892 -29.15 44.95 6.68
C ASP A 892 -30.56 44.64 6.22
N GLY A 893 -30.75 44.32 4.93
CA GLY A 893 -32.06 44.02 4.40
C GLY A 893 -32.32 42.53 4.27
N ILE A 894 -31.78 41.74 5.19
CA ILE A 894 -32.05 40.31 5.28
C ILE A 894 -33.01 40.09 6.44
N PRO A 895 -34.06 39.29 6.28
CA PRO A 895 -35.08 39.17 7.33
C PRO A 895 -34.49 38.77 8.67
N ALA A 896 -35.05 39.33 9.74
CA ALA A 896 -34.55 39.01 11.07
C ALA A 896 -34.89 37.58 11.47
N ALA A 897 -36.01 37.06 10.97
CA ALA A 897 -36.44 35.70 11.27
C ALA A 897 -35.66 34.65 10.50
N HIS A 898 -34.74 35.05 9.62
CA HIS A 898 -33.96 34.12 8.80
C HIS A 898 -32.55 34.68 8.62
N PRO A 899 -31.82 34.88 9.72
CA PRO A 899 -30.55 35.58 9.63
C PRO A 899 -29.54 34.83 8.77
N LEU A 900 -28.58 35.59 8.24
CA LEU A 900 -27.50 34.99 7.47
C LEU A 900 -26.78 33.95 8.32
N THR A 901 -26.52 32.77 7.74
CA THR A 901 -25.77 31.73 8.43
C THR A 901 -24.66 31.10 7.60
N ALA A 902 -24.51 31.48 6.33
CA ALA A 902 -23.49 30.88 5.48
C ALA A 902 -23.37 31.69 4.20
N VAL A 903 -22.22 31.56 3.55
CA VAL A 903 -21.85 32.33 2.37
C VAL A 903 -21.07 31.44 1.42
N VAL A 904 -21.38 31.53 0.13
CA VAL A 904 -20.60 30.90 -0.94
C VAL A 904 -20.17 32.02 -1.87
N HIS A 905 -18.89 32.37 -1.83
CA HIS A 905 -18.36 33.46 -2.63
C HIS A 905 -17.90 32.94 -3.98
N ALA A 906 -18.56 33.38 -5.05
CA ALA A 906 -18.24 32.96 -6.42
C ALA A 906 -18.17 34.16 -7.36
N ALA A 907 -17.96 35.36 -6.83
CA ALA A 907 -17.72 36.51 -7.68
C ALA A 907 -16.31 36.43 -8.26
N GLY A 908 -16.17 36.85 -9.51
CA GLY A 908 -14.87 36.80 -10.15
C GLY A 908 -14.79 37.58 -11.45
N VAL A 909 -13.61 38.12 -11.75
CA VAL A 909 -13.37 38.89 -12.96
C VAL A 909 -11.99 38.53 -13.49
N LEU A 910 -11.88 38.41 -14.81
CA LEU A 910 -10.62 38.14 -15.48
C LEU A 910 -10.21 39.34 -16.31
N ASP A 911 -8.91 39.66 -16.31
CA ASP A 911 -8.37 40.70 -17.18
C ASP A 911 -6.89 40.37 -17.36
N ASP A 912 -6.57 39.69 -18.46
CA ASP A 912 -5.28 39.04 -18.64
C ASP A 912 -4.27 39.96 -19.30
N ALA A 913 -3.01 39.83 -18.88
CA ALA A 913 -1.88 40.57 -19.46
C ALA A 913 -0.59 40.05 -18.85
N THR A 914 0.48 40.10 -19.65
CA THR A 914 1.80 39.69 -19.17
C THR A 914 2.28 40.65 -18.09
N ILE A 915 3.34 40.24 -17.38
CA ILE A 915 3.88 41.05 -16.28
C ILE A 915 4.27 42.43 -16.78
N THR A 916 5.11 42.49 -17.81
CA THR A 916 5.57 43.76 -18.35
C THR A 916 4.43 44.61 -18.93
N ALA A 917 3.23 44.04 -19.09
CA ALA A 917 2.12 44.74 -19.74
C ALA A 917 0.99 45.14 -18.81
N LEU A 918 0.85 44.46 -17.67
CA LEU A 918 -0.30 44.66 -16.80
C LEU A 918 -0.30 46.08 -16.22
N THR A 919 -1.45 46.74 -16.24
CA THR A 919 -1.54 48.13 -15.79
C THR A 919 -2.02 48.18 -14.33
N ALA A 920 -2.24 49.39 -13.82
CA ALA A 920 -2.72 49.54 -12.45
C ALA A 920 -4.21 49.24 -12.35
N GLY A 921 -5.02 49.86 -13.20
CA GLY A 921 -6.45 49.59 -13.19
C GLY A 921 -6.76 48.14 -13.52
N GLN A 922 -5.93 47.52 -14.35
CA GLN A 922 -6.12 46.12 -14.70
C GLN A 922 -5.94 45.23 -13.47
N VAL A 923 -5.05 45.63 -12.55
CA VAL A 923 -4.92 44.92 -11.27
C VAL A 923 -6.14 45.18 -10.40
N ASP A 924 -6.46 46.46 -10.16
CA ASP A 924 -7.61 46.81 -9.34
C ASP A 924 -8.87 46.09 -9.80
N ALA A 925 -9.05 45.95 -11.10
CA ALA A 925 -10.29 45.38 -11.64
C ALA A 925 -10.44 43.90 -11.29
N VAL A 926 -9.34 43.18 -11.06
CA VAL A 926 -9.42 41.74 -10.84
C VAL A 926 -9.43 41.42 -9.35
N LEU A 927 -8.69 42.20 -8.56
CA LEU A 927 -8.72 42.04 -7.10
C LEU A 927 -10.06 42.45 -6.52
N ARG A 928 -10.73 43.39 -7.17
CA ARG A 928 -11.96 43.96 -6.63
C ARG A 928 -13.04 42.90 -6.32
N PRO A 929 -13.34 41.93 -7.20
CA PRO A 929 -14.32 40.89 -6.81
C PRO A 929 -13.73 39.85 -5.86
N LYS A 930 -12.44 39.55 -5.99
CA LYS A 930 -11.83 38.48 -5.19
C LYS A 930 -11.37 38.95 -3.81
N ALA A 931 -10.38 39.84 -3.78
CA ALA A 931 -9.80 40.21 -2.49
C ALA A 931 -10.65 41.26 -1.80
N ASP A 932 -11.02 42.31 -2.53
CA ASP A 932 -11.74 43.44 -1.95
C ASP A 932 -13.10 43.00 -1.40
N ALA A 933 -13.76 42.06 -2.08
CA ALA A 933 -15.07 41.58 -1.67
C ALA A 933 -14.97 40.61 -0.50
N VAL A 934 -14.04 39.64 -0.59
CA VAL A 934 -13.87 38.67 0.50
C VAL A 934 -13.63 39.38 1.83
N VAL A 935 -12.79 40.42 1.82
CA VAL A 935 -12.48 41.13 3.06
C VAL A 935 -13.72 41.84 3.61
N ASN A 936 -14.57 42.38 2.72
CA ASN A 936 -15.79 43.03 3.20
C ASN A 936 -16.75 42.02 3.81
N LEU A 937 -16.90 40.85 3.19
CA LEU A 937 -17.75 39.80 3.77
C LEU A 937 -17.21 39.35 5.12
N HIS A 938 -15.89 39.37 5.30
CA HIS A 938 -15.30 38.95 6.56
C HIS A 938 -15.57 39.96 7.67
N GLU A 939 -15.50 41.24 7.35
CA GLU A 939 -15.62 42.28 8.37
C GLU A 939 -17.06 42.72 8.63
N LEU A 940 -17.95 42.53 7.65
CA LEU A 940 -19.36 42.87 7.80
C LEU A 940 -20.20 41.77 8.44
N THR A 941 -19.62 40.60 8.68
CA THR A 941 -20.38 39.48 9.25
C THR A 941 -19.82 38.98 10.58
N ARG A 942 -18.92 39.71 11.23
CA ARG A 942 -18.41 39.31 12.55
C ARG A 942 -19.56 39.05 13.56
N ASP A 943 -20.66 39.82 13.50
CA ASP A 943 -21.79 39.58 14.43
C ASP A 943 -22.61 38.32 14.09
N ARG A 944 -22.18 37.49 13.14
CA ARG A 944 -22.88 36.26 12.78
C ARG A 944 -21.84 35.15 12.69
N GLU A 945 -22.18 33.98 13.23
CA GLU A 945 -21.26 32.84 13.22
C GLU A 945 -21.64 31.92 12.08
N LEU A 946 -20.92 32.04 10.96
CA LEU A 946 -21.29 31.33 9.76
C LEU A 946 -21.03 29.84 9.94
N SER A 947 -22.01 29.03 9.55
CA SER A 947 -21.83 27.59 9.59
C SER A 947 -20.97 27.11 8.43
N ALA A 948 -20.96 27.86 7.33
CA ALA A 948 -20.07 27.61 6.22
C ALA A 948 -19.70 28.94 5.60
N PHE A 949 -18.47 29.01 5.07
CA PHE A 949 -17.97 30.22 4.43
C PHE A 949 -16.98 29.72 3.38
N VAL A 950 -17.44 29.68 2.12
CA VAL A 950 -16.74 28.98 1.06
C VAL A 950 -16.25 30.03 0.06
N LEU A 951 -15.00 29.86 -0.38
CA LEU A 951 -14.37 30.79 -1.30
C LEU A 951 -13.98 30.02 -2.55
N PHE A 952 -14.35 30.56 -3.71
CA PHE A 952 -13.95 29.96 -4.97
C PHE A 952 -12.68 30.64 -5.46
N SER A 953 -11.66 29.84 -5.70
CA SER A 953 -10.36 30.28 -6.18
C SER A 953 -10.11 29.63 -7.55
N SER A 954 -8.88 29.73 -8.02
CA SER A 954 -8.47 29.05 -9.23
C SER A 954 -7.23 28.22 -8.96
N ALA A 955 -7.09 27.13 -9.72
CA ALA A 955 -5.87 26.33 -9.67
C ALA A 955 -4.73 27.00 -10.42
N ALA A 956 -5.03 28.05 -11.18
CA ALA A 956 -3.99 28.87 -11.79
C ALA A 956 -3.25 29.70 -10.76
N ALA A 957 -3.87 29.91 -9.59
CA ALA A 957 -3.16 30.57 -8.50
C ALA A 957 -2.08 29.66 -7.91
N LEU A 958 -2.33 28.35 -7.90
CA LEU A 958 -1.32 27.41 -7.41
C LEU A 958 -0.29 27.08 -8.48
N PHE A 959 -0.72 26.92 -9.72
CA PHE A 959 0.20 26.53 -10.78
C PHE A 959 0.93 27.72 -11.37
N GLY A 960 0.33 28.90 -11.33
CA GLY A 960 0.90 30.05 -12.00
C GLY A 960 0.65 30.07 -13.49
N SER A 961 -0.61 30.19 -13.89
CA SER A 961 -0.91 30.28 -15.31
C SER A 961 -0.30 31.58 -15.85
N PRO A 962 0.50 31.52 -16.90
CA PRO A 962 1.17 32.72 -17.40
C PRO A 962 0.18 33.75 -17.93
N GLY A 963 0.63 34.99 -17.98
CA GLY A 963 -0.21 36.09 -18.44
C GLY A 963 -1.41 36.36 -17.58
N GLN A 964 -1.42 35.86 -16.34
CA GLN A 964 -2.54 36.03 -15.42
C GLN A 964 -2.01 36.37 -14.03
N GLY A 965 -1.05 37.30 -13.98
CA GLY A 965 -0.45 37.66 -12.69
C GLY A 965 -1.47 38.17 -11.68
N ASN A 966 -2.28 39.15 -12.09
CA ASN A 966 -3.24 39.73 -11.16
C ASN A 966 -4.28 38.71 -10.72
N TYR A 967 -4.74 37.87 -11.66
CA TYR A 967 -5.71 36.83 -11.30
C TYR A 967 -5.11 35.88 -10.27
N SER A 968 -3.86 35.47 -10.46
CA SER A 968 -3.19 34.61 -9.48
C SER A 968 -3.05 35.31 -8.13
N ALA A 969 -2.75 36.61 -8.14
CA ALA A 969 -2.60 37.34 -6.89
C ALA A 969 -3.91 37.39 -6.12
N ALA A 970 -5.01 37.67 -6.81
CA ALA A 970 -6.32 37.71 -6.16
C ALA A 970 -6.66 36.35 -5.55
N ASN A 971 -6.59 35.31 -6.37
CA ASN A 971 -6.94 33.97 -5.93
C ASN A 971 -5.94 33.43 -4.90
N GLY A 972 -4.69 33.87 -4.95
CA GLY A 972 -3.75 33.49 -3.91
C GLY A 972 -4.06 34.18 -2.58
N PHE A 973 -4.51 35.44 -2.66
CA PHE A 973 -5.00 36.13 -1.46
C PHE A 973 -6.19 35.41 -0.86
N VAL A 974 -7.08 34.91 -1.71
CA VAL A 974 -8.27 34.20 -1.23
C VAL A 974 -7.89 32.91 -0.53
N ASP A 975 -7.02 32.12 -1.16
CA ASP A 975 -6.53 30.89 -0.55
C ASP A 975 -6.02 31.15 0.86
N ALA A 976 -5.19 32.19 1.01
CA ALA A 976 -4.62 32.49 2.31
C ALA A 976 -5.67 33.03 3.26
N PHE A 977 -6.63 33.80 2.74
CA PHE A 977 -7.63 34.41 3.60
C PHE A 977 -8.58 33.38 4.19
N ALA A 978 -8.58 32.15 3.67
CA ALA A 978 -9.27 31.05 4.34
C ALA A 978 -8.42 30.44 5.43
N GLN A 979 -7.13 30.23 5.14
CA GLN A 979 -6.17 29.86 6.18
C GLN A 979 -6.15 30.88 7.31
N TYR A 980 -6.41 32.15 6.99
CA TYR A 980 -6.45 33.23 7.96
C TYR A 980 -7.72 33.20 8.80
N ARG A 981 -8.82 32.65 8.27
CA ARG A 981 -10.01 32.49 9.09
C ARG A 981 -9.95 31.22 9.92
N ARG A 982 -9.46 30.12 9.35
CA ARG A 982 -9.37 28.89 10.13
C ARG A 982 -8.44 29.06 11.33
N ALA A 983 -7.40 29.88 11.17
CA ALA A 983 -6.53 30.20 12.30
C ALA A 983 -7.29 30.88 13.41
N GLN A 984 -8.28 31.71 13.07
CA GLN A 984 -9.00 32.46 14.08
C GLN A 984 -10.15 31.66 14.69
N GLY A 985 -10.32 30.41 14.28
CA GLY A 985 -11.41 29.59 14.77
C GLY A 985 -12.68 29.71 13.96
N LEU A 986 -12.64 30.31 12.78
CA LEU A 986 -13.81 30.57 11.96
C LEU A 986 -13.91 29.54 10.85
N HIS A 987 -15.13 29.22 10.46
CA HIS A 987 -15.33 28.36 9.29
C HIS A 987 -14.83 29.06 8.04
N ALA A 988 -14.18 28.29 7.18
CA ALA A 988 -13.64 28.79 5.92
C ALA A 988 -13.13 27.61 5.11
N VAL A 989 -13.17 27.76 3.79
CA VAL A 989 -12.51 26.83 2.88
C VAL A 989 -12.32 27.55 1.56
N SER A 990 -11.11 27.45 1.01
CA SER A 990 -10.84 27.95 -0.34
C SER A 990 -10.78 26.77 -1.29
N LEU A 991 -11.41 26.93 -2.45
CA LEU A 991 -11.47 25.86 -3.44
C LEU A 991 -10.79 26.38 -4.70
N ALA A 992 -9.59 25.88 -4.97
CA ALA A 992 -8.83 26.31 -6.14
C ALA A 992 -9.28 25.42 -7.30
N TRP A 993 -10.38 25.87 -7.93
CA TRP A 993 -11.07 25.05 -8.92
C TRP A 993 -10.21 24.75 -10.14
N GLY A 994 -10.42 23.57 -10.70
CA GLY A 994 -9.93 23.26 -12.03
C GLY A 994 -10.77 23.95 -13.08
N LEU A 995 -10.93 23.33 -14.24
CA LEU A 995 -11.69 23.91 -15.33
C LEU A 995 -13.05 23.24 -15.46
N TRP A 996 -14.10 24.04 -15.62
CA TRP A 996 -15.45 23.53 -15.74
C TRP A 996 -15.87 23.34 -17.20
N ALA A 997 -16.86 22.47 -17.41
CA ALA A 997 -17.27 22.09 -18.75
C ALA A 997 -18.04 23.21 -19.44
N ASP A 998 -18.86 23.95 -18.70
CA ASP A 998 -19.66 25.03 -19.27
C ASP A 998 -19.10 26.38 -18.84
N HIS A 1005 -17.46 35.25 -23.54
CA HIS A 1005 -16.64 34.22 -22.91
C HIS A 1005 -15.24 34.30 -23.49
N LEU A 1006 -14.94 35.47 -24.05
CA LEU A 1006 -13.66 35.70 -24.70
C LEU A 1006 -12.51 35.75 -23.69
N ASP A 1007 -12.72 36.45 -22.58
CA ASP A 1007 -11.69 36.48 -21.54
C ASP A 1007 -11.43 35.10 -20.98
N GLN A 1008 -12.45 34.23 -20.98
CA GLN A 1008 -12.30 32.87 -20.49
C GLN A 1008 -11.76 31.94 -21.57
N GLU A 1009 -12.19 32.14 -22.82
CA GLU A 1009 -11.70 31.36 -23.94
C GLU A 1009 -10.19 31.51 -24.10
N GLY A 1010 -9.61 32.59 -23.58
CA GLY A 1010 -8.17 32.68 -23.50
C GLY A 1010 -7.60 31.84 -22.38
N MET A 1011 -8.29 31.75 -21.25
CA MET A 1011 -7.79 30.99 -20.11
C MET A 1011 -7.91 29.49 -20.33
N ARG A 1012 -9.03 29.04 -20.89
CA ARG A 1012 -9.19 27.62 -21.22
C ARG A 1012 -8.03 27.15 -22.09
N ARG A 1013 -7.57 28.01 -23.00
CA ARG A 1013 -6.37 27.68 -23.77
C ARG A 1013 -5.18 27.47 -22.85
N ARG A 1014 -4.99 28.36 -21.87
CA ARG A 1014 -3.80 28.26 -21.02
C ARG A 1014 -3.92 27.16 -19.96
N MET A 1015 -5.13 26.85 -19.47
CA MET A 1015 -5.23 25.72 -18.55
C MET A 1015 -5.11 24.38 -19.26
N ALA A 1016 -5.43 24.30 -20.55
CA ALA A 1016 -5.24 23.05 -21.27
C ALA A 1016 -3.77 22.83 -21.60
N ARG A 1017 -3.07 23.90 -22.01
CA ARG A 1017 -1.65 23.84 -22.29
C ARG A 1017 -0.85 23.29 -21.10
N GLY A 1018 -1.39 23.40 -19.90
CA GLY A 1018 -0.76 22.89 -18.69
C GLY A 1018 -1.30 21.57 -18.20
N GLY A 1019 -2.18 20.92 -18.96
CA GLY A 1019 -2.66 19.59 -18.62
C GLY A 1019 -3.92 19.54 -17.79
N VAL A 1020 -4.61 20.66 -17.60
CA VAL A 1020 -5.89 20.65 -16.89
C VAL A 1020 -6.99 20.21 -17.85
N LEU A 1021 -7.84 19.31 -17.40
CA LEU A 1021 -8.97 18.81 -18.17
C LEU A 1021 -10.29 19.26 -17.56
N PRO A 1022 -11.37 19.33 -18.35
CA PRO A 1022 -12.61 19.90 -17.83
C PRO A 1022 -13.33 18.97 -16.86
N LEU A 1023 -13.93 19.56 -15.84
CA LEU A 1023 -14.74 18.84 -14.87
C LEU A 1023 -16.21 18.94 -15.28
N THR A 1024 -16.89 17.80 -15.36
CA THR A 1024 -18.32 17.83 -15.66
C THR A 1024 -19.05 18.63 -14.59
N THR A 1025 -20.26 19.08 -14.92
CA THR A 1025 -21.02 19.90 -13.98
C THR A 1025 -21.39 19.16 -12.71
N ASP A 1026 -21.80 17.89 -12.84
CA ASP A 1026 -22.23 17.12 -11.67
C ASP A 1026 -21.04 16.77 -10.79
N GLN A 1027 -20.01 16.20 -11.42
CA GLN A 1027 -18.75 15.88 -10.77
C GLN A 1027 -18.14 17.10 -10.08
N GLY A 1028 -18.03 18.26 -10.73
CA GLY A 1028 -17.63 19.48 -9.99
C GLY A 1028 -18.39 19.73 -8.68
N LEU A 1029 -19.73 19.62 -8.72
CA LEU A 1029 -20.54 19.79 -7.50
C LEU A 1029 -20.24 18.71 -6.48
N ALA A 1030 -20.10 17.46 -6.92
CA ALA A 1030 -19.81 16.36 -6.01
C ALA A 1030 -18.54 16.63 -5.21
N LEU A 1031 -17.55 17.28 -5.82
CA LEU A 1031 -16.34 17.64 -5.10
C LEU A 1031 -16.61 18.74 -4.08
N PHE A 1032 -17.41 19.75 -4.44
CA PHE A 1032 -17.89 20.73 -3.48
C PHE A 1032 -18.48 20.04 -2.25
N ASP A 1033 -19.38 19.08 -2.49
CA ASP A 1033 -19.98 18.32 -1.40
C ASP A 1033 -18.93 17.58 -0.57
N ALA A 1034 -18.07 16.80 -1.23
CA ALA A 1034 -17.12 15.96 -0.49
C ALA A 1034 -16.08 16.79 0.23
N ALA A 1035 -15.69 17.93 -0.34
CA ALA A 1035 -14.75 18.83 0.33
C ALA A 1035 -15.33 19.39 1.62
N GLN A 1036 -16.67 19.42 1.75
CA GLN A 1036 -17.29 19.86 2.99
C GLN A 1036 -16.95 18.95 4.17
N LEU A 1037 -16.51 17.72 3.90
CA LEU A 1037 -16.22 16.75 4.92
C LEU A 1037 -14.74 16.72 5.31
N VAL A 1038 -13.89 17.48 4.65
CA VAL A 1038 -12.44 17.45 4.86
C VAL A 1038 -12.00 18.73 5.53
N ASP A 1039 -11.14 18.61 6.55
CA ASP A 1039 -10.71 19.75 7.35
C ASP A 1039 -9.39 20.34 6.82
N GLU A 1040 -9.41 20.76 5.56
CA GLU A 1040 -8.32 21.48 4.94
C GLU A 1040 -8.81 22.87 4.54
N ALA A 1041 -8.05 23.90 4.91
CA ALA A 1041 -8.45 25.27 4.59
C ALA A 1041 -8.35 25.54 3.09
N LEU A 1042 -7.47 24.82 2.40
CA LEU A 1042 -7.27 24.98 0.96
C LEU A 1042 -7.37 23.62 0.31
N GLN A 1043 -8.23 23.50 -0.70
CA GLN A 1043 -8.43 22.21 -1.36
C GLN A 1043 -8.51 22.47 -2.86
N VAL A 1044 -8.12 21.48 -3.65
CA VAL A 1044 -7.98 21.68 -5.09
C VAL A 1044 -8.80 20.64 -5.83
N PRO A 1045 -10.07 20.92 -6.11
CA PRO A 1045 -10.87 20.02 -6.95
C PRO A 1045 -10.48 20.21 -8.40
N ILE A 1046 -9.94 19.16 -9.02
CA ILE A 1046 -9.33 19.28 -10.34
C ILE A 1046 -9.23 17.91 -10.98
N ARG A 1047 -9.17 17.90 -12.30
CA ARG A 1047 -8.97 16.71 -13.13
C ARG A 1047 -7.73 16.96 -13.96
N LEU A 1048 -6.74 16.07 -13.84
CA LEU A 1048 -5.45 16.28 -14.48
C LEU A 1048 -5.09 15.14 -15.40
N ASN A 1049 -4.54 15.49 -16.57
CA ASN A 1049 -3.98 14.53 -17.51
C ASN A 1049 -2.48 14.44 -17.23
N VAL A 1050 -2.16 13.73 -16.15
CA VAL A 1050 -0.79 13.66 -15.68
C VAL A 1050 0.09 12.92 -16.69
N GLY A 1051 -0.47 11.90 -17.32
CA GLY A 1051 0.30 11.13 -18.30
C GLY A 1051 0.77 11.96 -19.48
N ALA A 1052 -0.06 12.90 -19.93
CA ALA A 1052 0.30 13.74 -21.07
C ALA A 1052 1.44 14.71 -20.74
N LEU A 1053 1.67 15.01 -19.47
CA LEU A 1053 2.82 15.86 -19.12
C LEU A 1053 4.09 15.04 -18.96
N ARG A 1054 3.97 13.84 -18.39
CA ARG A 1054 5.09 12.91 -18.33
C ARG A 1054 5.57 12.53 -19.74
N ALA A 1055 4.63 12.27 -20.64
CA ALA A 1055 4.99 11.95 -22.02
C ALA A 1055 5.82 13.06 -22.64
N ALA A 1056 5.29 14.29 -22.65
CA ALA A 1056 5.94 15.42 -23.29
C ALA A 1056 7.06 16.03 -22.45
N GLY A 1057 7.18 15.65 -21.19
CA GLY A 1057 8.26 16.16 -20.36
C GLY A 1057 8.03 17.52 -19.74
N LYS A 1058 6.79 17.97 -19.65
CA LYS A 1058 6.45 19.30 -19.14
C LYS A 1058 5.89 19.24 -17.72
N VAL A 1059 6.41 18.35 -16.88
CA VAL A 1059 5.85 18.14 -15.55
C VAL A 1059 6.30 19.26 -14.61
N PRO A 1060 5.38 20.07 -14.08
CA PRO A 1060 5.78 21.09 -13.11
C PRO A 1060 6.21 20.45 -11.81
N ALA A 1061 7.13 21.13 -11.12
CA ALA A 1061 7.69 20.62 -9.88
C ALA A 1061 6.58 20.22 -8.90
N LEU A 1062 5.53 21.04 -8.82
CA LEU A 1062 4.45 20.79 -7.86
C LEU A 1062 3.78 19.44 -8.10
N LEU A 1063 3.79 18.95 -9.33
CA LEU A 1063 3.08 17.74 -9.72
C LEU A 1063 3.97 16.51 -9.76
N ALA A 1064 5.24 16.63 -9.36
CA ALA A 1064 6.23 15.58 -9.56
C ALA A 1064 5.88 14.27 -8.87
N ASP A 1065 5.07 14.29 -7.81
CA ASP A 1065 4.73 13.06 -7.11
C ASP A 1065 3.53 12.34 -7.69
N LEU A 1066 2.85 12.93 -8.66
CA LEU A 1066 1.69 12.29 -9.26
C LEU A 1066 2.06 11.34 -10.39
N VAL A 1067 3.32 11.27 -10.77
CA VAL A 1067 3.79 10.28 -11.75
C VAL A 1067 4.14 8.98 -11.04
N ALA B 3 -42.36 -30.11 17.78
CA ALA B 3 -41.28 -30.36 16.85
C ALA B 3 -40.08 -29.45 17.15
N HIS B 4 -38.97 -29.71 16.47
CA HIS B 4 -37.72 -28.98 16.65
C HIS B 4 -37.11 -28.75 15.28
N PRO B 5 -36.52 -27.57 15.03
CA PRO B 5 -36.01 -27.28 13.69
C PRO B 5 -34.84 -28.15 13.28
N LEU B 6 -34.09 -28.73 14.21
CA LEU B 6 -32.89 -29.49 13.89
C LEU B 6 -32.99 -30.95 14.29
N LEU B 7 -33.40 -31.25 15.52
CA LEU B 7 -33.43 -32.62 15.98
C LEU B 7 -34.57 -33.39 15.33
N GLY B 8 -34.41 -34.70 15.21
CA GLY B 8 -35.42 -35.58 14.70
C GLY B 8 -36.21 -36.25 15.80
N GLY B 9 -36.93 -37.31 15.43
CA GLY B 9 -37.71 -38.04 16.41
C GLY B 9 -36.83 -38.74 17.41
N ALA B 10 -37.35 -38.90 18.63
CA ALA B 10 -36.61 -39.57 19.68
C ALA B 10 -36.47 -41.05 19.37
N VAL B 11 -35.22 -41.52 19.27
CA VAL B 11 -34.95 -42.95 19.17
C VAL B 11 -34.76 -43.45 20.59
N GLU B 12 -35.66 -44.30 21.04
CA GLU B 12 -35.58 -44.72 22.43
C GLU B 12 -34.55 -45.84 22.58
N LEU B 13 -34.05 -45.98 23.81
CA LEU B 13 -33.03 -46.97 24.13
C LEU B 13 -33.51 -47.72 25.37
N PRO B 14 -33.99 -48.93 25.20
CA PRO B 14 -34.50 -49.70 26.34
C PRO B 14 -33.40 -50.28 27.21
N ASP B 15 -32.29 -50.68 26.60
CA ASP B 15 -31.23 -51.38 27.33
C ASP B 15 -30.70 -50.51 28.46
N ARG B 16 -30.07 -49.40 28.09
CA ARG B 16 -29.52 -48.45 29.03
C ARG B 16 -30.55 -47.47 29.57
N GLY B 17 -31.66 -47.28 28.87
CA GLY B 17 -32.61 -46.29 29.32
C GLY B 17 -32.31 -44.92 28.76
N GLY B 18 -33.32 -44.24 28.24
CA GLY B 18 -33.15 -42.89 27.76
C GLY B 18 -33.58 -42.76 26.32
N HIS B 19 -33.21 -41.62 25.75
CA HIS B 19 -33.61 -41.25 24.40
C HIS B 19 -32.38 -40.81 23.62
N VAL B 20 -32.50 -40.77 22.30
CA VAL B 20 -31.43 -40.31 21.43
C VAL B 20 -32.02 -39.43 20.34
N TYR B 21 -31.62 -38.17 20.30
CA TYR B 21 -32.09 -37.25 19.28
C TYR B 21 -31.00 -37.07 18.24
N PRO B 22 -31.17 -37.57 17.02
CA PRO B 22 -30.18 -37.33 15.98
C PRO B 22 -30.41 -35.99 15.31
N ALA B 23 -29.38 -35.51 14.61
CA ALA B 23 -29.50 -34.26 13.88
C ALA B 23 -28.39 -34.16 12.84
N ARG B 24 -28.75 -33.64 11.67
CA ARG B 24 -27.80 -33.31 10.62
C ARG B 24 -27.61 -31.80 10.61
N LEU B 25 -26.36 -31.36 10.70
CA LEU B 25 -26.06 -29.93 10.68
C LEU B 25 -25.41 -29.62 9.35
N GLY B 26 -25.94 -28.62 8.66
CA GLY B 26 -25.40 -28.23 7.38
C GLY B 26 -25.75 -26.80 7.08
N VAL B 27 -24.78 -26.05 6.55
CA VAL B 27 -24.97 -24.62 6.35
C VAL B 27 -25.93 -24.37 5.20
N ARG B 28 -25.88 -25.20 4.17
CA ARG B 28 -26.83 -25.07 3.08
C ARG B 28 -28.26 -25.36 3.55
N HIS B 29 -28.42 -26.24 4.54
CA HIS B 29 -29.74 -26.53 5.08
C HIS B 29 -30.20 -25.47 6.08
N HIS B 30 -29.27 -24.91 6.84
CA HIS B 30 -29.56 -23.95 7.90
C HIS B 30 -28.49 -22.86 7.85
N PRO B 31 -28.72 -21.80 7.06
CA PRO B 31 -27.65 -20.83 6.81
C PRO B 31 -27.05 -20.18 8.05
N TRP B 32 -27.78 -20.11 9.16
CA TRP B 32 -27.26 -19.41 10.33
C TRP B 32 -26.21 -20.23 11.09
N LEU B 33 -26.14 -21.54 10.86
CA LEU B 33 -25.17 -22.37 11.56
C LEU B 33 -23.73 -21.89 11.36
N GLY B 34 -23.46 -21.16 10.28
CA GLY B 34 -22.14 -20.63 10.02
C GLY B 34 -22.02 -19.18 10.44
N GLU B 35 -23.15 -18.52 10.67
CA GLU B 35 -23.15 -17.09 10.97
C GLU B 35 -22.76 -16.78 12.41
N HIS B 36 -22.18 -17.76 13.10
CA HIS B 36 -21.52 -17.57 14.39
C HIS B 36 -20.09 -18.04 14.24
N ALA B 37 -19.13 -17.11 14.34
CA ALA B 37 -17.74 -17.45 14.08
C ALA B 37 -16.84 -16.64 14.99
N LEU B 38 -15.77 -17.27 15.47
CA LEU B 38 -14.83 -16.65 16.38
C LEU B 38 -13.40 -16.92 15.93
N LEU B 39 -12.63 -15.84 15.72
CA LEU B 39 -11.19 -15.93 15.49
C LEU B 39 -10.88 -16.92 14.37
N GLY B 40 -11.62 -16.82 13.28
CA GLY B 40 -11.37 -17.62 12.10
C GLY B 40 -12.04 -18.97 12.09
N ALA B 41 -12.88 -19.28 13.07
CA ALA B 41 -13.54 -20.58 13.17
C ALA B 41 -15.05 -20.37 13.20
N ALA B 42 -15.72 -20.77 12.13
CA ALA B 42 -17.18 -20.84 12.14
C ALA B 42 -17.60 -22.01 13.01
N ILE B 43 -18.27 -21.72 14.12
CA ILE B 43 -18.60 -22.74 15.12
C ILE B 43 -20.03 -22.54 15.59
N LEU B 44 -20.52 -23.54 16.31
CA LEU B 44 -21.87 -23.57 16.88
C LEU B 44 -21.89 -22.85 18.22
N PRO B 45 -22.81 -21.93 18.45
CA PRO B 45 -22.81 -21.18 19.70
C PRO B 45 -23.20 -22.07 20.87
N GLY B 46 -22.68 -21.72 22.05
CA GLY B 46 -23.09 -22.40 23.27
C GLY B 46 -24.56 -22.28 23.55
N ALA B 47 -25.17 -21.13 23.20
CA ALA B 47 -26.60 -20.94 23.37
C ALA B 47 -27.42 -22.02 22.69
N ALA B 48 -26.87 -22.66 21.66
CA ALA B 48 -27.60 -23.73 20.98
C ALA B 48 -27.71 -24.97 21.86
N TYR B 49 -26.64 -25.32 22.57
CA TYR B 49 -26.69 -26.48 23.45
C TYR B 49 -27.72 -26.29 24.57
N ALA B 50 -28.06 -25.05 24.91
CA ALA B 50 -29.10 -24.79 25.89
C ALA B 50 -30.49 -24.99 25.29
N GLU B 51 -30.73 -24.39 24.12
CA GLU B 51 -31.99 -24.61 23.42
C GLU B 51 -32.30 -26.09 23.27
N LEU B 52 -31.37 -26.86 22.72
CA LEU B 52 -31.56 -28.30 22.60
C LEU B 52 -31.87 -28.93 23.96
N ALA B 53 -31.18 -28.47 25.01
CA ALA B 53 -31.31 -29.12 26.30
C ALA B 53 -32.64 -28.78 26.97
N LEU B 54 -33.08 -27.52 26.89
CA LEU B 54 -34.36 -27.15 27.50
C LEU B 54 -35.53 -27.75 26.75
N TRP B 55 -35.38 -27.97 25.45
CA TRP B 55 -36.46 -28.57 24.66
C TRP B 55 -36.53 -30.07 24.88
N ALA B 56 -35.41 -30.78 24.71
CA ALA B 56 -35.38 -32.21 24.94
C ALA B 56 -35.75 -32.55 26.37
N GLY B 57 -35.49 -31.64 27.30
CA GLY B 57 -35.81 -31.84 28.70
C GLY B 57 -37.29 -31.64 29.00
N ARG B 58 -37.89 -30.61 28.41
CA ARG B 58 -39.33 -30.39 28.59
C ARG B 58 -40.12 -31.57 28.07
N ARG B 59 -39.63 -32.24 27.01
CA ARG B 59 -40.33 -33.40 26.47
C ARG B 59 -40.22 -34.60 27.38
N ASP B 60 -39.10 -34.77 28.09
CA ASP B 60 -38.86 -35.95 28.90
C ASP B 60 -38.91 -35.65 30.40
N GLY B 61 -39.72 -34.68 30.80
CA GLY B 61 -39.96 -34.40 32.20
C GLY B 61 -39.03 -33.38 32.82
N ALA B 62 -37.75 -33.44 32.46
CA ALA B 62 -36.72 -32.61 33.09
C ALA B 62 -36.53 -31.32 32.29
N GLY B 63 -37.46 -30.38 32.48
CA GLY B 63 -37.46 -29.14 31.73
C GLY B 63 -36.48 -28.08 32.19
N ARG B 64 -35.83 -28.29 33.33
CA ARG B 64 -34.82 -27.38 33.87
C ARG B 64 -33.44 -27.97 33.69
N ILE B 65 -32.47 -27.11 33.40
CA ILE B 65 -31.08 -27.52 33.28
C ILE B 65 -30.43 -27.32 34.64
N GLU B 66 -30.09 -28.43 35.30
CA GLU B 66 -29.30 -28.32 36.53
C GLU B 66 -27.90 -27.81 36.23
N GLU B 67 -27.18 -28.50 35.35
CA GLU B 67 -25.85 -28.10 34.96
C GLU B 67 -25.66 -28.48 33.49
N LEU B 68 -25.00 -27.60 32.75
CA LEU B 68 -24.63 -27.88 31.37
C LEU B 68 -23.18 -27.45 31.18
N THR B 69 -22.32 -28.40 30.84
CA THR B 69 -20.90 -28.15 30.65
C THR B 69 -20.56 -28.31 29.19
N LEU B 70 -19.78 -27.38 28.66
CA LEU B 70 -19.34 -27.40 27.27
C LEU B 70 -17.86 -27.74 27.24
N ASP B 71 -17.50 -28.78 26.49
CA ASP B 71 -16.13 -29.29 26.49
C ASP B 71 -15.30 -28.71 25.36
N ALA B 72 -15.82 -28.70 24.14
CA ALA B 72 -15.07 -28.21 23.00
C ALA B 72 -15.99 -27.77 21.88
N PRO B 73 -15.77 -26.60 21.29
CA PRO B 73 -16.72 -26.09 20.29
C PRO B 73 -16.77 -26.99 19.05
N LEU B 74 -17.89 -26.90 18.35
CA LEU B 74 -18.11 -27.66 17.12
C LEU B 74 -17.89 -26.75 15.92
N VAL B 75 -16.86 -27.06 15.13
CA VAL B 75 -16.47 -26.24 14.00
C VAL B 75 -17.27 -26.64 12.77
N VAL B 76 -17.60 -25.67 11.94
CA VAL B 76 -18.29 -25.92 10.69
C VAL B 76 -17.32 -25.74 9.53
N ALA B 77 -17.03 -26.84 8.83
CA ALA B 77 -16.43 -26.72 7.50
C ALA B 77 -17.59 -26.37 6.57
N ASP B 78 -17.46 -25.25 5.85
CA ASP B 78 -18.61 -24.62 5.20
C ASP B 78 -19.55 -25.59 4.49
N GLU B 79 -19.10 -26.23 3.41
CA GLU B 79 -20.01 -27.12 2.69
C GLU B 79 -20.38 -28.33 3.52
N SER B 80 -19.39 -29.14 3.89
CA SER B 80 -19.63 -30.44 4.50
C SER B 80 -20.45 -30.32 5.78
N ALA B 81 -21.54 -31.09 5.83
CA ALA B 81 -22.40 -31.19 6.99
C ALA B 81 -21.74 -32.01 8.10
N ALA B 82 -22.37 -32.03 9.27
CA ALA B 82 -21.85 -32.78 10.41
C ALA B 82 -23.00 -33.49 11.11
N GLN B 83 -22.77 -34.73 11.53
CA GLN B 83 -23.74 -35.46 12.33
C GLN B 83 -23.63 -35.08 13.80
N LEU B 84 -24.77 -35.04 14.49
CA LEU B 84 -24.82 -34.72 15.91
C LEU B 84 -25.66 -35.74 16.65
N ARG B 85 -25.23 -36.09 17.86
CA ARG B 85 -25.97 -37.01 18.71
C ARG B 85 -26.23 -36.37 20.07
N LEU B 86 -27.49 -36.36 20.48
CA LEU B 86 -27.87 -36.02 21.84
C LEU B 86 -28.42 -37.26 22.50
N VAL B 87 -27.87 -37.61 23.66
CA VAL B 87 -28.39 -38.71 24.45
C VAL B 87 -28.90 -38.14 25.76
N VAL B 88 -30.12 -38.52 26.13
CA VAL B 88 -30.73 -38.13 27.38
C VAL B 88 -30.80 -39.37 28.26
N GLY B 89 -30.32 -39.27 29.48
CA GLY B 89 -30.25 -40.42 30.36
C GLY B 89 -31.59 -40.75 30.98
N PRO B 90 -31.71 -41.95 31.54
CA PRO B 90 -32.96 -42.32 32.21
C PRO B 90 -33.18 -41.53 33.49
N ALA B 91 -34.45 -41.44 33.86
CA ALA B 91 -34.85 -40.68 35.03
C ALA B 91 -34.54 -41.45 36.30
N ASP B 92 -33.79 -40.84 37.21
CA ASP B 92 -33.52 -41.47 38.49
C ASP B 92 -34.75 -41.26 39.37
N ALA B 93 -34.62 -41.54 40.67
CA ALA B 93 -35.76 -41.42 41.56
C ALA B 93 -36.27 -39.99 41.71
N GLU B 94 -35.51 -38.98 41.27
CA GLU B 94 -35.88 -37.59 41.47
C GLU B 94 -36.13 -36.83 40.18
N GLY B 95 -36.13 -37.50 39.03
CA GLY B 95 -36.29 -36.81 37.78
C GLY B 95 -35.00 -36.34 37.15
N ARG B 96 -33.85 -36.61 37.77
CA ARG B 96 -32.59 -36.18 37.18
C ARG B 96 -32.29 -37.06 35.98
N ARG B 97 -31.73 -36.45 34.93
CA ARG B 97 -31.42 -37.16 33.71
C ARG B 97 -30.06 -36.70 33.21
N GLN B 98 -29.20 -37.65 32.86
CA GLN B 98 -27.91 -37.29 32.32
C GLN B 98 -28.07 -36.76 30.91
N LEU B 99 -26.97 -36.22 30.37
CA LEU B 99 -27.01 -35.59 29.06
C LEU B 99 -25.60 -35.51 28.51
N THR B 100 -25.47 -35.76 27.21
CA THR B 100 -24.22 -35.61 26.48
C THR B 100 -24.56 -35.19 25.06
N VAL B 101 -23.68 -34.39 24.45
CA VAL B 101 -23.82 -33.99 23.06
C VAL B 101 -22.52 -34.33 22.33
N HIS B 102 -22.65 -34.95 21.16
CA HIS B 102 -21.54 -35.54 20.44
C HIS B 102 -21.68 -35.26 18.95
N SER B 103 -20.55 -35.18 18.26
CA SER B 103 -20.57 -34.85 16.84
C SER B 103 -19.43 -35.53 16.10
N ARG B 104 -19.68 -35.84 14.84
CA ARG B 104 -18.68 -36.40 13.94
C ARG B 104 -18.97 -35.93 12.53
N ALA B 105 -17.90 -35.66 11.78
CA ALA B 105 -18.04 -35.11 10.43
C ALA B 105 -18.81 -36.06 9.53
N ASP B 106 -19.65 -35.50 8.66
CA ASP B 106 -20.50 -36.30 7.78
C ASP B 106 -19.66 -37.20 6.88
N GLY B 107 -20.02 -38.48 6.83
CA GLY B 107 -19.37 -39.44 5.96
C GLY B 107 -18.06 -40.00 6.47
N ALA B 108 -17.50 -39.49 7.56
CA ALA B 108 -16.26 -40.00 8.11
C ALA B 108 -16.39 -41.49 8.43
N ASP B 109 -15.25 -42.16 8.62
CA ASP B 109 -15.30 -43.59 8.82
C ASP B 109 -15.88 -43.92 10.19
N ALA B 110 -16.54 -45.07 10.27
CA ALA B 110 -17.19 -45.49 11.51
C ALA B 110 -16.22 -45.77 12.63
N ASP B 111 -14.96 -46.11 12.31
CA ASP B 111 -13.98 -46.43 13.32
C ASP B 111 -13.33 -45.19 13.93
N THR B 112 -13.45 -44.03 13.28
CA THR B 112 -13.01 -42.77 13.87
C THR B 112 -14.03 -42.33 14.92
N ALA B 113 -13.53 -41.79 16.02
CA ALA B 113 -14.36 -41.51 17.18
C ALA B 113 -15.04 -40.15 17.07
N TRP B 114 -15.95 -39.90 18.01
CA TRP B 114 -16.79 -38.71 18.07
C TRP B 114 -16.18 -37.69 19.03
N THR B 115 -16.29 -36.41 18.66
CA THR B 115 -15.92 -35.35 19.59
C THR B 115 -17.09 -35.01 20.50
N ARG B 116 -16.80 -34.84 21.79
CA ARG B 116 -17.81 -34.49 22.78
C ARG B 116 -17.80 -32.99 23.02
N HIS B 117 -18.98 -32.38 22.90
CA HIS B 117 -19.11 -30.93 23.01
C HIS B 117 -19.85 -30.47 24.25
N ALA B 118 -20.77 -31.29 24.79
CA ALA B 118 -21.57 -30.85 25.91
C ALA B 118 -22.06 -32.07 26.68
N GLN B 119 -22.03 -31.94 28.00
CA GLN B 119 -22.61 -32.92 28.90
C GLN B 119 -23.21 -32.20 30.09
N GLY B 120 -24.29 -32.74 30.61
CA GLY B 120 -24.98 -32.07 31.71
C GLY B 120 -25.95 -33.01 32.38
N THR B 121 -26.85 -32.41 33.17
CA THR B 121 -27.84 -33.14 33.96
C THR B 121 -29.11 -32.30 34.04
N LEU B 122 -30.24 -32.92 33.74
CA LEU B 122 -31.53 -32.24 33.66
C LEU B 122 -32.40 -32.65 34.84
N VAL B 123 -33.32 -31.77 35.24
CA VAL B 123 -34.15 -31.99 36.43
C VAL B 123 -35.57 -31.49 36.19
N PRO B 124 -36.52 -31.94 37.00
CA PRO B 124 -37.87 -31.37 36.96
C PRO B 124 -37.87 -29.93 37.44
N ALA B 125 -38.90 -29.18 37.02
CA ALA B 125 -38.98 -27.78 37.41
C ALA B 125 -40.40 -27.37 37.76
N ASP B 126 -40.53 -26.65 38.88
CA ASP B 126 -41.81 -26.09 39.29
C ASP B 126 -41.90 -24.66 38.75
N ALA B 127 -42.80 -24.42 37.81
CA ALA B 127 -43.00 -23.06 37.34
C ALA B 127 -44.02 -22.29 38.17
N ASP B 128 -44.80 -22.99 39.00
CA ASP B 128 -45.80 -22.33 39.82
C ASP B 128 -45.21 -21.20 40.64
N ALA B 129 -44.01 -21.41 41.19
CA ALA B 129 -43.34 -20.39 41.98
C ALA B 129 -42.72 -19.35 41.05
N ALA B 130 -43.21 -18.11 41.17
CA ALA B 130 -42.79 -17.00 40.32
C ALA B 130 -43.07 -17.32 38.85
N TRP B 131 -44.35 -17.58 38.57
CA TRP B 131 -44.81 -17.79 37.20
C TRP B 131 -44.41 -16.59 36.35
N SER B 132 -44.64 -15.40 36.89
CA SER B 132 -44.40 -14.13 36.23
C SER B 132 -43.30 -13.42 36.99
N GLY B 133 -42.55 -12.59 36.28
CA GLY B 133 -41.47 -11.85 36.88
C GLY B 133 -42.02 -10.56 37.43
N GLU B 134 -41.23 -9.50 37.38
CA GLU B 134 -41.76 -8.19 37.63
C GLU B 134 -42.11 -7.55 36.29
N PRO B 135 -43.33 -7.72 35.77
CA PRO B 135 -43.62 -7.18 34.43
C PRO B 135 -43.86 -5.68 34.40
N GLY B 136 -44.19 -5.07 35.54
CA GLY B 136 -44.53 -3.66 35.55
C GLY B 136 -43.49 -2.88 36.31
N ALA B 137 -42.60 -2.22 35.58
CA ALA B 137 -41.50 -1.47 36.17
C ALA B 137 -40.81 -0.66 35.09
N PRO B 138 -40.44 0.60 35.38
CA PRO B 138 -39.67 1.39 34.41
C PRO B 138 -38.45 0.63 33.88
N TRP B 139 -38.43 0.38 32.58
CA TRP B 139 -37.35 -0.38 31.95
C TRP B 139 -36.88 0.39 30.73
N PRO B 140 -35.66 0.94 30.72
CA PRO B 140 -34.51 0.74 31.61
C PRO B 140 -34.70 1.42 32.97
N PRO B 141 -34.16 0.82 34.04
CA PRO B 141 -34.24 1.47 35.36
C PRO B 141 -33.65 2.87 35.33
N ALA B 142 -34.10 3.72 36.25
CA ALA B 142 -33.62 5.10 36.30
C ALA B 142 -32.12 5.15 36.52
N GLY B 143 -31.45 6.04 35.78
CA GLY B 143 -30.04 6.29 35.99
C GLY B 143 -29.09 5.34 35.30
N ALA B 144 -29.58 4.53 34.36
CA ALA B 144 -28.69 3.65 33.60
C ALA B 144 -28.03 4.41 32.46
N GLU B 145 -26.75 4.16 32.27
CA GLU B 145 -26.01 4.84 31.21
C GLU B 145 -26.22 4.14 29.87
N PRO B 146 -26.68 4.84 28.84
CA PRO B 146 -26.75 4.23 27.51
C PRO B 146 -25.39 3.74 27.06
N VAL B 147 -25.38 2.59 26.38
CA VAL B 147 -24.16 2.01 25.83
C VAL B 147 -24.17 2.25 24.32
N GLU B 148 -23.01 2.60 23.78
CA GLU B 148 -22.91 2.97 22.37
C GLU B 148 -23.08 1.75 21.49
N VAL B 149 -24.25 1.64 20.85
CA VAL B 149 -24.52 0.51 19.96
C VAL B 149 -24.05 0.77 18.53
N ALA B 150 -23.79 2.03 18.17
CA ALA B 150 -23.31 2.33 16.82
C ALA B 150 -22.06 1.53 16.49
N GLY B 151 -22.12 0.80 15.38
CA GLY B 151 -20.98 0.05 14.90
C GLY B 151 -20.48 -1.00 15.86
N LEU B 152 -21.35 -1.54 16.70
CA LEU B 152 -20.92 -2.51 17.71
C LEU B 152 -20.33 -3.76 17.08
N TYR B 153 -20.99 -4.31 16.06
CA TYR B 153 -20.51 -5.56 15.49
C TYR B 153 -19.23 -5.37 14.70
N ASP B 154 -18.99 -4.15 14.20
CA ASP B 154 -17.65 -3.85 13.71
C ASP B 154 -16.63 -3.90 14.84
N ARG B 155 -17.07 -3.63 16.08
CA ARG B 155 -16.14 -3.65 17.20
C ARG B 155 -15.93 -5.07 17.71
N PHE B 156 -16.97 -5.91 17.67
CA PHE B 156 -16.77 -7.32 17.94
C PHE B 156 -15.75 -7.93 16.98
N ALA B 157 -15.93 -7.70 15.68
CA ALA B 157 -15.01 -8.22 14.68
C ALA B 157 -13.57 -7.87 15.01
N ASP B 158 -13.31 -6.61 15.35
CA ASP B 158 -11.95 -6.16 15.65
C ASP B 158 -11.33 -6.97 16.77
N ARG B 159 -12.13 -7.41 17.74
CA ARG B 159 -11.59 -8.19 18.84
C ARG B 159 -11.50 -9.67 18.49
N GLY B 160 -12.37 -10.15 17.60
CA GLY B 160 -12.33 -11.53 17.16
C GLY B 160 -13.67 -12.21 17.15
N TYR B 161 -14.74 -11.45 17.38
CA TYR B 161 -16.11 -11.95 17.36
C TYR B 161 -16.70 -11.69 15.98
N GLN B 162 -16.44 -12.58 15.03
CA GLN B 162 -17.01 -12.42 13.69
C GLN B 162 -18.45 -12.93 13.73
N TYR B 163 -19.40 -12.01 13.83
CA TYR B 163 -20.81 -12.31 14.04
C TYR B 163 -21.57 -12.05 12.73
N GLY B 164 -22.30 -13.07 12.28
CA GLY B 164 -23.00 -12.99 11.01
C GLY B 164 -24.32 -12.27 11.11
N PRO B 165 -25.01 -12.18 9.98
CA PRO B 165 -26.28 -11.43 9.94
C PRO B 165 -27.33 -11.91 10.94
N SER B 166 -27.31 -13.18 11.35
CA SER B 166 -28.37 -13.70 12.19
C SER B 166 -28.17 -13.41 13.67
N PHE B 167 -26.93 -13.15 14.11
CA PHE B 167 -26.73 -12.92 15.54
C PHE B 167 -26.57 -11.46 15.89
N ARG B 168 -26.40 -10.58 14.90
CA ARG B 168 -26.24 -9.15 15.19
C ARG B 168 -27.62 -8.58 15.55
N GLY B 169 -28.08 -8.95 16.73
CA GLY B 169 -29.43 -8.62 17.12
C GLY B 169 -29.52 -7.82 18.40
N VAL B 170 -28.40 -7.25 18.82
CA VAL B 170 -28.39 -6.34 19.96
C VAL B 170 -28.78 -4.96 19.45
N ARG B 171 -29.90 -4.42 19.95
CA ARG B 171 -30.41 -3.15 19.46
C ARG B 171 -30.26 -1.98 20.42
N ALA B 172 -30.14 -2.23 21.72
CA ALA B 172 -29.90 -1.18 22.70
C ALA B 172 -29.40 -1.82 23.99
N ALA B 173 -28.77 -1.01 24.84
CA ALA B 173 -28.28 -1.52 26.12
C ALA B 173 -27.88 -0.37 27.04
N TRP B 174 -27.76 -0.70 28.33
CA TRP B 174 -27.53 0.28 29.39
C TRP B 174 -26.74 -0.40 30.51
N ARG B 175 -25.82 0.33 31.12
CA ARG B 175 -25.05 -0.14 32.27
C ARG B 175 -25.47 0.62 33.52
N ALA B 176 -25.63 -0.11 34.64
CA ALA B 176 -25.94 0.47 35.95
C ALA B 176 -25.13 -0.26 37.02
N GLY B 177 -23.93 0.25 37.29
CA GLY B 177 -23.05 -0.38 38.27
C GLY B 177 -22.77 -1.82 37.91
N ASP B 178 -23.15 -2.74 38.81
CA ASP B 178 -22.93 -4.17 38.58
C ASP B 178 -23.59 -4.67 37.31
N THR B 179 -24.62 -3.98 36.83
CA THR B 179 -25.65 -4.57 35.98
C THR B 179 -25.56 -4.04 34.56
N VAL B 180 -26.17 -4.81 33.65
CA VAL B 180 -26.31 -4.46 32.23
C VAL B 180 -27.74 -4.79 31.84
N TYR B 181 -28.40 -3.84 31.21
CA TYR B 181 -29.74 -4.03 30.68
C TYR B 181 -29.65 -3.91 29.17
N ALA B 182 -30.37 -4.76 28.45
CA ALA B 182 -30.21 -4.79 27.00
C ALA B 182 -31.47 -5.28 26.32
N GLU B 183 -31.70 -4.78 25.11
CA GLU B 183 -32.78 -5.21 24.24
C GLU B 183 -32.18 -6.00 23.09
N VAL B 184 -32.75 -7.16 22.81
CA VAL B 184 -32.33 -7.97 21.67
C VAL B 184 -33.55 -8.40 20.87
N ALA B 185 -33.33 -8.63 19.57
CA ALA B 185 -34.39 -9.02 18.67
C ALA B 185 -33.76 -9.67 17.43
N LEU B 186 -34.36 -10.77 16.97
CA LEU B 186 -33.85 -11.47 15.80
C LEU B 186 -33.74 -10.54 14.60
N PRO B 187 -32.57 -10.45 13.96
CA PRO B 187 -32.49 -9.72 12.69
C PRO B 187 -33.40 -10.29 11.62
N VAL B 188 -33.45 -11.61 11.51
CA VAL B 188 -34.24 -12.33 10.53
C VAL B 188 -35.32 -13.11 11.29
N PRO B 189 -36.60 -12.91 10.99
CA PRO B 189 -37.65 -13.67 11.66
C PRO B 189 -37.59 -15.16 11.36
N GLN B 190 -38.15 -15.94 12.29
CA GLN B 190 -38.21 -17.39 12.15
C GLN B 190 -39.48 -17.75 11.39
N PRO B 191 -39.38 -18.22 10.13
CA PRO B 191 -40.56 -18.24 9.25
C PRO B 191 -41.33 -19.55 9.06
N GLY B 192 -40.82 -20.70 9.50
CA GLY B 192 -41.34 -21.99 9.08
C GLY B 192 -42.25 -22.67 10.10
N SER B 193 -42.69 -23.86 9.73
CA SER B 193 -43.27 -24.72 10.77
C SER B 193 -42.11 -25.26 11.62
N PRO B 194 -40.87 -25.41 11.07
CA PRO B 194 -39.71 -25.48 11.96
C PRO B 194 -39.40 -24.13 12.58
N ARG B 195 -39.77 -23.96 13.84
CA ARG B 195 -39.55 -22.71 14.57
C ARG B 195 -38.91 -23.02 15.91
N PHE B 196 -38.08 -22.09 16.37
CA PHE B 196 -37.43 -22.24 17.66
C PHE B 196 -38.22 -21.70 18.84
N GLY B 197 -39.11 -20.76 18.63
CA GLY B 197 -39.80 -20.18 19.80
C GLY B 197 -38.87 -19.22 20.50
N VAL B 198 -37.66 -19.66 20.82
CA VAL B 198 -36.52 -18.78 21.11
C VAL B 198 -35.34 -19.28 20.28
N HIS B 199 -34.86 -18.46 19.36
CA HIS B 199 -33.79 -18.88 18.47
C HIS B 199 -32.48 -18.97 19.25
N PRO B 200 -31.63 -19.97 18.97
CA PRO B 200 -30.27 -19.94 19.51
C PRO B 200 -29.50 -18.68 19.12
N ALA B 201 -29.93 -18.00 18.06
CA ALA B 201 -29.32 -16.74 17.65
C ALA B 201 -29.68 -15.62 18.60
N LEU B 202 -30.95 -15.58 19.01
CA LEU B 202 -31.41 -14.53 19.91
C LEU B 202 -30.89 -14.74 21.32
N LEU B 203 -30.75 -16.00 21.76
CA LEU B 203 -30.15 -16.26 23.06
C LEU B 203 -28.69 -15.86 23.09
N ASP B 204 -27.93 -16.19 22.05
CA ASP B 204 -26.52 -15.82 22.02
C ASP B 204 -26.35 -14.32 22.03
N ALA B 205 -27.23 -13.59 21.35
CA ALA B 205 -27.23 -12.13 21.43
C ALA B 205 -27.33 -11.66 22.87
N ALA B 206 -28.15 -12.33 23.68
CA ALA B 206 -28.19 -12.03 25.10
C ALA B 206 -26.83 -12.29 25.75
N PHE B 207 -26.20 -13.42 25.42
CA PHE B 207 -24.87 -13.70 25.95
C PHE B 207 -23.86 -12.63 25.55
N GLN B 208 -24.03 -12.06 24.35
CA GLN B 208 -23.13 -11.02 23.87
C GLN B 208 -23.10 -9.84 24.83
N ALA B 209 -24.23 -9.52 25.46
CA ALA B 209 -24.32 -8.35 26.32
C ALA B 209 -23.48 -8.46 27.58
N MET B 210 -22.92 -9.64 27.87
CA MET B 210 -21.95 -9.75 28.95
C MET B 210 -20.70 -8.94 28.64
N SER B 211 -20.21 -9.03 27.40
CA SER B 211 -19.03 -8.29 26.97
C SER B 211 -19.27 -6.78 26.90
N LEU B 212 -20.47 -6.31 27.22
CA LEU B 212 -20.74 -4.87 27.24
C LEU B 212 -20.45 -4.23 28.59
N GLY B 213 -20.32 -5.03 29.65
CA GLY B 213 -20.05 -4.54 30.98
C GLY B 213 -18.61 -4.79 31.42
N ALA B 214 -18.41 -4.76 32.74
CA ALA B 214 -17.12 -5.04 33.35
C ALA B 214 -17.15 -6.38 34.09
N PHE B 215 -17.84 -7.36 33.51
CA PHE B 215 -17.94 -8.68 34.10
C PHE B 215 -16.66 -9.49 33.94
N PHE B 216 -15.87 -9.18 32.93
CA PHE B 216 -14.69 -9.90 32.47
C PHE B 216 -13.42 -9.09 32.74
N PRO B 217 -12.29 -9.76 32.94
CA PRO B 217 -11.03 -9.01 33.07
C PRO B 217 -10.73 -8.21 31.82
N GLU B 218 -10.05 -7.09 32.00
CA GLU B 218 -9.64 -6.23 30.89
C GLU B 218 -8.32 -6.75 30.29
N ASP B 219 -8.40 -7.96 29.73
CA ASP B 219 -7.24 -8.59 29.10
C ASP B 219 -7.42 -8.82 27.60
N GLY B 220 -8.42 -8.19 26.99
CA GLY B 220 -8.56 -8.25 25.54
C GLY B 220 -8.65 -9.65 24.96
N GLN B 221 -9.15 -10.62 25.72
CA GLN B 221 -9.31 -11.97 25.21
C GLN B 221 -10.77 -12.29 24.92
N VAL B 222 -10.95 -13.31 24.09
CA VAL B 222 -12.25 -13.75 23.61
C VAL B 222 -12.78 -14.81 24.58
N ARG B 223 -14.08 -14.78 24.86
CA ARG B 223 -14.67 -15.62 25.90
C ARG B 223 -15.93 -16.28 25.39
N MET B 224 -16.09 -17.57 25.68
CA MET B 224 -17.24 -18.37 25.33
C MET B 224 -17.98 -18.83 26.58
N PRO B 225 -19.25 -19.20 26.46
CA PRO B 225 -19.90 -19.92 27.55
C PRO B 225 -19.17 -21.23 27.81
N PHE B 226 -18.97 -21.52 29.08
CA PHE B 226 -18.26 -22.71 29.52
C PHE B 226 -19.08 -23.58 30.44
N ALA B 227 -19.94 -23.00 31.26
CA ALA B 227 -20.74 -23.78 32.21
C ALA B 227 -21.97 -22.97 32.60
N LEU B 228 -23.12 -23.63 32.59
CA LEU B 228 -24.43 -23.03 32.82
C LEU B 228 -25.12 -23.78 33.96
N ARG B 229 -25.57 -23.07 35.00
CA ARG B 229 -26.24 -23.70 36.11
C ARG B 229 -27.61 -23.09 36.33
N GLY B 230 -28.62 -23.93 36.48
CA GLY B 230 -29.94 -23.49 36.92
C GLY B 230 -30.76 -22.75 35.88
N VAL B 231 -31.00 -23.35 34.72
CA VAL B 231 -31.64 -22.68 33.60
C VAL B 231 -33.09 -23.12 33.56
N SER B 232 -34.01 -22.19 33.83
CA SER B 232 -35.45 -22.45 33.78
C SER B 232 -36.08 -21.66 32.64
N SER B 233 -36.87 -22.35 31.84
CA SER B 233 -37.67 -21.74 30.78
C SER B 233 -39.14 -21.80 31.17
N SER B 234 -39.88 -20.75 30.86
CA SER B 234 -41.28 -20.66 31.25
C SER B 234 -42.23 -21.01 30.11
N GLY B 235 -41.75 -21.71 29.09
CA GLY B 235 -42.61 -21.93 27.95
C GLY B 235 -42.41 -20.92 26.86
N VAL B 236 -43.43 -20.75 26.02
CA VAL B 236 -43.36 -19.95 24.80
C VAL B 236 -42.64 -18.62 25.04
N GLY B 237 -41.73 -18.28 24.13
CA GLY B 237 -41.03 -17.01 24.18
C GLY B 237 -41.42 -16.10 23.04
N ALA B 238 -40.54 -15.19 22.66
CA ALA B 238 -40.86 -14.22 21.62
C ALA B 238 -39.68 -14.09 20.66
N ASP B 239 -39.76 -13.07 19.82
CA ASP B 239 -38.71 -12.66 18.91
C ASP B 239 -37.91 -11.50 19.46
N ARG B 240 -38.45 -10.81 20.45
CA ARG B 240 -37.81 -9.68 21.11
C ARG B 240 -37.70 -9.98 22.59
N LEU B 241 -36.56 -9.64 23.18
CA LEU B 241 -36.29 -9.95 24.56
C LEU B 241 -35.77 -8.71 25.28
N ARG B 242 -35.94 -8.73 26.60
CA ARG B 242 -35.37 -7.72 27.49
C ARG B 242 -34.52 -8.45 28.50
N VAL B 243 -33.22 -8.18 28.48
CA VAL B 243 -32.24 -8.98 29.20
C VAL B 243 -31.69 -8.16 30.36
N THR B 244 -31.69 -8.75 31.54
CA THR B 244 -31.02 -8.20 32.72
C THR B 244 -29.90 -9.15 33.09
N ILE B 245 -28.70 -8.60 33.28
CA ILE B 245 -27.52 -9.38 33.59
C ILE B 245 -26.98 -8.88 34.91
N SER B 246 -26.90 -9.77 35.89
CA SER B 246 -26.35 -9.48 37.19
C SER B 246 -25.13 -10.36 37.46
N PRO B 247 -24.19 -9.88 38.29
CA PRO B 247 -23.09 -10.75 38.73
C PRO B 247 -23.57 -11.73 39.80
N ALA B 248 -23.34 -13.01 39.55
CA ALA B 248 -23.59 -14.06 40.53
C ALA B 248 -22.30 -14.83 40.74
N GLY B 249 -21.44 -14.29 41.61
CA GLY B 249 -20.17 -14.89 41.94
C GLY B 249 -19.00 -14.05 41.46
N ALA B 250 -17.83 -14.70 41.40
CA ALA B 250 -16.63 -14.00 40.94
C ALA B 250 -16.56 -13.92 39.41
N GLU B 251 -16.68 -15.05 38.73
CA GLU B 251 -16.61 -15.10 37.28
C GLU B 251 -17.92 -15.52 36.64
N ALA B 252 -19.02 -15.44 37.38
CA ALA B 252 -20.31 -15.94 36.89
C ALA B 252 -21.37 -14.88 37.02
N VAL B 253 -22.28 -14.88 36.05
CA VAL B 253 -23.34 -13.88 35.95
C VAL B 253 -24.70 -14.57 35.84
N ARG B 254 -25.73 -13.82 36.17
CA ARG B 254 -27.11 -14.26 36.08
C ARG B 254 -27.81 -13.49 34.97
N ILE B 255 -28.51 -14.20 34.10
CA ILE B 255 -29.20 -13.63 32.96
C ILE B 255 -30.69 -13.86 33.16
N ALA B 256 -31.48 -12.81 33.07
CA ALA B 256 -32.92 -12.87 33.25
C ALA B 256 -33.57 -12.21 32.05
N CYS B 257 -34.30 -12.99 31.26
CA CYS B 257 -34.87 -12.50 30.02
C CYS B 257 -36.39 -12.51 30.07
N VAL B 258 -36.98 -11.42 29.55
CA VAL B 258 -38.43 -11.29 29.40
C VAL B 258 -38.68 -10.83 27.96
N ASP B 259 -39.96 -10.76 27.59
CA ASP B 259 -40.31 -10.16 26.30
C ASP B 259 -40.61 -8.68 26.53
N GLU B 260 -41.09 -8.00 25.50
CA GLU B 260 -41.45 -6.60 25.62
C GLU B 260 -42.55 -6.38 26.67
N ARG B 261 -43.33 -7.40 26.98
CA ARG B 261 -44.48 -7.27 27.87
C ARG B 261 -44.24 -7.76 29.30
N GLY B 262 -43.04 -8.23 29.62
CA GLY B 262 -42.78 -8.72 30.95
C GLY B 262 -42.89 -10.22 31.12
N ASN B 263 -43.10 -10.94 30.03
CA ASN B 263 -43.20 -12.40 30.03
C ASN B 263 -41.88 -13.03 30.43
N PRO B 264 -41.79 -13.71 31.57
CA PRO B 264 -40.54 -14.44 31.87
C PRO B 264 -40.33 -15.51 30.82
N VAL B 265 -39.26 -15.38 30.07
CA VAL B 265 -38.97 -16.34 29.01
C VAL B 265 -38.02 -17.40 29.56
N VAL B 266 -36.86 -16.96 30.05
CA VAL B 266 -35.88 -17.85 30.66
C VAL B 266 -35.14 -17.08 31.74
N VAL B 267 -34.61 -17.81 32.72
CA VAL B 267 -33.76 -17.25 33.75
C VAL B 267 -32.61 -18.24 33.95
N ILE B 268 -31.38 -17.75 33.88
CA ILE B 268 -30.18 -18.56 34.05
C ILE B 268 -29.58 -18.17 35.39
N ASP B 269 -29.56 -19.11 36.34
CA ASP B 269 -29.09 -18.80 37.68
C ASP B 269 -27.62 -18.40 37.70
N SER B 270 -26.79 -18.97 36.83
CA SER B 270 -25.40 -18.59 36.73
C SER B 270 -24.74 -19.14 35.47
N LEU B 271 -24.03 -18.27 34.75
CA LEU B 271 -23.23 -18.64 33.58
C LEU B 271 -21.78 -18.36 33.87
N VAL B 272 -20.91 -19.28 33.47
CA VAL B 272 -19.47 -19.09 33.61
C VAL B 272 -18.86 -19.12 32.21
N ALA B 273 -18.20 -18.03 31.85
CA ALA B 273 -17.46 -17.95 30.61
C ALA B 273 -15.99 -18.18 30.89
N ARG B 274 -15.30 -18.73 29.90
CA ARG B 274 -13.88 -19.04 30.07
C ARG B 274 -13.22 -18.83 28.72
N ALA B 275 -12.07 -18.15 28.73
CA ALA B 275 -11.36 -17.75 27.53
C ALA B 275 -11.17 -18.89 26.54
N VAL B 276 -11.04 -18.57 25.26
CA VAL B 276 -11.05 -19.57 24.19
C VAL B 276 -9.63 -20.10 24.04
N PRO B 277 -9.39 -21.38 24.27
CA PRO B 277 -8.08 -21.96 23.92
C PRO B 277 -7.79 -21.79 22.45
N VAL B 278 -6.62 -21.22 22.15
CA VAL B 278 -6.14 -21.20 20.77
C VAL B 278 -6.09 -22.61 20.18
N GLU B 279 -5.79 -23.61 21.03
CA GLU B 279 -5.74 -25.00 20.58
C GLU B 279 -7.03 -25.45 19.91
N ALA B 280 -8.17 -24.89 20.32
CA ALA B 280 -9.47 -25.51 20.12
C ALA B 280 -10.12 -25.13 18.80
N LEU B 281 -9.34 -24.83 17.77
CA LEU B 281 -9.89 -24.33 16.52
C LEU B 281 -9.37 -25.13 15.33
N THR B 282 -10.20 -25.18 14.28
CA THR B 282 -9.86 -25.72 12.96
C THR B 282 -10.61 -24.86 11.95
N PRO B 283 -10.04 -24.64 10.76
CA PRO B 283 -10.49 -23.52 9.93
C PRO B 283 -11.91 -23.68 9.38
N GLY B 284 -12.72 -22.64 9.59
CA GLY B 284 -14.03 -22.56 8.97
C GLY B 284 -14.05 -21.67 7.74
N THR B 285 -13.04 -20.79 7.62
CA THR B 285 -12.84 -19.85 6.52
C THR B 285 -14.05 -18.93 6.34
N PRO B 286 -14.61 -18.31 7.43
CA PRO B 286 -15.73 -17.38 7.23
C PRO B 286 -15.34 -16.00 6.69
N GLY B 287 -14.66 -15.22 7.53
CA GLY B 287 -14.17 -13.89 7.22
C GLY B 287 -12.78 -13.76 7.78
N ILE B 288 -12.20 -14.92 8.08
CA ILE B 288 -10.90 -15.08 8.73
C ILE B 288 -9.86 -14.22 8.01
N PRO B 289 -9.30 -13.21 8.68
CA PRO B 289 -8.18 -12.48 8.07
C PRO B 289 -6.85 -13.17 8.26
N GLY B 290 -6.74 -14.09 9.21
CA GLY B 290 -5.53 -14.88 9.38
C GLY B 290 -5.48 -16.12 8.51
N ALA B 291 -5.11 -15.94 7.24
CA ALA B 291 -4.82 -17.04 6.31
C ALA B 291 -6.02 -17.98 6.17
N GLY B 292 -7.06 -17.43 5.52
CA GLY B 292 -8.25 -18.21 5.22
C GLY B 292 -7.95 -19.57 4.63
N ASP B 293 -7.00 -19.63 3.70
CA ASP B 293 -6.68 -20.84 2.96
C ASP B 293 -5.27 -21.35 3.26
N GLY B 294 -4.31 -20.46 3.47
CA GLY B 294 -2.91 -20.82 3.63
C GLY B 294 -2.04 -20.10 2.61
N ALA B 295 -0.79 -19.85 3.00
CA ALA B 295 0.10 -19.02 2.21
C ALA B 295 1.55 -19.45 2.41
N LEU B 296 2.41 -18.88 1.55
CA LEU B 296 3.84 -19.20 1.50
C LEU B 296 4.61 -18.10 2.22
N HIS B 297 5.24 -18.45 3.34
CA HIS B 297 5.98 -17.50 4.16
C HIS B 297 7.48 -17.78 4.06
N HIS B 298 8.29 -16.73 4.24
CA HIS B 298 9.74 -16.91 4.35
C HIS B 298 10.29 -16.01 5.44
N VAL B 299 11.33 -16.50 6.12
CA VAL B 299 12.01 -15.71 7.14
C VAL B 299 12.84 -14.62 6.47
N ALA B 300 12.89 -13.45 7.10
CA ALA B 300 13.65 -12.30 6.60
C ALA B 300 14.48 -11.76 7.74
N TRP B 301 15.79 -11.84 7.61
CA TRP B 301 16.69 -11.29 8.63
C TRP B 301 16.83 -9.79 8.39
N THR B 302 16.32 -9.00 9.32
CA THR B 302 16.17 -7.56 9.19
C THR B 302 16.91 -6.86 10.33
N ALA B 303 17.66 -5.81 9.98
CA ALA B 303 18.64 -5.22 10.87
C ALA B 303 18.04 -4.16 11.78
N ARG B 304 18.58 -4.07 13.00
CA ARG B 304 18.16 -3.04 13.93
C ARG B 304 18.74 -1.68 13.56
N PRO B 305 18.09 -0.60 13.98
CA PRO B 305 18.76 0.70 13.96
C PRO B 305 19.93 0.70 14.93
N GLU B 306 20.97 1.45 14.58
CA GLU B 306 22.15 1.51 15.42
C GLU B 306 21.77 2.05 16.79
N PRO B 307 22.18 1.41 17.88
CA PRO B 307 21.74 1.86 19.21
C PRO B 307 22.29 3.25 19.50
N GLY B 308 21.42 4.13 20.00
CA GLY B 308 21.79 5.49 20.25
C GLY B 308 22.77 5.69 21.37
N VAL B 309 23.21 4.60 22.02
CA VAL B 309 24.03 4.69 23.23
C VAL B 309 24.67 3.34 23.50
N ALA B 310 25.84 3.34 24.16
CA ALA B 310 26.56 2.10 24.41
C ALA B 310 25.85 1.24 25.44
N ALA B 311 25.72 -0.06 25.14
CA ALA B 311 25.10 -1.03 26.02
C ALA B 311 26.14 -2.03 26.51
N VAL B 312 25.91 -2.60 27.71
CA VAL B 312 26.88 -3.49 28.33
C VAL B 312 26.14 -4.51 29.19
N GLN B 313 26.76 -5.68 29.34
CA GLN B 313 26.33 -6.70 30.29
C GLN B 313 27.59 -7.27 30.95
N ARG B 314 27.40 -8.08 31.99
CA ARG B 314 28.49 -8.88 32.54
C ARG B 314 28.61 -10.19 31.76
N TRP B 315 29.82 -10.50 31.32
CA TRP B 315 30.06 -11.66 30.48
C TRP B 315 31.00 -12.64 31.16
N ALA B 316 30.71 -13.93 30.98
CA ALA B 316 31.59 -15.01 31.40
C ALA B 316 31.72 -15.95 30.20
N VAL B 317 32.91 -16.03 29.64
CA VAL B 317 33.15 -16.84 28.46
C VAL B 317 33.57 -18.23 28.90
N VAL B 318 32.83 -19.24 28.44
CA VAL B 318 33.04 -20.62 28.82
C VAL B 318 33.34 -21.43 27.56
N GLY B 319 34.57 -21.91 27.43
CA GLY B 319 34.92 -22.84 26.38
C GLY B 319 36.00 -22.29 25.45
N ALA B 320 35.85 -22.59 24.16
CA ALA B 320 36.96 -22.55 23.21
C ALA B 320 37.60 -21.18 23.09
N ALA B 321 36.82 -20.10 23.23
CA ALA B 321 37.31 -18.74 23.13
C ALA B 321 38.07 -18.52 21.82
N ASP B 322 37.27 -18.49 20.75
CA ASP B 322 37.79 -18.12 19.44
C ASP B 322 38.57 -16.81 19.54
N PRO B 323 39.73 -16.71 18.88
CA PRO B 323 40.51 -15.46 18.91
C PRO B 323 39.74 -14.32 18.25
N GLY B 324 39.64 -13.20 18.97
CA GLY B 324 38.94 -12.03 18.51
C GLY B 324 37.59 -11.81 19.16
N LEU B 325 36.99 -12.86 19.73
CA LEU B 325 35.68 -12.72 20.36
C LEU B 325 35.78 -11.94 21.67
N ALA B 326 36.65 -12.40 22.58
CA ALA B 326 36.82 -11.74 23.86
C ALA B 326 37.17 -10.26 23.70
N GLY B 327 37.93 -9.92 22.65
CA GLY B 327 38.31 -8.52 22.45
C GLY B 327 37.11 -7.60 22.34
N GLY B 328 36.04 -8.06 21.68
CA GLY B 328 34.86 -7.23 21.57
C GLY B 328 34.10 -7.11 22.87
N LEU B 329 34.00 -8.20 23.62
CA LEU B 329 33.26 -8.17 24.88
C LEU B 329 33.94 -7.27 25.91
N ASP B 330 35.27 -7.33 26.00
CA ASP B 330 35.98 -6.51 26.97
C ASP B 330 36.09 -5.06 26.53
N ARG B 331 35.88 -4.77 25.24
CA ARG B 331 35.86 -3.38 24.78
C ARG B 331 34.91 -2.55 25.62
N ALA B 332 33.64 -2.99 25.69
CA ALA B 332 32.64 -2.27 26.48
C ALA B 332 32.86 -2.39 27.97
N GLY B 333 33.80 -3.24 28.41
CA GLY B 333 34.04 -3.42 29.83
C GLY B 333 33.08 -4.38 30.49
N GLY B 334 32.76 -5.49 29.85
CA GLY B 334 31.79 -6.41 30.41
C GLY B 334 32.30 -7.82 30.63
N LEU B 335 33.59 -8.04 30.41
CA LEU B 335 34.17 -9.37 30.47
C LEU B 335 34.63 -9.68 31.89
N CYS B 336 33.98 -10.65 32.53
CA CYS B 336 34.27 -11.00 33.91
C CYS B 336 35.11 -12.26 34.07
N GLY B 337 35.11 -13.18 33.09
CA GLY B 337 35.87 -14.40 33.25
C GLY B 337 35.96 -15.32 32.05
N ALA B 338 37.10 -15.98 31.89
CA ALA B 338 37.29 -17.05 30.92
C ALA B 338 37.43 -18.37 31.66
N TYR B 339 36.85 -19.44 31.11
CA TYR B 339 36.78 -20.71 31.80
C TYR B 339 36.85 -21.83 30.78
N PRO B 340 37.24 -23.05 31.20
CA PRO B 340 37.27 -24.18 30.26
C PRO B 340 35.93 -24.88 30.11
N ASP B 341 35.12 -24.89 31.17
CA ASP B 341 33.85 -25.58 31.17
C ASP B 341 32.95 -25.01 32.25
N LEU B 342 31.72 -25.52 32.31
CA LEU B 342 30.74 -25.03 33.28
C LEU B 342 31.21 -25.27 34.72
N ALA B 343 31.76 -26.45 34.99
CA ALA B 343 32.19 -26.81 36.33
C ALA B 343 33.15 -25.76 36.91
N ALA B 344 34.01 -25.20 36.07
CA ALA B 344 34.98 -24.22 36.56
C ALA B 344 34.30 -22.90 36.91
N LEU B 345 33.33 -22.48 36.10
CA LEU B 345 32.58 -21.26 36.41
C LEU B 345 31.82 -21.38 37.72
N VAL B 346 31.06 -22.47 37.88
CA VAL B 346 30.27 -22.69 39.10
C VAL B 346 31.14 -22.62 40.33
N ALA B 347 32.36 -23.18 40.25
CA ALA B 347 33.24 -23.21 41.40
C ALA B 347 33.82 -21.82 41.69
N ALA B 348 34.21 -21.09 40.64
CA ALA B 348 34.79 -19.77 40.85
C ALA B 348 33.83 -18.86 41.59
N VAL B 349 32.53 -18.92 41.26
CA VAL B 349 31.58 -18.01 41.86
C VAL B 349 31.25 -18.45 43.29
N ALA B 350 31.22 -19.76 43.55
CA ALA B 350 31.10 -20.23 44.92
C ALA B 350 32.28 -19.77 45.77
N GLU B 351 33.45 -19.64 45.16
CA GLU B 351 34.62 -19.07 45.83
C GLU B 351 34.64 -17.55 45.78
N GLY B 352 33.54 -16.94 45.35
CA GLY B 352 33.39 -15.50 45.40
C GLY B 352 33.65 -14.74 44.12
N ALA B 353 33.72 -15.41 42.98
CA ALA B 353 33.91 -14.71 41.72
C ALA B 353 32.66 -13.88 41.38
N ALA B 354 32.73 -13.18 40.25
CA ALA B 354 31.65 -12.31 39.83
C ALA B 354 30.50 -13.11 39.24
N LEU B 355 29.28 -12.76 39.64
CA LEU B 355 28.08 -13.31 39.02
C LEU B 355 27.87 -12.69 37.65
N PRO B 356 27.94 -13.48 36.57
CA PRO B 356 27.77 -12.91 35.23
C PRO B 356 26.31 -12.80 34.84
N ASP B 357 26.01 -11.75 34.07
CA ASP B 357 24.68 -11.65 33.47
C ASP B 357 24.50 -12.65 32.33
N VAL B 358 25.59 -13.00 31.65
CA VAL B 358 25.54 -13.79 30.42
C VAL B 358 26.70 -14.77 30.41
N VAL B 359 26.40 -16.03 30.14
CA VAL B 359 27.41 -17.08 29.96
C VAL B 359 27.45 -17.41 28.48
N ALA B 360 28.58 -17.14 27.83
CA ALA B 360 28.75 -17.32 26.40
C ALA B 360 29.38 -18.67 26.09
N VAL B 361 28.89 -19.32 25.05
CA VAL B 361 29.37 -20.63 24.62
C VAL B 361 29.83 -20.54 23.17
N PRO B 362 31.14 -20.39 22.94
CA PRO B 362 31.63 -20.32 21.55
C PRO B 362 31.60 -21.66 20.83
N VAL B 363 30.73 -21.76 19.84
CA VAL B 363 30.68 -22.95 18.97
C VAL B 363 31.73 -22.80 17.88
N PRO B 364 32.56 -23.82 17.63
CA PRO B 364 33.62 -23.68 16.62
C PRO B 364 33.11 -23.95 15.22
N SER B 365 33.56 -23.12 14.28
CA SER B 365 33.26 -23.35 12.87
C SER B 365 34.23 -24.41 12.33
N GLY B 366 34.17 -24.67 11.02
CA GLY B 366 35.11 -25.57 10.41
C GLY B 366 34.82 -27.04 10.61
N ALA B 367 33.79 -27.38 11.38
CA ALA B 367 33.45 -28.77 11.61
C ALA B 367 33.13 -29.45 10.28
N PRO B 368 33.58 -30.69 10.08
CA PRO B 368 33.20 -31.43 8.87
C PRO B 368 31.70 -31.63 8.78
N VAL B 369 31.17 -31.51 7.57
CA VAL B 369 29.73 -31.59 7.32
C VAL B 369 29.40 -33.08 7.16
N GLY B 370 29.13 -33.75 8.27
CA GLY B 370 28.83 -35.15 8.26
C GLY B 370 27.97 -35.57 9.44
N PRO B 371 27.43 -36.79 9.38
CA PRO B 371 26.53 -37.25 10.45
C PRO B 371 27.20 -37.35 11.81
N ASP B 372 28.46 -37.78 11.86
CA ASP B 372 29.14 -37.95 13.15
C ASP B 372 29.35 -36.61 13.83
N ALA B 373 29.71 -35.57 13.07
CA ALA B 373 29.98 -34.28 13.70
C ALA B 373 28.70 -33.59 14.16
N VAL B 374 27.55 -33.93 13.55
CA VAL B 374 26.28 -33.44 14.06
C VAL B 374 25.96 -34.07 15.40
N ARG B 375 26.01 -35.41 15.47
CA ARG B 375 25.81 -36.11 16.72
C ARG B 375 26.75 -35.58 17.80
N ALA B 376 28.02 -35.35 17.45
CA ALA B 376 28.97 -34.78 18.39
C ALA B 376 28.50 -33.42 18.88
N THR B 377 28.20 -32.51 17.96
CA THR B 377 27.79 -31.15 18.33
C THR B 377 26.51 -31.15 19.15
N VAL B 378 25.53 -31.99 18.77
CA VAL B 378 24.25 -32.00 19.45
C VAL B 378 24.37 -32.59 20.84
N LEU B 379 24.84 -33.84 20.92
CA LEU B 379 24.92 -34.53 22.21
C LEU B 379 25.79 -33.78 23.20
N GLY B 380 26.80 -33.06 22.70
CA GLY B 380 27.58 -32.19 23.57
C GLY B 380 26.77 -31.01 24.06
N ALA B 381 26.00 -30.40 23.17
CA ALA B 381 25.10 -29.31 23.59
C ALA B 381 24.02 -29.84 24.53
N LEU B 382 23.48 -31.02 24.24
CA LEU B 382 22.46 -31.62 25.11
C LEU B 382 23.02 -31.88 26.51
N ASP B 383 24.20 -32.50 26.58
CA ASP B 383 24.86 -32.69 27.87
C ASP B 383 25.06 -31.36 28.59
N LEU B 384 25.41 -30.31 27.84
CA LEU B 384 25.63 -29.01 28.45
C LEU B 384 24.34 -28.40 28.97
N ILE B 385 23.29 -28.36 28.12
CA ILE B 385 22.01 -27.79 28.53
C ILE B 385 21.51 -28.44 29.81
N ARG B 386 21.52 -29.78 29.86
CA ARG B 386 21.08 -30.46 31.08
C ARG B 386 21.90 -30.04 32.27
N ALA B 387 23.20 -29.80 32.07
CA ALA B 387 24.03 -29.31 33.16
C ALA B 387 23.60 -27.91 33.57
N TRP B 388 23.20 -27.09 32.59
CA TRP B 388 22.89 -25.70 32.92
C TRP B 388 21.59 -25.57 33.69
N LEU B 389 20.56 -26.36 33.34
CA LEU B 389 19.29 -26.25 34.05
C LEU B 389 19.42 -26.71 35.50
N ALA B 390 20.33 -27.66 35.76
CA ALA B 390 20.60 -28.15 37.11
C ALA B 390 21.53 -27.24 37.91
N VAL B 391 22.08 -26.18 37.31
CA VAL B 391 22.93 -25.28 38.07
C VAL B 391 22.13 -24.66 39.21
N GLU B 392 22.66 -24.75 40.42
CA GLU B 392 22.00 -24.21 41.59
C GLU B 392 22.55 -22.82 41.91
N GLY B 393 21.73 -22.04 42.61
CA GLY B 393 22.11 -20.70 43.00
C GLY B 393 21.68 -19.68 41.97
N ARG B 394 22.04 -18.42 42.24
CA ARG B 394 21.65 -17.33 41.36
C ARG B 394 22.33 -17.40 40.00
N LEU B 395 23.44 -18.15 39.90
CA LEU B 395 24.18 -18.24 38.64
C LEU B 395 23.31 -18.77 37.51
N GLY B 396 22.34 -19.64 37.82
CA GLY B 396 21.50 -20.20 36.78
C GLY B 396 20.70 -19.15 36.04
N LEU B 397 20.36 -18.05 36.72
CA LEU B 397 19.55 -16.99 36.12
C LEU B 397 20.23 -16.31 34.94
N ALA B 398 21.55 -16.49 34.77
CA ALA B 398 22.25 -15.86 33.67
C ALA B 398 21.73 -16.37 32.33
N ARG B 399 21.78 -15.51 31.32
CA ARG B 399 21.39 -15.89 29.96
C ARG B 399 22.50 -16.69 29.31
N LEU B 400 22.12 -17.82 28.70
CA LEU B 400 23.08 -18.73 28.05
C LEU B 400 23.07 -18.48 26.55
N ALA B 401 24.12 -17.83 26.09
CA ALA B 401 24.23 -17.48 24.69
C ALA B 401 25.07 -18.55 24.00
N PHE B 402 24.45 -19.31 23.11
CA PHE B 402 25.21 -20.14 22.18
C PHE B 402 25.59 -19.24 21.01
N VAL B 403 26.88 -19.16 20.72
CA VAL B 403 27.38 -18.24 19.72
C VAL B 403 27.94 -19.06 18.58
N THR B 404 27.18 -19.15 17.49
CA THR B 404 27.58 -19.92 16.31
C THR B 404 28.13 -18.97 15.25
N THR B 405 28.69 -19.58 14.19
CA THR B 405 29.32 -18.83 13.10
C THR B 405 28.67 -19.23 11.79
N SER B 406 27.95 -18.28 11.17
CA SER B 406 27.28 -18.47 9.89
C SER B 406 26.43 -19.74 9.90
N ALA B 407 25.60 -19.87 10.93
CA ALA B 407 24.66 -20.97 11.04
C ALA B 407 23.31 -20.65 10.41
N VAL B 408 23.15 -19.45 9.85
CA VAL B 408 21.91 -19.00 9.24
C VAL B 408 22.24 -18.23 7.97
N ALA B 409 21.21 -17.92 7.19
CA ALA B 409 21.34 -17.15 5.95
C ALA B 409 20.67 -15.81 6.17
N VAL B 410 21.49 -14.78 6.39
CA VAL B 410 20.95 -13.45 6.69
C VAL B 410 20.39 -12.79 5.44
N GLY B 411 21.18 -12.72 4.38
CA GLY B 411 20.81 -12.00 3.17
C GLY B 411 20.26 -12.94 2.11
N ASP B 412 19.26 -12.46 1.37
CA ASP B 412 18.73 -13.26 0.27
C ASP B 412 19.75 -13.28 -0.87
N GLY B 413 20.80 -14.04 -0.68
CA GLY B 413 21.85 -14.18 -1.68
C GLY B 413 22.43 -15.55 -1.60
N THR B 414 23.71 -15.67 -1.97
CA THR B 414 24.43 -16.93 -1.93
C THR B 414 25.23 -17.09 -0.64
N GLU B 415 24.75 -16.55 0.47
CA GLU B 415 25.49 -16.58 1.72
C GLU B 415 25.85 -18.02 2.10
N HIS B 416 27.14 -18.27 2.30
CA HIS B 416 27.57 -19.59 2.76
C HIS B 416 27.15 -19.83 4.21
N VAL B 417 27.10 -21.12 4.57
CA VAL B 417 26.45 -21.56 5.80
C VAL B 417 27.21 -22.77 6.33
N ASP B 418 27.11 -22.98 7.64
CA ASP B 418 27.63 -24.17 8.31
C ASP B 418 26.46 -25.00 8.81
N PRO B 419 26.02 -26.01 8.05
CA PRO B 419 24.89 -26.83 8.50
C PRO B 419 25.13 -27.50 9.86
N VAL B 420 26.38 -27.70 10.25
CA VAL B 420 26.67 -28.38 11.50
C VAL B 420 26.12 -27.58 12.68
N SER B 421 26.46 -26.29 12.73
CA SER B 421 25.96 -25.44 13.81
C SER B 421 24.45 -25.28 13.76
N ALA B 422 23.88 -25.20 12.54
CA ALA B 422 22.45 -25.02 12.39
C ALA B 422 21.62 -26.18 12.93
N ALA B 423 22.24 -27.34 13.19
CA ALA B 423 21.53 -28.40 13.90
C ALA B 423 21.43 -28.07 15.39
N LEU B 424 22.50 -27.53 15.97
CA LEU B 424 22.43 -26.97 17.31
C LEU B 424 21.42 -25.84 17.37
N TRP B 425 21.39 -24.98 16.35
CA TRP B 425 20.46 -23.86 16.32
C TRP B 425 19.02 -24.34 16.49
N GLY B 426 18.71 -25.49 15.88
CA GLY B 426 17.37 -26.05 15.95
C GLY B 426 17.06 -26.69 17.29
N LEU B 427 18.04 -27.40 17.87
CA LEU B 427 17.86 -27.96 19.21
C LEU B 427 17.51 -26.88 20.21
N VAL B 428 18.30 -25.80 20.25
CA VAL B 428 18.05 -24.72 21.19
C VAL B 428 16.72 -24.04 20.91
N ARG B 429 16.33 -23.93 19.63
CA ARG B 429 15.04 -23.37 19.30
C ARG B 429 13.93 -24.12 20.02
N SER B 430 14.02 -25.45 20.05
CA SER B 430 13.09 -26.24 20.86
C SER B 430 13.37 -26.06 22.34
N ALA B 431 14.64 -25.96 22.72
CA ALA B 431 14.98 -25.78 24.14
C ALA B 431 14.44 -24.45 24.66
N GLN B 432 14.50 -23.40 23.86
CA GLN B 432 13.89 -22.13 24.24
C GLN B 432 12.38 -22.31 24.48
N SER B 433 11.73 -23.16 23.70
CA SER B 433 10.30 -23.38 23.89
C SER B 433 10.01 -24.12 25.19
N GLU B 434 10.81 -25.12 25.53
CA GLU B 434 10.57 -25.86 26.77
C GLU B 434 10.81 -24.99 27.99
N GLU B 435 11.92 -24.25 28.00
CA GLU B 435 12.33 -23.45 29.15
C GLU B 435 12.59 -22.03 28.67
N PRO B 436 11.55 -21.19 28.59
CA PRO B 436 11.72 -19.85 28.04
C PRO B 436 12.60 -18.98 28.92
N GLY B 437 13.18 -17.97 28.29
CA GLY B 437 14.03 -17.03 28.98
C GLY B 437 15.36 -17.58 29.44
N ARG B 438 15.68 -18.83 29.10
CA ARG B 438 16.91 -19.48 29.55
C ARG B 438 18.02 -19.38 28.53
N PHE B 439 17.70 -19.33 27.24
CA PHE B 439 18.70 -19.43 26.19
C PHE B 439 18.48 -18.35 25.15
N VAL B 440 19.57 -17.96 24.49
CA VAL B 440 19.51 -17.09 23.32
C VAL B 440 20.48 -17.67 22.30
N LEU B 441 20.22 -17.38 21.03
CA LEU B 441 21.08 -17.79 19.94
C LEU B 441 21.54 -16.55 19.22
N VAL B 442 22.85 -16.43 19.00
CA VAL B 442 23.42 -15.26 18.33
C VAL B 442 24.49 -15.75 17.34
N ASP B 443 24.28 -15.46 16.07
CA ASP B 443 25.15 -15.92 14.99
C ASP B 443 26.02 -14.78 14.48
N LEU B 444 27.29 -15.10 14.22
CA LEU B 444 28.27 -14.11 13.79
C LEU B 444 28.87 -14.54 12.45
N ASP B 445 29.21 -13.55 11.62
CA ASP B 445 29.96 -13.82 10.41
C ASP B 445 31.44 -13.93 10.76
N ALA B 446 32.30 -14.03 9.74
CA ALA B 446 33.73 -14.15 9.97
C ALA B 446 34.40 -12.81 10.24
N ASP B 447 33.62 -11.75 10.39
CA ASP B 447 34.19 -10.43 10.64
C ASP B 447 34.47 -10.26 12.13
N PRO B 448 35.73 -10.06 12.54
CA PRO B 448 36.01 -9.79 13.96
C PRO B 448 35.28 -8.57 14.52
N ALA B 449 34.92 -7.60 13.68
CA ALA B 449 34.17 -6.44 14.14
C ALA B 449 32.82 -6.84 14.73
N SER B 450 32.23 -7.92 14.20
CA SER B 450 30.89 -8.31 14.64
C SER B 450 30.90 -8.81 16.08
N ALA B 451 32.01 -9.41 16.53
CA ALA B 451 32.13 -9.76 17.93
C ALA B 451 32.00 -8.53 18.82
N SER B 452 32.40 -7.36 18.34
CA SER B 452 32.34 -6.15 19.12
C SER B 452 30.92 -5.62 19.24
N ALA B 453 30.03 -5.99 18.33
CA ALA B 453 28.62 -5.61 18.43
C ALA B 453 27.82 -6.60 19.29
N LEU B 454 28.43 -7.71 19.70
CA LEU B 454 27.70 -8.71 20.47
C LEU B 454 27.14 -8.17 21.79
N PRO B 455 27.83 -7.29 22.53
CA PRO B 455 27.15 -6.63 23.65
C PRO B 455 25.89 -5.89 23.22
N ALA B 456 25.98 -5.07 22.17
CA ALA B 456 24.81 -4.36 21.67
C ALA B 456 23.73 -5.33 21.19
N ALA B 457 24.14 -6.34 20.43
CA ALA B 457 23.20 -7.34 19.93
C ALA B 457 22.37 -7.92 21.06
N LEU B 458 23.03 -8.29 22.14
CA LEU B 458 22.42 -8.96 23.26
C LEU B 458 21.83 -7.96 24.26
N ALA B 459 21.76 -6.68 23.90
CA ALA B 459 20.90 -5.71 24.58
C ALA B 459 19.48 -5.70 24.00
N ALA B 460 19.14 -6.71 23.20
CA ALA B 460 17.89 -6.80 22.46
C ALA B 460 17.31 -8.18 22.80
N ARG B 461 16.24 -8.19 23.58
CA ARG B 461 15.74 -9.42 24.20
C ARG B 461 15.29 -10.52 23.25
N GLU B 462 15.44 -10.32 21.95
CA GLU B 462 15.03 -11.36 21.01
C GLU B 462 15.75 -12.68 21.32
N PRO B 463 15.07 -13.82 21.14
CA PRO B 463 15.69 -15.11 21.45
C PRO B 463 16.59 -15.64 20.35
N GLN B 464 16.32 -15.26 19.11
CA GLN B 464 17.18 -15.56 17.98
C GLN B 464 17.73 -14.26 17.42
N LEU B 465 19.00 -14.29 17.03
CA LEU B 465 19.70 -13.05 16.79
C LEU B 465 20.89 -13.33 15.89
N ALA B 466 21.29 -12.33 15.11
CA ALA B 466 22.43 -12.48 14.21
C ALA B 466 23.10 -11.12 14.02
N VAL B 467 24.41 -11.16 13.77
CA VAL B 467 25.21 -9.96 13.61
C VAL B 467 26.03 -10.08 12.33
N ARG B 468 25.99 -9.05 11.49
CA ARG B 468 26.70 -9.06 10.21
C ARG B 468 27.40 -7.71 10.02
N ALA B 469 28.74 -7.71 10.05
CA ALA B 469 29.55 -6.51 9.82
C ALA B 469 29.34 -5.46 10.90
N GLY B 470 29.12 -5.91 12.13
CA GLY B 470 28.83 -5.00 13.22
C GLY B 470 27.42 -4.48 13.23
N ALA B 471 26.50 -5.17 12.56
CA ALA B 471 25.11 -4.79 12.50
C ALA B 471 24.25 -5.95 12.97
N VAL B 472 23.31 -5.68 13.88
CA VAL B 472 22.49 -6.71 14.50
C VAL B 472 21.24 -6.94 13.66
N HIS B 473 20.94 -8.21 13.41
CA HIS B 473 19.75 -8.62 12.66
C HIS B 473 18.85 -9.47 13.54
N VAL B 474 17.54 -9.31 13.37
CA VAL B 474 16.54 -10.09 14.10
C VAL B 474 15.63 -10.80 13.09
N PRO B 475 15.20 -12.03 13.37
CA PRO B 475 14.40 -12.77 12.38
C PRO B 475 12.90 -12.54 12.53
N ARG B 476 12.22 -12.47 11.39
CA ARG B 476 10.77 -12.32 11.35
C ARG B 476 10.21 -13.05 10.14
N LEU B 477 9.23 -13.92 10.39
CA LEU B 477 8.51 -14.58 9.30
C LEU B 477 7.60 -13.58 8.60
N VAL B 478 7.39 -13.78 7.29
CA VAL B 478 6.67 -12.83 6.45
C VAL B 478 5.95 -13.59 5.34
N ARG B 479 4.70 -13.21 5.08
CA ARG B 479 3.97 -13.76 3.93
C ARG B 479 4.63 -13.26 2.67
N HIS B 480 4.88 -14.16 1.72
CA HIS B 480 5.63 -13.77 0.54
C HIS B 480 4.79 -12.88 -0.34
N ARG B 481 5.43 -11.91 -0.96
CA ARG B 481 4.66 -10.97 -1.74
C ARG B 481 5.59 -10.37 -2.76
N PRO B 482 5.09 -9.99 -3.94
CA PRO B 482 5.98 -9.49 -4.98
C PRO B 482 6.62 -8.15 -4.63
N ARG B 483 7.80 -7.90 -5.22
CA ARG B 483 8.55 -6.72 -4.81
C ARG B 483 9.42 -6.07 -5.88
N PRO B 484 9.09 -4.84 -6.31
CA PRO B 484 10.11 -4.03 -7.00
C PRO B 484 11.30 -3.85 -6.08
N ASP B 485 12.48 -3.68 -6.69
CA ASP B 485 13.79 -3.59 -6.02
C ASP B 485 14.22 -4.97 -5.58
N GLY B 486 13.53 -6.01 -6.04
CA GLY B 486 13.82 -7.36 -5.65
C GLY B 486 13.73 -8.33 -6.82
N PRO B 487 13.87 -9.62 -6.53
CA PRO B 487 13.92 -10.62 -7.61
C PRO B 487 12.62 -10.65 -8.40
N LEU B 488 12.73 -11.06 -9.66
CA LEU B 488 11.60 -11.09 -10.57
C LEU B 488 10.72 -12.29 -10.29
N THR B 489 9.44 -12.15 -10.63
CA THR B 489 8.45 -13.21 -10.45
C THR B 489 7.95 -13.65 -11.82
N PRO B 490 8.18 -14.91 -12.22
CA PRO B 490 7.78 -15.33 -13.57
C PRO B 490 6.28 -15.36 -13.70
N PRO B 491 5.74 -15.17 -14.91
CA PRO B 491 4.28 -15.15 -15.10
C PRO B 491 3.65 -16.52 -14.86
N ALA B 492 2.32 -16.58 -15.00
CA ALA B 492 1.60 -17.82 -14.75
C ALA B 492 1.90 -18.89 -15.78
N GLY B 493 2.31 -18.51 -16.99
CA GLY B 493 2.51 -19.48 -18.05
C GLY B 493 3.67 -20.42 -17.78
N ALA B 494 3.63 -21.55 -18.48
CA ALA B 494 4.78 -22.45 -18.49
C ALA B 494 5.93 -21.88 -19.31
N ALA B 495 5.62 -21.11 -20.35
CA ALA B 495 6.62 -20.54 -21.24
C ALA B 495 6.71 -19.04 -21.04
N TRP B 496 7.94 -18.54 -20.97
CA TRP B 496 8.23 -17.13 -20.73
C TRP B 496 9.71 -16.89 -20.99
N ARG B 497 10.08 -15.62 -21.08
CA ARG B 497 11.47 -15.25 -21.28
C ARG B 497 11.72 -13.88 -20.67
N LEU B 498 13.00 -13.53 -20.58
CA LEU B 498 13.41 -12.20 -20.18
C LEU B 498 13.38 -11.27 -21.39
N ALA B 499 12.86 -10.06 -21.19
CA ALA B 499 12.66 -9.14 -22.31
C ALA B 499 12.81 -7.71 -21.84
N ALA B 500 13.31 -6.87 -22.75
CA ALA B 500 13.52 -5.46 -22.43
C ALA B 500 12.16 -4.76 -22.28
N GLY B 501 12.05 -3.96 -21.22
CA GLY B 501 10.80 -3.31 -20.90
C GLY B 501 10.48 -2.06 -21.70
N GLY B 502 11.47 -1.48 -22.39
CA GLY B 502 11.26 -0.31 -23.19
C GLY B 502 11.26 1.01 -22.45
N GLN B 503 11.20 1.01 -21.12
CA GLN B 503 11.36 2.25 -20.37
C GLN B 503 12.74 2.85 -20.53
N GLY B 504 13.71 2.05 -20.98
CA GLY B 504 15.08 2.50 -21.01
C GLY B 504 15.81 2.30 -19.70
N THR B 505 15.39 1.32 -18.89
CA THR B 505 15.94 1.08 -17.57
C THR B 505 16.04 -0.41 -17.32
N LEU B 506 16.93 -0.79 -16.40
CA LEU B 506 17.04 -2.19 -15.99
C LEU B 506 15.92 -2.61 -15.05
N GLU B 507 15.29 -1.65 -14.34
CA GLU B 507 14.10 -1.95 -13.57
C GLU B 507 12.97 -2.44 -14.46
N GLY B 508 12.99 -2.06 -15.74
CA GLY B 508 11.94 -2.44 -16.67
C GLY B 508 12.09 -3.83 -17.24
N LEU B 509 13.27 -4.44 -17.13
CA LEU B 509 13.41 -5.84 -17.46
C LEU B 509 12.37 -6.66 -16.73
N ALA B 510 11.69 -7.55 -17.46
CA ALA B 510 10.62 -8.32 -16.88
C ALA B 510 10.54 -9.69 -17.54
N LEU B 511 10.14 -10.68 -16.75
CA LEU B 511 9.87 -12.01 -17.26
C LEU B 511 8.47 -12.00 -17.88
N VAL B 512 8.39 -12.21 -19.19
CA VAL B 512 7.15 -12.00 -19.92
C VAL B 512 6.69 -13.30 -20.58
N PRO B 513 5.40 -13.51 -20.74
CA PRO B 513 4.92 -14.70 -21.46
C PRO B 513 5.53 -14.78 -22.86
N ALA B 514 5.84 -16.01 -23.28
CA ALA B 514 6.46 -16.27 -24.58
C ALA B 514 5.67 -17.34 -25.31
N PRO B 515 4.56 -16.97 -25.94
CA PRO B 515 3.77 -17.99 -26.66
C PRO B 515 4.49 -18.58 -27.86
N ASP B 516 5.29 -17.79 -28.58
CA ASP B 516 5.97 -18.31 -29.77
C ASP B 516 6.96 -19.44 -29.46
N ALA B 517 7.26 -19.69 -28.20
CA ALA B 517 8.06 -20.85 -27.84
C ALA B 517 7.21 -22.12 -27.78
N GLU B 518 6.03 -22.03 -27.16
CA GLU B 518 5.12 -23.17 -27.08
C GLU B 518 4.55 -23.57 -28.43
N ALA B 519 4.56 -22.65 -29.40
CA ALA B 519 3.81 -22.82 -30.64
C ALA B 519 4.26 -24.08 -31.39
N PRO B 520 3.46 -24.57 -32.35
CA PRO B 520 3.87 -25.76 -33.09
C PRO B 520 5.14 -25.53 -33.88
N LEU B 521 5.88 -26.61 -34.09
CA LEU B 521 7.17 -26.53 -34.76
C LEU B 521 7.00 -26.54 -36.27
N THR B 522 7.82 -25.75 -36.95
CA THR B 522 7.99 -25.84 -38.39
C THR B 522 9.09 -26.84 -38.69
N PRO B 523 9.27 -27.24 -39.96
CA PRO B 523 10.37 -28.16 -40.29
C PRO B 523 11.71 -27.59 -39.85
N GLY B 524 12.62 -28.50 -39.48
CA GLY B 524 13.96 -28.13 -39.09
C GLY B 524 14.11 -27.67 -37.66
N GLN B 525 13.03 -27.57 -36.88
CA GLN B 525 13.08 -26.98 -35.56
C GLN B 525 13.04 -28.05 -34.47
N VAL B 526 13.51 -27.66 -33.28
CA VAL B 526 13.34 -28.44 -32.06
C VAL B 526 12.87 -27.48 -30.97
N ARG B 527 12.30 -28.04 -29.92
CA ARG B 527 11.93 -27.28 -28.73
C ARG B 527 12.78 -27.75 -27.55
N VAL B 528 13.26 -26.80 -26.77
CA VAL B 528 14.26 -27.05 -25.74
C VAL B 528 13.71 -26.59 -24.39
N ALA B 529 13.76 -27.48 -23.41
CA ALA B 529 13.50 -27.10 -22.01
C ALA B 529 14.80 -26.52 -21.47
N VAL B 530 14.93 -25.20 -21.58
CA VAL B 530 16.21 -24.55 -21.33
C VAL B 530 16.59 -24.66 -19.87
N ARG B 531 17.88 -24.90 -19.62
CA ARG B 531 18.45 -24.91 -18.28
C ARG B 531 19.30 -23.68 -17.99
N ALA B 532 19.97 -23.14 -19.00
CA ALA B 532 20.80 -21.97 -18.82
C ALA B 532 20.98 -21.28 -20.16
N ALA B 533 21.30 -19.99 -20.11
CA ALA B 533 21.52 -19.20 -21.31
C ALA B 533 22.64 -18.20 -21.06
N GLY B 534 23.38 -17.90 -22.12
CA GLY B 534 24.47 -16.96 -22.01
C GLY B 534 24.04 -15.52 -22.22
N VAL B 535 24.90 -14.60 -21.81
CA VAL B 535 24.58 -13.17 -21.87
C VAL B 535 25.77 -12.42 -22.42
N ASN B 536 25.55 -11.66 -23.47
CA ASN B 536 26.53 -10.79 -24.11
C ASN B 536 26.33 -9.35 -23.66
N PHE B 537 27.41 -8.56 -23.77
CA PHE B 537 27.30 -7.13 -23.49
C PHE B 537 26.23 -6.46 -24.34
N ARG B 538 25.89 -7.07 -25.49
CA ARG B 538 24.81 -6.54 -26.31
C ARG B 538 23.46 -6.71 -25.62
N ASP B 539 23.29 -7.76 -24.82
CA ASP B 539 22.02 -7.96 -24.12
C ASP B 539 21.78 -6.92 -23.05
N THR B 540 22.83 -6.28 -22.54
CA THR B 540 22.66 -5.15 -21.63
C THR B 540 22.13 -3.93 -22.36
N LEU B 541 22.76 -3.60 -23.50
CA LEU B 541 22.38 -2.40 -24.24
C LEU B 541 20.94 -2.48 -24.74
N ILE B 542 20.45 -3.68 -25.06
CA ILE B 542 19.05 -3.84 -25.47
C ILE B 542 18.11 -3.57 -24.31
N ALA B 543 18.48 -4.04 -23.11
CA ALA B 543 17.66 -3.76 -21.92
C ALA B 543 17.49 -2.27 -21.70
N LEU B 544 18.46 -1.47 -22.14
CA LEU B 544 18.40 -0.03 -22.06
C LEU B 544 17.79 0.50 -23.35
N GLY B 545 17.82 1.81 -23.56
CA GLY B 545 17.28 2.35 -24.79
C GLY B 545 15.77 2.43 -24.72
N MET B 546 15.20 3.58 -25.07
CA MET B 546 13.80 3.86 -24.75
C MET B 546 12.83 3.53 -25.86
N TYR B 547 13.26 2.86 -26.92
CA TYR B 547 12.33 2.48 -27.97
C TYR B 547 11.43 1.36 -27.47
N PRO B 548 10.12 1.43 -27.73
CA PRO B 548 9.21 0.40 -27.21
C PRO B 548 9.38 -0.94 -27.88
N GLY B 549 9.82 -0.97 -29.13
CA GLY B 549 10.12 -2.21 -29.80
C GLY B 549 11.62 -2.50 -29.78
N THR B 550 12.00 -3.57 -29.08
CA THR B 550 13.40 -3.88 -28.87
C THR B 550 13.74 -5.26 -29.42
N PRO B 551 15.00 -5.50 -29.79
CA PRO B 551 15.40 -6.85 -30.20
C PRO B 551 15.17 -7.84 -29.08
N VAL B 552 15.08 -9.12 -29.45
CA VAL B 552 14.87 -10.17 -28.47
C VAL B 552 16.18 -10.44 -27.74
N LEU B 553 16.10 -10.55 -26.42
CA LEU B 553 17.28 -10.83 -25.62
C LEU B 553 17.64 -12.30 -25.68
N GLY B 554 18.92 -12.59 -25.45
CA GLY B 554 19.41 -13.94 -25.47
C GLY B 554 19.92 -14.35 -26.84
N ALA B 555 21.01 -15.11 -26.87
CA ALA B 555 21.61 -15.55 -28.13
C ALA B 555 22.01 -17.01 -28.12
N GLU B 556 22.01 -17.68 -26.97
CA GLU B 556 22.70 -18.94 -26.78
C GLU B 556 22.15 -19.61 -25.53
N GLY B 557 22.43 -20.90 -25.40
CA GLY B 557 22.00 -21.61 -24.21
C GLY B 557 22.25 -23.09 -24.33
N ALA B 558 21.84 -23.80 -23.29
CA ALA B 558 21.93 -25.25 -23.23
C ALA B 558 20.73 -25.76 -22.45
N GLY B 559 20.33 -27.00 -22.76
CA GLY B 559 19.17 -27.59 -22.13
C GLY B 559 18.82 -28.97 -22.66
N VAL B 560 17.55 -29.34 -22.56
CA VAL B 560 17.07 -30.66 -22.95
C VAL B 560 15.97 -30.50 -23.99
N ILE B 561 16.04 -31.30 -25.05
CA ILE B 561 15.05 -31.24 -26.12
C ILE B 561 13.77 -31.93 -25.66
N THR B 562 12.63 -31.43 -26.14
CA THR B 562 11.31 -31.93 -25.77
C THR B 562 10.49 -32.35 -26.97
N GLU B 563 10.61 -31.65 -28.09
CA GLU B 563 9.95 -32.05 -29.32
C GLU B 563 10.94 -31.89 -30.46
N VAL B 564 10.68 -32.64 -31.54
CA VAL B 564 11.54 -32.67 -32.72
C VAL B 564 10.65 -32.68 -33.95
N ALA B 565 10.99 -31.86 -34.94
CA ALA B 565 10.26 -31.89 -36.20
C ALA B 565 10.43 -33.26 -36.85
N PRO B 566 9.46 -33.71 -37.65
CA PRO B 566 9.57 -35.05 -38.24
C PRO B 566 10.67 -35.19 -39.26
N ASP B 567 11.16 -34.09 -39.84
CA ASP B 567 12.30 -34.18 -40.76
C ASP B 567 13.63 -34.28 -40.04
N VAL B 568 13.69 -33.89 -38.77
CA VAL B 568 14.96 -33.80 -38.07
C VAL B 568 15.41 -35.17 -37.60
N ALA B 569 16.64 -35.54 -37.96
CA ALA B 569 17.32 -36.71 -37.42
C ALA B 569 18.51 -36.26 -36.58
N GLY B 570 19.04 -37.18 -35.79
CA GLY B 570 20.20 -36.91 -34.98
C GLY B 570 19.92 -36.22 -33.67
N PHE B 571 18.69 -35.79 -33.42
CA PHE B 571 18.27 -35.29 -32.12
C PHE B 571 16.90 -35.86 -31.81
N ALA B 572 16.72 -36.31 -30.57
CA ALA B 572 15.49 -36.95 -30.15
C ALA B 572 15.10 -36.41 -28.78
N PRO B 573 13.80 -36.50 -28.41
CA PRO B 573 13.37 -36.07 -27.08
C PRO B 573 14.18 -36.70 -25.95
N GLY B 574 14.78 -35.85 -25.11
CA GLY B 574 15.55 -36.32 -23.97
C GLY B 574 17.05 -36.05 -24.07
N ASP B 575 17.52 -35.48 -25.16
CA ASP B 575 18.94 -35.30 -25.39
C ASP B 575 19.41 -33.94 -24.87
N ARG B 576 20.54 -33.93 -24.17
CA ARG B 576 21.15 -32.68 -23.72
C ARG B 576 21.84 -32.02 -24.91
N VAL B 577 21.64 -30.71 -25.07
CA VAL B 577 22.23 -30.00 -26.20
C VAL B 577 22.55 -28.57 -25.79
N LEU B 578 23.54 -27.99 -26.47
CA LEU B 578 23.90 -26.58 -26.41
C LEU B 578 23.85 -26.02 -27.82
N GLY B 579 23.66 -24.71 -27.94
CA GLY B 579 23.61 -24.13 -29.27
C GLY B 579 23.22 -22.66 -29.24
N MET B 580 22.84 -22.18 -30.42
CA MET B 580 22.51 -20.77 -30.66
C MET B 580 21.02 -20.66 -30.95
N TRP B 581 20.33 -19.84 -30.17
CA TRP B 581 18.94 -19.50 -30.46
C TRP B 581 18.58 -18.20 -29.74
N THR B 582 17.66 -17.45 -30.35
CA THR B 582 17.20 -16.20 -29.77
C THR B 582 16.10 -16.46 -28.75
N GLY B 583 16.04 -15.59 -27.74
CA GLY B 583 14.99 -15.70 -26.74
C GLY B 583 15.15 -16.87 -25.79
N GLY B 584 16.39 -17.26 -25.50
CA GLY B 584 16.66 -18.37 -24.61
C GLY B 584 16.75 -18.02 -23.15
N LEU B 585 16.38 -16.80 -22.77
CA LEU B 585 16.45 -16.37 -21.38
C LEU B 585 15.16 -16.73 -20.64
N GLY B 586 14.78 -18.00 -20.77
CA GLY B 586 13.57 -18.52 -20.16
C GLY B 586 13.56 -20.03 -20.21
N PRO B 587 12.57 -20.66 -19.59
CA PRO B 587 12.59 -22.12 -19.46
C PRO B 587 12.24 -22.86 -20.74
N VAL B 588 11.80 -22.18 -21.79
CA VAL B 588 11.35 -22.82 -23.03
C VAL B 588 11.84 -22.00 -24.20
N ALA B 589 12.38 -22.68 -25.22
CA ALA B 589 12.89 -21.99 -26.41
C ALA B 589 12.79 -22.92 -27.61
N VAL B 590 12.63 -22.33 -28.79
CA VAL B 590 12.66 -23.04 -30.06
C VAL B 590 13.97 -22.70 -30.75
N ALA B 591 14.56 -23.69 -31.43
CA ALA B 591 15.87 -23.51 -32.02
C ALA B 591 15.98 -24.31 -33.32
N ASP B 592 16.96 -23.93 -34.12
CA ASP B 592 17.27 -24.60 -35.38
C ASP B 592 18.20 -25.78 -35.11
N ALA B 593 17.83 -26.96 -35.64
CA ALA B 593 18.61 -28.17 -35.38
C ALA B 593 20.02 -28.07 -35.95
N ARG B 594 20.20 -27.28 -37.01
CA ARG B 594 21.53 -27.13 -37.60
C ARG B 594 22.54 -26.56 -36.62
N MET B 595 22.10 -25.66 -35.74
CA MET B 595 22.99 -24.90 -34.88
C MET B 595 23.11 -25.51 -33.48
N LEU B 596 23.02 -26.84 -33.39
CA LEU B 596 23.06 -27.55 -32.11
C LEU B 596 24.21 -28.54 -32.07
N ALA B 597 24.59 -28.89 -30.84
CA ALA B 597 25.61 -29.90 -30.58
C ALA B 597 25.26 -30.62 -29.29
N ARG B 598 25.79 -31.83 -29.13
CA ARG B 598 25.56 -32.59 -27.91
C ARG B 598 26.49 -32.14 -26.80
N VAL B 599 25.94 -32.05 -25.59
CA VAL B 599 26.67 -31.55 -24.43
C VAL B 599 27.73 -32.57 -24.02
N PRO B 600 29.00 -32.19 -23.95
CA PRO B 600 30.04 -33.14 -23.56
C PRO B 600 29.76 -33.77 -22.20
N ARG B 601 30.08 -35.05 -22.09
CA ARG B 601 30.04 -35.74 -20.81
C ARG B 601 30.81 -34.95 -19.75
N GLY B 602 30.19 -34.78 -18.59
CA GLY B 602 30.84 -34.16 -17.45
C GLY B 602 30.77 -32.65 -17.38
N TRP B 603 30.07 -31.99 -18.30
CA TRP B 603 29.89 -30.55 -18.22
C TRP B 603 28.61 -30.20 -17.47
N SER B 604 28.62 -29.03 -16.85
CA SER B 604 27.41 -28.41 -16.35
C SER B 604 26.69 -27.67 -17.48
N TYR B 605 25.38 -27.47 -17.31
CA TYR B 605 24.62 -26.70 -18.29
C TYR B 605 25.13 -25.27 -18.38
N ALA B 606 25.71 -24.74 -17.31
CA ALA B 606 26.25 -23.38 -17.35
C ALA B 606 27.51 -23.33 -18.20
N GLU B 607 28.47 -24.22 -17.95
CA GLU B 607 29.64 -24.35 -18.82
C GLU B 607 29.22 -24.49 -20.28
N ALA B 608 28.23 -25.34 -20.55
CA ALA B 608 27.81 -25.61 -21.91
C ALA B 608 27.28 -24.35 -22.59
N ALA B 609 26.32 -23.68 -21.94
CA ALA B 609 25.69 -22.51 -22.54
C ALA B 609 26.65 -21.34 -22.73
N SER B 610 27.82 -21.36 -22.09
CA SER B 610 28.75 -20.25 -22.19
C SER B 610 29.46 -20.20 -23.53
N VAL B 611 29.59 -21.35 -24.19
CA VAL B 611 30.55 -21.54 -25.27
C VAL B 611 30.09 -20.96 -26.61
N PRO B 612 28.88 -21.24 -27.09
CA PRO B 612 28.59 -20.96 -28.51
C PRO B 612 29.00 -19.57 -28.99
N ALA B 613 28.57 -18.50 -28.32
CA ALA B 613 28.81 -17.17 -28.87
C ALA B 613 30.30 -16.86 -28.98
N VAL B 614 31.05 -17.05 -27.90
CA VAL B 614 32.44 -16.58 -27.88
C VAL B 614 33.31 -17.39 -28.84
N PHE B 615 33.23 -18.72 -28.78
CA PHE B 615 34.11 -19.55 -29.60
C PHE B 615 33.67 -19.60 -31.06
N LEU B 616 32.37 -19.57 -31.35
CA LEU B 616 31.94 -19.53 -32.75
C LEU B 616 32.40 -18.24 -33.43
N THR B 617 32.27 -17.10 -32.73
CA THR B 617 32.76 -15.85 -33.28
C THR B 617 34.26 -15.92 -33.53
N ALA B 618 35.01 -16.46 -32.58
CA ALA B 618 36.46 -16.56 -32.71
C ALA B 618 36.86 -17.60 -33.75
N HIS B 619 36.03 -18.63 -33.95
CA HIS B 619 36.35 -19.66 -34.93
C HIS B 619 35.96 -19.20 -36.34
N TYR B 620 34.72 -18.70 -36.48
CA TYR B 620 34.27 -18.12 -37.74
C TYR B 620 35.23 -17.04 -38.25
N ALA B 621 35.86 -16.29 -37.35
CA ALA B 621 36.74 -15.20 -37.75
C ALA B 621 38.15 -15.69 -38.04
N LEU B 622 38.72 -16.52 -37.17
CA LEU B 622 40.10 -16.97 -37.37
C LEU B 622 40.23 -17.87 -38.60
N THR B 623 39.30 -18.80 -38.80
CA THR B 623 39.48 -19.85 -39.79
C THR B 623 38.80 -19.54 -41.12
N ARG B 624 37.55 -19.09 -41.10
CA ARG B 624 36.81 -18.90 -42.35
C ARG B 624 36.88 -17.48 -42.88
N LEU B 625 37.01 -16.48 -42.02
CA LEU B 625 37.10 -15.11 -42.53
C LEU B 625 38.53 -14.75 -42.89
N ALA B 626 39.47 -14.91 -41.95
CA ALA B 626 40.85 -14.54 -42.19
C ALA B 626 41.68 -15.67 -42.81
N GLY B 627 41.19 -16.90 -42.78
CA GLY B 627 41.95 -18.02 -43.33
C GLY B 627 43.35 -18.12 -42.78
N ILE B 628 43.51 -17.83 -41.48
CA ILE B 628 44.84 -17.70 -40.89
C ILE B 628 45.56 -19.05 -40.94
N ARG B 629 46.89 -19.00 -41.01
CA ARG B 629 47.69 -20.21 -41.15
C ARG B 629 48.67 -20.34 -39.99
N PRO B 630 49.31 -21.50 -39.82
CA PRO B 630 50.36 -21.61 -38.81
C PRO B 630 51.55 -20.73 -39.17
N GLY B 631 52.06 -20.02 -38.16
CA GLY B 631 53.20 -19.15 -38.32
C GLY B 631 52.86 -17.68 -38.51
N GLN B 632 51.62 -17.37 -38.88
CA GLN B 632 51.20 -15.99 -38.98
C GLN B 632 51.02 -15.37 -37.60
N SER B 633 50.94 -14.03 -37.59
CA SER B 633 50.84 -13.24 -36.37
C SER B 633 49.44 -12.65 -36.25
N LEU B 634 48.93 -12.64 -35.02
CA LEU B 634 47.57 -12.18 -34.75
C LEU B 634 47.58 -11.09 -33.68
N LEU B 635 46.74 -10.09 -33.88
CA LEU B 635 46.46 -9.08 -32.87
C LEU B 635 45.05 -9.26 -32.35
N VAL B 636 44.90 -9.22 -31.02
CA VAL B 636 43.62 -9.38 -30.35
C VAL B 636 43.47 -8.25 -29.33
N HIS B 637 42.61 -7.28 -29.63
CA HIS B 637 42.26 -6.28 -28.63
C HIS B 637 41.26 -6.84 -27.64
N ALA B 638 41.40 -6.42 -26.37
CA ALA B 638 40.53 -6.86 -25.29
C ALA B 638 40.61 -8.37 -25.11
N GLY B 639 41.83 -8.90 -25.18
CA GLY B 639 42.05 -10.33 -25.15
C GLY B 639 41.56 -11.01 -23.88
N ALA B 640 41.32 -10.23 -22.82
CA ALA B 640 40.81 -10.77 -21.57
C ALA B 640 39.28 -10.82 -21.53
N GLY B 641 38.60 -10.29 -22.54
CA GLY B 641 37.16 -10.33 -22.60
C GLY B 641 36.66 -11.71 -22.99
N GLY B 642 35.35 -11.77 -23.27
CA GLY B 642 34.73 -13.02 -23.67
C GLY B 642 35.28 -13.58 -24.95
N VAL B 643 35.03 -12.89 -26.07
CA VAL B 643 35.52 -13.35 -27.36
C VAL B 643 37.04 -13.28 -27.43
N GLY B 644 37.66 -12.42 -26.63
CA GLY B 644 39.12 -12.34 -26.65
C GLY B 644 39.78 -13.60 -26.13
N MET B 645 39.37 -14.06 -24.94
CA MET B 645 39.91 -15.29 -24.40
C MET B 645 39.70 -16.47 -25.35
N ALA B 646 38.48 -16.61 -25.89
CA ALA B 646 38.20 -17.70 -26.82
C ALA B 646 39.10 -17.61 -28.05
N THR B 647 39.34 -16.40 -28.56
CA THR B 647 40.21 -16.24 -29.71
C THR B 647 41.64 -16.68 -29.39
N LEU B 648 42.12 -16.36 -28.19
CA LEU B 648 43.48 -16.73 -27.80
C LEU B 648 43.63 -18.24 -27.72
N GLN B 649 42.58 -18.95 -27.28
CA GLN B 649 42.70 -20.39 -27.11
C GLN B 649 42.83 -21.09 -28.46
N LEU B 650 42.00 -20.71 -29.42
CA LEU B 650 42.12 -21.24 -30.77
C LEU B 650 43.45 -20.84 -31.41
N ALA B 651 43.84 -19.58 -31.26
CA ALA B 651 45.06 -19.09 -31.90
C ALA B 651 46.29 -19.88 -31.45
N ARG B 652 46.30 -20.30 -30.17
CA ARG B 652 47.40 -21.12 -29.68
C ARG B 652 47.36 -22.52 -30.29
N HIS B 653 46.16 -23.04 -30.56
CA HIS B 653 45.99 -24.33 -31.21
C HIS B 653 46.32 -24.30 -32.69
N LEU B 654 46.29 -23.12 -33.31
CA LEU B 654 46.45 -22.99 -34.75
C LEU B 654 47.85 -22.54 -35.14
N GLY B 655 48.78 -22.46 -34.19
CA GLY B 655 50.15 -22.12 -34.52
C GLY B 655 50.37 -20.65 -34.78
N VAL B 656 49.60 -19.77 -34.13
CA VAL B 656 49.62 -18.34 -34.40
C VAL B 656 50.38 -17.63 -33.29
N GLU B 657 51.32 -16.77 -33.67
CA GLU B 657 52.00 -15.90 -32.71
C GLU B 657 51.04 -14.76 -32.32
N VAL B 658 50.68 -14.71 -31.05
CA VAL B 658 49.63 -13.82 -30.57
C VAL B 658 50.23 -12.67 -29.77
N TYR B 659 49.89 -11.45 -30.17
CA TYR B 659 50.00 -10.27 -29.34
C TYR B 659 48.59 -9.82 -28.94
N ALA B 660 48.47 -9.14 -27.81
CA ALA B 660 47.14 -8.77 -27.35
C ALA B 660 47.21 -7.66 -26.31
N THR B 661 46.07 -7.00 -26.12
CA THR B 661 45.90 -5.91 -25.16
C THR B 661 44.79 -6.25 -24.17
N ALA B 662 44.84 -5.57 -23.02
CA ALA B 662 43.81 -5.63 -22.00
C ALA B 662 44.16 -4.62 -20.92
N SER B 663 43.17 -4.37 -20.05
CA SER B 663 43.40 -3.57 -18.86
C SER B 663 44.56 -4.13 -18.05
N ARG B 664 45.41 -3.23 -17.55
CA ARG B 664 46.63 -3.66 -16.87
C ARG B 664 46.35 -4.58 -15.69
N GLY B 665 45.14 -4.51 -15.11
CA GLY B 665 44.76 -5.47 -14.10
C GLY B 665 44.41 -6.84 -14.66
N LYS B 666 44.12 -6.91 -15.95
CA LYS B 666 43.76 -8.16 -16.62
C LYS B 666 44.96 -8.86 -17.24
N TRP B 667 46.15 -8.29 -17.15
CA TRP B 667 47.33 -8.90 -17.74
C TRP B 667 47.61 -10.29 -17.18
N ASP B 668 47.24 -10.52 -15.92
CA ASP B 668 47.39 -11.86 -15.35
C ASP B 668 46.56 -12.89 -16.11
N THR B 669 45.39 -12.48 -16.61
CA THR B 669 44.56 -13.40 -17.38
C THR B 669 45.18 -13.71 -18.74
N LEU B 670 45.89 -12.75 -19.32
CA LEU B 670 46.55 -12.99 -20.60
C LEU B 670 47.81 -13.82 -20.43
N ARG B 671 48.66 -13.44 -19.48
CA ARG B 671 49.85 -14.23 -19.17
C ARG B 671 49.47 -15.64 -18.73
N GLY B 672 48.23 -15.84 -18.28
CA GLY B 672 47.76 -17.18 -17.94
C GLY B 672 47.25 -17.95 -19.15
N LEU B 673 46.77 -17.25 -20.17
CA LEU B 673 46.44 -17.89 -21.44
C LEU B 673 47.66 -18.18 -22.31
N GLY B 674 48.85 -18.02 -21.76
CA GLY B 674 50.08 -18.35 -22.47
C GLY B 674 50.59 -17.24 -23.36
N LEU B 675 50.80 -16.04 -22.79
CA LEU B 675 51.39 -14.93 -23.51
C LEU B 675 52.47 -14.28 -22.66
N ASP B 676 53.51 -13.79 -23.34
CA ASP B 676 54.63 -13.16 -22.68
C ASP B 676 54.35 -11.69 -22.39
N ASP B 677 55.13 -11.13 -21.46
CA ASP B 677 55.09 -9.68 -21.24
C ASP B 677 55.59 -8.89 -22.45
N ALA B 678 56.26 -9.56 -23.39
CA ALA B 678 56.59 -8.95 -24.68
C ALA B 678 55.42 -9.06 -25.65
N HIS B 679 54.38 -9.80 -25.29
CA HIS B 679 53.22 -10.07 -26.11
C HIS B 679 51.95 -9.43 -25.56
N ILE B 680 52.08 -8.56 -24.54
CA ILE B 680 50.97 -7.90 -23.87
C ILE B 680 51.21 -6.40 -23.91
N ALA B 681 50.12 -5.62 -23.83
CA ALA B 681 50.20 -4.17 -23.70
C ALA B 681 48.84 -3.64 -23.25
N ASP B 682 48.83 -2.39 -22.80
CA ASP B 682 47.64 -1.79 -22.24
C ASP B 682 46.66 -1.43 -23.35
N SER B 683 45.39 -1.78 -23.16
CA SER B 683 44.34 -1.54 -24.14
C SER B 683 43.79 -0.12 -24.10
N ARG B 684 44.14 0.66 -23.08
CA ARG B 684 43.58 1.98 -22.86
C ARG B 684 44.46 3.10 -23.36
N SER B 685 45.61 2.78 -23.95
CA SER B 685 46.48 3.77 -24.55
C SER B 685 46.85 3.34 -25.97
N LEU B 686 47.66 4.16 -26.63
CA LEU B 686 48.14 3.86 -27.97
C LEU B 686 49.63 3.60 -28.02
N ASP B 687 50.33 3.62 -26.88
CA ASP B 687 51.71 3.15 -26.75
C ASP B 687 51.82 1.84 -27.50
N PHE B 688 50.76 1.06 -27.37
CA PHE B 688 50.63 -0.23 -28.04
C PHE B 688 50.99 -0.16 -29.52
N ALA B 689 50.60 0.92 -30.19
CA ALA B 689 50.77 1.01 -31.63
C ALA B 689 52.25 0.99 -32.01
N GLY B 690 53.11 1.55 -31.18
CA GLY B 690 54.53 1.59 -31.45
C GLY B 690 55.35 0.66 -30.57
N ARG B 691 54.69 -0.07 -29.67
CA ARG B 691 55.41 -1.03 -28.84
C ARG B 691 55.60 -2.35 -29.57
N PHE B 692 54.55 -2.86 -30.21
CA PHE B 692 54.64 -4.18 -30.84
C PHE B 692 55.26 -4.15 -32.23
N LEU B 693 55.00 -3.11 -33.02
CA LEU B 693 55.72 -2.99 -34.29
C LEU B 693 57.23 -2.99 -34.08
N ALA B 694 57.67 -2.43 -32.95
CA ALA B 694 59.06 -2.56 -32.56
C ALA B 694 59.38 -3.98 -32.13
N ALA B 695 58.41 -4.70 -31.55
CA ALA B 695 58.64 -6.07 -31.14
C ALA B 695 58.63 -7.04 -32.32
N THR B 696 57.81 -6.75 -33.35
CA THR B 696 57.87 -7.50 -34.59
C THR B 696 58.98 -7.00 -35.52
N GLY B 697 59.79 -6.04 -35.07
CA GLY B 697 60.81 -5.47 -35.91
C GLY B 697 60.26 -4.76 -37.14
N GLY B 698 59.12 -4.09 -36.99
CA GLY B 698 58.51 -3.36 -38.09
C GLY B 698 57.69 -4.19 -39.03
N ARG B 699 57.71 -5.52 -38.91
CA ARG B 699 56.90 -6.37 -39.78
C ARG B 699 55.42 -6.29 -39.43
N GLY B 700 55.09 -5.89 -38.21
CA GLY B 700 53.70 -5.87 -37.80
C GLY B 700 53.16 -7.28 -37.60
N VAL B 701 51.84 -7.38 -37.73
CA VAL B 701 51.18 -8.67 -37.60
C VAL B 701 50.52 -8.98 -38.93
N ASP B 702 49.85 -10.12 -39.01
CA ASP B 702 49.22 -10.55 -40.24
C ASP B 702 47.70 -10.51 -40.21
N VAL B 703 47.09 -10.50 -39.03
CA VAL B 703 45.64 -10.40 -38.86
C VAL B 703 45.38 -9.62 -37.57
N VAL B 704 44.34 -8.78 -37.58
CA VAL B 704 44.02 -7.93 -36.44
C VAL B 704 42.50 -7.97 -36.20
N LEU B 705 42.09 -8.49 -35.05
CA LEU B 705 40.69 -8.54 -34.66
C LEU B 705 40.44 -7.41 -33.66
N ASN B 706 39.51 -6.51 -33.99
CA ASN B 706 39.28 -5.33 -33.17
C ASN B 706 37.96 -5.45 -32.42
N SER B 707 37.92 -4.82 -31.24
CA SER B 707 36.68 -4.50 -30.56
C SER B 707 36.59 -3.04 -30.15
N LEU B 708 37.68 -2.29 -30.26
CA LEU B 708 37.76 -0.93 -29.76
C LEU B 708 37.40 0.07 -30.85
N ALA B 709 36.88 1.22 -30.45
CA ALA B 709 36.42 2.25 -31.36
C ALA B 709 37.38 3.44 -31.36
N GLY B 710 37.00 4.49 -32.06
CA GLY B 710 37.71 5.75 -31.98
C GLY B 710 39.10 5.69 -32.61
N ASP B 711 40.03 6.44 -32.01
CA ASP B 711 41.40 6.51 -32.50
C ASP B 711 42.06 5.13 -32.57
N PHE B 712 41.58 4.17 -31.78
CA PHE B 712 42.16 2.83 -31.78
C PHE B 712 42.16 2.22 -33.17
N VAL B 713 41.16 2.54 -33.99
CA VAL B 713 41.03 1.94 -35.31
C VAL B 713 42.26 2.28 -36.16
N ASP B 714 42.57 3.57 -36.26
CA ASP B 714 43.71 3.99 -37.07
C ASP B 714 45.02 3.52 -36.46
N ALA B 715 45.17 3.68 -35.15
CA ALA B 715 46.38 3.22 -34.47
C ALA B 715 46.63 1.73 -34.71
N SER B 716 45.57 0.97 -34.99
CA SER B 716 45.70 -0.47 -35.20
C SER B 716 46.15 -0.80 -36.62
N LEU B 717 45.64 -0.07 -37.61
CA LEU B 717 46.06 -0.27 -39.00
C LEU B 717 47.57 -0.13 -39.15
N ARG B 718 48.18 0.70 -38.29
CA ARG B 718 49.62 0.86 -38.24
C ARG B 718 50.37 -0.46 -38.02
N LEU B 719 49.72 -1.46 -37.43
CA LEU B 719 50.31 -2.78 -37.22
C LEU B 719 50.12 -3.70 -38.42
N LEU B 720 49.73 -3.16 -39.58
CA LEU B 720 49.69 -3.92 -40.83
C LEU B 720 50.55 -3.26 -41.89
N PRO B 721 51.84 -2.96 -41.61
CA PRO B 721 52.67 -2.32 -42.64
C PRO B 721 52.75 -3.14 -43.93
N ARG B 722 52.80 -4.46 -43.80
CA ARG B 722 52.85 -5.36 -44.95
C ARG B 722 51.47 -5.90 -45.32
N GLY B 723 50.41 -5.28 -44.81
CA GLY B 723 49.05 -5.68 -45.13
C GLY B 723 48.62 -6.97 -44.44
N GLY B 724 47.40 -7.37 -44.75
CA GLY B 724 46.79 -8.55 -44.20
C GLY B 724 45.31 -8.33 -43.97
N HIS B 725 44.74 -9.11 -43.05
CA HIS B 725 43.35 -8.96 -42.66
C HIS B 725 43.24 -8.04 -41.45
N PHE B 726 42.19 -7.21 -41.44
CA PHE B 726 41.77 -6.47 -40.27
C PHE B 726 40.25 -6.47 -40.24
N LEU B 727 39.69 -6.95 -39.14
CA LEU B 727 38.28 -7.31 -39.08
C LEU B 727 37.67 -6.84 -37.77
N GLU B 728 36.52 -6.17 -37.87
CA GLU B 728 35.95 -5.35 -36.80
C GLU B 728 34.68 -6.00 -36.26
N LEU B 729 34.65 -6.24 -34.94
CA LEU B 729 33.41 -6.61 -34.29
C LEU B 729 32.57 -5.38 -33.93
N GLY B 730 33.24 -4.29 -33.56
CA GLY B 730 32.52 -3.12 -33.08
C GLY B 730 31.73 -2.44 -34.18
N LYS B 731 30.50 -2.07 -33.86
CA LYS B 731 29.61 -1.44 -34.82
C LYS B 731 29.67 0.08 -34.79
N ALA B 732 30.48 0.66 -33.91
CA ALA B 732 30.80 2.08 -33.97
C ALA B 732 32.03 2.27 -34.85
N ASP B 733 32.01 3.35 -35.64
CA ASP B 733 33.14 3.74 -36.48
C ASP B 733 33.44 2.69 -37.54
N VAL B 734 32.40 2.24 -38.23
CA VAL B 734 32.58 1.28 -39.32
C VAL B 734 33.19 2.01 -40.51
N ARG B 735 34.00 1.31 -41.28
CA ARG B 735 34.81 1.92 -42.32
C ARG B 735 34.51 1.28 -43.67
N ASP B 736 34.91 1.98 -44.73
CA ASP B 736 34.75 1.50 -46.09
C ASP B 736 35.95 0.64 -46.48
N PRO B 737 35.75 -0.60 -46.93
CA PRO B 737 36.90 -1.45 -47.28
C PRO B 737 37.80 -0.85 -48.33
N ASP B 738 37.29 0.07 -49.16
CA ASP B 738 38.06 0.55 -50.30
C ASP B 738 39.00 1.70 -49.90
N ARG B 739 38.52 2.61 -49.06
CA ARG B 739 39.38 3.69 -48.59
C ARG B 739 40.40 3.22 -47.57
N ILE B 740 40.24 2.01 -47.03
CA ILE B 740 41.29 1.38 -46.23
C ILE B 740 42.35 0.76 -47.14
N ALA B 741 41.91 -0.09 -48.08
CA ALA B 741 42.82 -0.66 -49.08
C ALA B 741 43.70 0.40 -49.74
N ALA B 742 43.17 1.62 -49.88
CA ALA B 742 43.94 2.72 -50.45
C ALA B 742 44.96 3.27 -49.46
N ASP B 743 44.49 3.73 -48.30
CA ASP B 743 45.37 4.38 -47.32
C ASP B 743 46.34 3.41 -46.67
N HIS B 744 46.12 2.10 -46.81
CA HIS B 744 46.93 1.07 -46.15
C HIS B 744 47.05 -0.10 -47.11
N PRO B 745 48.03 -0.04 -48.02
CA PRO B 745 48.05 -0.99 -49.15
C PRO B 745 48.07 -2.44 -48.68
N GLY B 746 47.21 -3.25 -49.29
CA GLY B 746 47.15 -4.66 -48.99
C GLY B 746 46.43 -5.03 -47.72
N VAL B 747 45.52 -4.17 -47.25
CA VAL B 747 44.75 -4.43 -46.03
C VAL B 747 43.30 -4.62 -46.45
N GLY B 748 42.85 -5.88 -46.43
CA GLY B 748 41.44 -6.17 -46.62
C GLY B 748 40.67 -6.06 -45.32
N TYR B 749 39.80 -5.07 -45.20
CA TYR B 749 39.05 -4.79 -44.00
C TYR B 749 37.59 -5.21 -44.15
N ARG B 750 37.09 -5.95 -43.17
CA ARG B 750 35.68 -6.34 -43.14
C ARG B 750 35.18 -6.28 -41.71
N ALA B 751 34.23 -5.37 -41.47
CA ALA B 751 33.45 -5.41 -40.23
C ALA B 751 32.40 -6.50 -40.37
N PHE B 752 32.27 -7.35 -39.35
CA PHE B 752 31.45 -8.53 -39.47
C PHE B 752 30.67 -8.76 -38.19
N ASP B 753 29.62 -9.57 -38.32
CA ASP B 753 28.79 -9.99 -37.20
C ASP B 753 28.59 -11.50 -37.34
N LEU B 754 28.53 -12.20 -36.21
CA LEU B 754 28.39 -13.65 -36.25
C LEU B 754 27.13 -14.09 -36.98
N VAL B 755 26.13 -13.22 -37.09
CA VAL B 755 24.90 -13.58 -37.81
C VAL B 755 25.19 -13.72 -39.30
N GLU B 756 26.21 -13.02 -39.80
CA GLU B 756 26.52 -13.05 -41.22
C GLU B 756 27.03 -14.41 -41.69
N ALA B 757 27.25 -15.35 -40.77
CA ALA B 757 27.78 -16.65 -41.13
C ALA B 757 26.74 -17.57 -41.76
N GLY B 758 25.49 -17.46 -41.33
CA GLY B 758 24.46 -18.33 -41.84
C GLY B 758 24.36 -19.59 -41.02
N PRO B 759 23.14 -20.11 -40.84
CA PRO B 759 22.95 -21.21 -39.88
C PRO B 759 23.63 -22.51 -40.29
N GLU B 760 23.73 -22.80 -41.59
CA GLU B 760 24.38 -24.03 -42.00
C GLU B 760 25.87 -24.03 -41.70
N LEU B 761 26.51 -22.85 -41.79
CA LEU B 761 27.93 -22.77 -41.47
C LEU B 761 28.18 -22.92 -39.97
N VAL B 762 27.34 -22.28 -39.14
CA VAL B 762 27.47 -22.40 -37.69
C VAL B 762 27.54 -23.86 -37.28
N GLY B 763 26.61 -24.67 -37.79
CA GLY B 763 26.59 -26.08 -37.43
C GLY B 763 27.92 -26.77 -37.68
N GLN B 764 28.53 -26.50 -38.85
CA GLN B 764 29.84 -27.04 -39.14
C GLN B 764 30.88 -26.46 -38.20
N LEU B 765 30.87 -25.14 -38.02
CA LEU B 765 31.81 -24.47 -37.12
C LEU B 765 31.71 -25.03 -35.71
N LEU B 766 30.49 -25.18 -35.21
CA LEU B 766 30.30 -25.70 -33.86
C LEU B 766 30.73 -27.15 -33.75
N GLY B 767 30.47 -27.95 -34.79
CA GLY B 767 30.96 -29.32 -34.79
C GLY B 767 32.47 -29.39 -34.65
N GLU B 768 33.18 -28.57 -35.43
CA GLU B 768 34.64 -28.54 -35.36
C GLU B 768 35.13 -28.14 -33.98
N LEU B 769 34.46 -27.17 -33.35
CA LEU B 769 34.84 -26.74 -32.02
C LEU B 769 34.65 -27.85 -31.00
N MET B 770 33.46 -28.47 -30.99
CA MET B 770 33.19 -29.56 -30.05
C MET B 770 34.20 -30.68 -30.20
N GLU B 771 34.69 -30.90 -31.43
CA GLU B 771 35.78 -31.84 -31.64
C GLU B 771 37.00 -31.46 -30.82
N LEU B 772 37.25 -30.16 -30.67
CA LEU B 772 38.44 -29.70 -29.96
C LEU B 772 38.21 -29.62 -28.45
N PHE B 773 37.03 -29.18 -28.01
CA PHE B 773 36.68 -29.28 -26.60
C PHE B 773 36.85 -30.71 -26.08
N ALA B 774 36.45 -31.69 -26.89
CA ALA B 774 36.60 -33.09 -26.49
C ALA B 774 38.04 -33.56 -26.60
N ALA B 775 38.87 -32.85 -27.36
CA ALA B 775 40.30 -33.17 -27.46
C ALA B 775 41.12 -32.50 -26.36
N GLY B 776 40.50 -31.67 -25.52
CA GLY B 776 41.22 -31.00 -24.46
C GLY B 776 41.95 -29.75 -24.90
N VAL B 777 41.60 -29.21 -26.05
CA VAL B 777 42.30 -28.05 -26.57
C VAL B 777 41.63 -26.75 -26.12
N LEU B 778 40.31 -26.76 -26.00
CA LEU B 778 39.54 -25.59 -25.63
C LEU B 778 38.82 -25.87 -24.32
N SER B 779 38.72 -24.85 -23.46
CA SER B 779 38.05 -24.99 -22.18
C SER B 779 37.05 -23.87 -22.01
N PRO B 780 35.87 -24.17 -21.47
CA PRO B 780 34.89 -23.11 -21.20
C PRO B 780 35.52 -22.00 -20.36
N LEU B 781 35.10 -20.76 -20.65
CA LEU B 781 35.70 -19.59 -20.04
C LEU B 781 35.37 -19.52 -18.56
N PRO B 782 36.03 -18.62 -17.82
CA PRO B 782 35.55 -18.33 -16.45
C PRO B 782 34.11 -17.85 -16.49
N LEU B 783 33.34 -18.24 -15.48
CA LEU B 783 31.90 -18.05 -15.50
C LEU B 783 31.44 -17.23 -14.30
N THR B 784 30.52 -16.30 -14.56
CA THR B 784 29.81 -15.55 -13.54
C THR B 784 28.33 -15.91 -13.68
N VAL B 785 27.83 -16.78 -12.80
CA VAL B 785 26.54 -17.42 -12.97
C VAL B 785 25.53 -16.79 -12.00
N ARG B 786 24.30 -16.65 -12.47
CA ARG B 786 23.21 -16.05 -11.70
C ARG B 786 21.91 -16.79 -12.03
N ASP B 787 20.98 -16.74 -11.09
CA ASP B 787 19.63 -17.20 -11.40
C ASP B 787 18.95 -16.15 -12.26
N VAL B 788 18.27 -16.61 -13.32
CA VAL B 788 17.68 -15.68 -14.28
C VAL B 788 16.74 -14.70 -13.59
N ARG B 789 16.11 -15.12 -12.49
CA ARG B 789 15.25 -14.24 -11.72
C ARG B 789 16.02 -13.09 -11.09
N ARG B 790 17.34 -13.21 -10.99
CA ARG B 790 18.21 -12.15 -10.46
C ARG B 790 18.98 -11.48 -11.59
N ALA B 791 18.33 -11.31 -12.74
CA ALA B 791 19.01 -10.87 -13.96
C ALA B 791 19.37 -9.39 -13.93
N ARG B 792 18.56 -8.55 -13.27
CA ARG B 792 18.90 -7.14 -13.16
C ARG B 792 20.33 -6.99 -12.65
N GLU B 793 20.60 -7.56 -11.48
CA GLU B 793 21.94 -7.51 -10.90
C GLU B 793 22.98 -8.03 -11.88
N ALA B 794 22.62 -9.04 -12.67
CA ALA B 794 23.56 -9.59 -13.65
C ALA B 794 23.93 -8.56 -14.72
N PHE B 795 22.93 -7.89 -15.29
CA PHE B 795 23.23 -6.86 -16.29
C PHE B 795 23.88 -5.65 -15.64
N ARG B 796 23.64 -5.44 -14.35
CA ARG B 796 24.34 -4.41 -13.60
C ARG B 796 25.85 -4.69 -13.55
N LEU B 797 26.22 -5.90 -13.13
CA LEU B 797 27.60 -6.38 -13.24
C LEU B 797 28.20 -6.11 -14.61
N ILE B 798 27.49 -6.48 -15.68
CA ILE B 798 28.08 -6.43 -17.02
C ILE B 798 28.33 -5.00 -17.44
N SER B 799 27.35 -4.11 -17.23
CA SER B 799 27.50 -2.73 -17.65
C SER B 799 28.57 -1.99 -16.85
N GLN B 800 28.97 -2.52 -15.71
CA GLN B 800 30.08 -1.97 -14.92
C GLN B 800 31.40 -2.67 -15.19
N ALA B 801 31.45 -3.58 -16.16
CA ALA B 801 32.65 -4.36 -16.49
C ALA B 801 33.16 -5.11 -15.27
N ARG B 802 32.27 -5.41 -14.33
CA ARG B 802 32.62 -6.09 -13.08
C ARG B 802 32.36 -7.59 -13.14
N HIS B 803 31.92 -8.11 -14.29
CA HIS B 803 31.77 -9.55 -14.45
C HIS B 803 33.12 -10.17 -14.76
N VAL B 804 33.20 -11.49 -14.57
CA VAL B 804 34.40 -12.27 -14.87
C VAL B 804 34.08 -13.17 -16.05
N GLY B 805 34.79 -12.96 -17.15
CA GLY B 805 34.60 -13.79 -18.33
C GLY B 805 33.20 -13.73 -18.90
N LYS B 806 32.47 -14.83 -18.80
CA LYS B 806 31.15 -14.98 -19.38
C LYS B 806 30.08 -15.02 -18.29
N VAL B 807 28.95 -14.34 -18.54
CA VAL B 807 27.81 -14.35 -17.65
C VAL B 807 26.78 -15.36 -18.17
N VAL B 808 26.22 -16.16 -17.27
CA VAL B 808 25.25 -17.19 -17.62
C VAL B 808 24.13 -17.15 -16.59
N LEU B 809 22.89 -17.28 -17.06
CA LEU B 809 21.71 -17.29 -16.21
C LEU B 809 21.13 -18.70 -16.18
N THR B 810 20.64 -19.12 -15.01
CA THR B 810 20.20 -20.49 -14.78
C THR B 810 18.74 -20.52 -14.39
N MET B 811 17.96 -21.35 -15.07
CA MET B 811 16.52 -21.32 -15.00
C MET B 811 16.04 -21.84 -13.64
N PRO B 812 14.75 -21.65 -13.32
CA PRO B 812 14.23 -22.11 -12.01
C PRO B 812 14.24 -23.62 -11.92
N PRO B 813 14.08 -24.19 -10.72
CA PRO B 813 13.96 -25.64 -10.63
C PRO B 813 12.74 -26.11 -11.38
N ALA B 814 12.85 -27.30 -11.99
CA ALA B 814 11.78 -27.78 -12.84
C ALA B 814 11.82 -29.30 -12.92
N PHE B 815 10.66 -29.91 -12.87
CA PHE B 815 10.50 -31.33 -13.15
C PHE B 815 10.11 -31.52 -14.62
N GLY B 816 10.59 -32.63 -15.20
CA GLY B 816 10.35 -32.91 -16.60
C GLY B 816 9.88 -34.33 -16.81
N ALA B 817 9.35 -34.58 -18.00
CA ALA B 817 8.95 -35.93 -18.41
C ALA B 817 10.13 -36.78 -18.83
N TYR B 818 11.31 -36.20 -18.95
CA TYR B 818 12.51 -36.90 -19.38
C TYR B 818 13.44 -37.07 -18.19
N GLY B 819 13.82 -38.31 -17.90
CA GLY B 819 14.61 -38.60 -16.73
C GLY B 819 13.76 -39.04 -15.54
N THR B 820 14.44 -39.51 -14.50
CA THR B 820 13.81 -40.09 -13.34
C THR B 820 13.85 -39.13 -12.15
N VAL B 821 12.80 -39.20 -11.32
CA VAL B 821 12.68 -38.40 -10.10
C VAL B 821 12.51 -39.37 -8.93
N LEU B 822 13.27 -39.14 -7.87
CA LEU B 822 13.23 -39.96 -6.66
C LEU B 822 12.38 -39.27 -5.60
N VAL B 823 11.45 -40.02 -5.02
CA VAL B 823 10.62 -39.52 -3.92
C VAL B 823 10.92 -40.40 -2.71
N THR B 824 11.76 -39.90 -1.81
CA THR B 824 12.11 -40.63 -0.60
C THR B 824 10.97 -40.57 0.40
N GLY B 825 10.69 -41.70 1.04
CA GLY B 825 9.51 -41.78 1.86
C GLY B 825 8.24 -41.76 1.06
N GLY B 826 8.29 -42.24 -0.19
CA GLY B 826 7.18 -42.11 -1.11
C GLY B 826 6.04 -43.07 -0.81
N THR B 827 5.96 -43.50 0.44
CA THR B 827 4.82 -44.25 0.97
C THR B 827 4.20 -43.50 2.14
N GLY B 828 4.35 -42.18 2.15
CA GLY B 828 3.91 -41.37 3.27
C GLY B 828 2.60 -40.66 2.98
N THR B 829 2.11 -39.93 4.00
CA THR B 829 0.93 -39.09 3.84
C THR B 829 1.00 -38.26 2.57
N LEU B 830 2.13 -37.60 2.36
CA LEU B 830 2.28 -36.68 1.24
C LEU B 830 3.19 -37.22 0.15
N GLY B 831 4.19 -38.03 0.50
CA GLY B 831 5.05 -38.61 -0.51
C GLY B 831 4.27 -39.27 -1.63
N GLY B 832 3.21 -40.00 -1.27
CA GLY B 832 2.36 -40.58 -2.30
C GLY B 832 1.49 -39.56 -3.01
N ALA B 833 0.94 -38.60 -2.26
CA ALA B 833 0.15 -37.55 -2.89
C ALA B 833 1.01 -36.65 -3.76
N VAL B 834 2.21 -36.32 -3.29
CA VAL B 834 3.17 -35.58 -4.10
C VAL B 834 3.47 -36.36 -5.39
N ALA B 835 3.81 -37.64 -5.24
CA ALA B 835 4.07 -38.49 -6.39
C ALA B 835 2.92 -38.40 -7.41
N ARG B 836 1.69 -38.57 -6.93
CA ARG B 836 0.53 -38.44 -7.81
C ARG B 836 0.52 -37.08 -8.52
N HIS B 837 0.94 -36.03 -7.81
CA HIS B 837 0.86 -34.68 -8.36
C HIS B 837 1.95 -34.41 -9.39
N LEU B 838 3.16 -34.90 -9.14
CA LEU B 838 4.24 -34.78 -10.13
C LEU B 838 3.83 -35.37 -11.48
N VAL B 839 3.24 -36.57 -11.45
CA VAL B 839 2.86 -37.21 -12.71
C VAL B 839 1.67 -36.46 -13.34
N ALA B 840 0.78 -35.91 -12.53
CA ALA B 840 -0.41 -35.25 -13.04
C ALA B 840 -0.06 -33.92 -13.71
N ARG B 841 0.62 -33.04 -12.99
CA ARG B 841 0.81 -31.64 -13.36
C ARG B 841 2.25 -31.27 -13.73
N HIS B 842 3.22 -32.11 -13.39
CA HIS B 842 4.63 -31.87 -13.70
C HIS B 842 5.13 -32.75 -14.84
N GLY B 843 4.27 -33.60 -15.39
CA GLY B 843 4.62 -34.42 -16.54
C GLY B 843 5.60 -35.53 -16.26
N VAL B 844 6.00 -35.72 -14.99
CA VAL B 844 6.95 -36.77 -14.65
C VAL B 844 6.49 -38.09 -15.23
N ARG B 845 7.41 -38.79 -15.90
CA ARG B 845 7.11 -40.05 -16.57
C ARG B 845 7.92 -41.22 -16.04
N HIS B 846 8.86 -40.97 -15.12
CA HIS B 846 9.70 -42.02 -14.57
C HIS B 846 9.90 -41.67 -13.10
N LEU B 847 9.47 -42.54 -12.21
CA LEU B 847 9.40 -42.21 -10.80
C LEU B 847 9.87 -43.40 -9.97
N VAL B 848 10.45 -43.10 -8.81
CA VAL B 848 10.96 -44.11 -7.89
C VAL B 848 10.48 -43.77 -6.49
N LEU B 849 9.69 -44.67 -5.90
CA LEU B 849 9.25 -44.53 -4.53
C LEU B 849 10.19 -45.31 -3.63
N ALA B 850 10.55 -44.71 -2.50
CA ALA B 850 11.56 -45.31 -1.64
C ALA B 850 11.14 -45.24 -0.18
N GLY B 851 11.58 -46.24 0.57
CA GLY B 851 11.33 -46.31 2.00
C GLY B 851 11.92 -47.60 2.51
N ARG B 852 12.07 -47.67 3.84
CA ARG B 852 12.58 -48.90 4.43
C ARG B 852 11.69 -50.09 4.10
N SER B 853 10.37 -49.94 4.26
CA SER B 853 9.45 -51.02 3.93
C SER B 853 9.55 -51.39 2.45
N GLY B 854 9.56 -50.38 1.58
CA GLY B 854 9.65 -50.61 0.16
C GLY B 854 8.36 -51.18 -0.39
N PRO B 855 8.46 -52.22 -1.24
CA PRO B 855 7.24 -52.87 -1.74
C PRO B 855 6.33 -53.37 -0.63
N ALA B 856 6.90 -53.78 0.50
CA ALA B 856 6.12 -54.35 1.60
C ALA B 856 5.16 -53.35 2.23
N ALA B 857 5.42 -52.05 2.07
CA ALA B 857 4.57 -51.03 2.69
C ALA B 857 3.11 -51.23 2.31
N ASP B 858 2.23 -51.03 3.28
CA ASP B 858 0.80 -51.11 3.01
C ASP B 858 0.33 -49.93 2.18
N GLY B 859 -0.64 -50.19 1.31
CA GLY B 859 -1.10 -49.18 0.37
C GLY B 859 -0.05 -48.79 -0.65
N ALA B 860 1.08 -49.49 -0.66
CA ALA B 860 2.14 -49.20 -1.62
C ALA B 860 1.81 -49.79 -2.98
N SER B 861 1.52 -51.09 -3.01
CA SER B 861 1.12 -51.75 -4.25
C SER B 861 -0.12 -51.11 -4.85
N ALA B 862 -0.94 -50.43 -4.05
CA ALA B 862 -2.09 -49.73 -4.59
C ALA B 862 -1.67 -48.43 -5.29
N LEU B 863 -0.68 -47.74 -4.75
CA LEU B 863 -0.17 -46.53 -5.40
C LEU B 863 0.61 -46.86 -6.67
N VAL B 864 1.31 -48.01 -6.68
CA VAL B 864 2.04 -48.42 -7.87
C VAL B 864 1.09 -48.57 -9.05
N ASP B 865 0.06 -49.41 -8.89
CA ASP B 865 -0.95 -49.57 -9.93
C ASP B 865 -1.62 -48.23 -10.27
N GLU B 866 -1.71 -47.34 -9.28
CA GLU B 866 -2.39 -46.07 -9.50
C GLU B 866 -1.56 -45.13 -10.36
N LEU B 867 -0.26 -45.02 -10.08
CA LEU B 867 0.60 -44.14 -10.87
C LEU B 867 0.94 -44.75 -12.23
N THR B 868 1.16 -46.06 -12.28
CA THR B 868 1.44 -46.73 -13.55
C THR B 868 0.27 -46.57 -14.52
N ALA B 869 -0.96 -46.55 -13.99
CA ALA B 869 -2.12 -46.26 -14.85
C ALA B 869 -2.08 -44.85 -15.40
N SER B 870 -1.42 -43.92 -14.70
CA SER B 870 -1.28 -42.55 -15.16
C SER B 870 -0.24 -42.39 -16.27
N GLY B 871 0.33 -43.49 -16.76
CA GLY B 871 1.23 -43.46 -17.89
C GLY B 871 2.71 -43.44 -17.53
N ALA B 872 3.05 -43.28 -16.26
CA ALA B 872 4.43 -43.18 -15.82
C ALA B 872 4.93 -44.53 -15.32
N SER B 873 6.16 -44.86 -15.69
CA SER B 873 6.84 -46.02 -15.11
C SER B 873 7.17 -45.76 -13.64
N VAL B 874 6.98 -46.78 -12.81
CA VAL B 874 7.06 -46.64 -11.36
C VAL B 874 7.92 -47.75 -10.77
N THR B 875 8.72 -47.40 -9.77
CA THR B 875 9.55 -48.35 -9.03
C THR B 875 9.36 -48.10 -7.54
N VAL B 876 9.35 -49.17 -6.76
CA VAL B 876 9.37 -49.10 -5.30
C VAL B 876 10.55 -49.92 -4.81
N VAL B 877 11.33 -49.34 -3.89
CA VAL B 877 12.57 -49.93 -3.43
C VAL B 877 12.60 -49.88 -1.91
N ALA B 878 12.99 -51.00 -1.29
CA ALA B 878 13.27 -51.02 0.15
C ALA B 878 14.67 -50.49 0.38
N CYS B 879 14.78 -49.29 0.94
CA CYS B 879 16.09 -48.68 1.15
C CYS B 879 15.99 -47.60 2.20
N ASP B 880 16.69 -47.78 3.33
CA ASP B 880 16.92 -46.71 4.27
C ASP B 880 18.00 -45.80 3.68
N ALA B 881 17.63 -44.54 3.40
CA ALA B 881 18.59 -43.63 2.79
C ALA B 881 19.81 -43.39 3.66
N ALA B 882 19.80 -43.83 4.92
CA ALA B 882 20.98 -43.74 5.77
C ALA B 882 21.96 -44.88 5.53
N ASP B 883 21.52 -45.97 4.89
CA ASP B 883 22.42 -47.05 4.49
C ASP B 883 23.12 -46.61 3.22
N ARG B 884 24.27 -45.95 3.39
CA ARG B 884 25.00 -45.36 2.27
C ARG B 884 25.31 -46.37 1.19
N VAL B 885 25.41 -47.65 1.54
CA VAL B 885 25.66 -48.68 0.54
C VAL B 885 24.35 -49.14 -0.11
N ALA B 886 23.24 -49.13 0.62
CA ALA B 886 21.97 -49.48 0.02
C ALA B 886 21.52 -48.38 -0.96
N LEU B 887 21.81 -47.11 -0.65
CA LEU B 887 21.40 -46.01 -1.54
C LEU B 887 22.22 -45.98 -2.85
N ARG B 888 23.56 -46.10 -2.75
CA ARG B 888 24.47 -46.29 -3.89
C ARG B 888 24.02 -47.49 -4.71
N ARG B 889 23.54 -48.53 -4.02
CA ARG B 889 23.03 -49.67 -4.76
C ARG B 889 21.75 -49.31 -5.46
N LEU B 890 20.98 -48.39 -4.88
CA LEU B 890 19.80 -47.86 -5.55
C LEU B 890 20.21 -47.00 -6.74
N LEU B 891 21.02 -45.96 -6.50
CA LEU B 891 21.38 -45.02 -7.55
C LEU B 891 21.98 -45.72 -8.75
N ASP B 892 22.84 -46.71 -8.51
CA ASP B 892 23.43 -47.48 -9.59
C ASP B 892 22.39 -48.29 -10.35
N GLY B 893 21.23 -48.55 -9.75
CA GLY B 893 20.20 -49.34 -10.38
C GLY B 893 19.13 -48.53 -11.08
N ILE B 894 19.51 -47.40 -11.65
CA ILE B 894 18.64 -46.58 -12.48
C ILE B 894 19.05 -46.79 -13.94
N PRO B 895 18.11 -47.06 -14.84
CA PRO B 895 18.49 -47.27 -16.25
C PRO B 895 19.23 -46.05 -16.80
N ALA B 896 20.19 -46.32 -17.68
CA ALA B 896 20.97 -45.23 -18.26
C ALA B 896 20.14 -44.38 -19.22
N ALA B 897 19.09 -44.96 -19.81
CA ALA B 897 18.23 -44.23 -20.73
C ALA B 897 17.28 -43.28 -20.01
N HIS B 898 17.28 -43.27 -18.69
CA HIS B 898 16.39 -42.41 -17.93
C HIS B 898 17.10 -41.93 -16.66
N PRO B 899 18.23 -41.25 -16.79
CA PRO B 899 19.03 -40.93 -15.61
C PRO B 899 18.32 -39.95 -14.67
N LEU B 900 18.78 -39.98 -13.42
CA LEU B 900 18.25 -39.09 -12.40
C LEU B 900 18.39 -37.62 -12.81
N THR B 901 17.31 -36.85 -12.60
CA THR B 901 17.34 -35.42 -12.88
C THR B 901 16.74 -34.56 -11.77
N ALA B 902 16.18 -35.15 -10.72
CA ALA B 902 15.55 -34.40 -9.64
C ALA B 902 15.24 -35.33 -8.49
N VAL B 903 15.06 -34.75 -7.30
CA VAL B 903 14.86 -35.50 -6.06
C VAL B 903 13.86 -34.76 -5.18
N VAL B 904 12.94 -35.51 -4.59
CA VAL B 904 12.05 -35.01 -3.54
C VAL B 904 12.27 -35.90 -2.34
N HIS B 905 13.02 -35.41 -1.35
CA HIS B 905 13.32 -36.17 -0.15
C HIS B 905 12.33 -35.82 0.95
N ALA B 906 11.53 -36.80 1.37
CA ALA B 906 10.52 -36.61 2.40
C ALA B 906 10.55 -37.72 3.45
N ALA B 907 11.68 -38.40 3.63
CA ALA B 907 11.79 -39.35 4.72
C ALA B 907 11.89 -38.61 6.05
N GLY B 908 11.24 -39.16 7.07
CA GLY B 908 11.22 -38.53 8.38
C GLY B 908 10.68 -39.45 9.45
N VAL B 909 11.18 -39.30 10.67
CA VAL B 909 10.73 -40.10 11.81
C VAL B 909 10.63 -39.18 13.02
N LEU B 910 9.61 -39.41 13.84
CA LEU B 910 9.37 -38.64 15.06
C LEU B 910 9.67 -39.50 16.28
N ASP B 911 10.25 -38.88 17.31
CA ASP B 911 10.51 -39.57 18.56
C ASP B 911 10.56 -38.50 19.65
N ASP B 912 9.47 -38.35 20.39
CA ASP B 912 9.26 -37.19 21.24
C ASP B 912 9.87 -37.44 22.62
N ALA B 913 10.48 -36.38 23.20
CA ALA B 913 11.01 -36.41 24.55
C ALA B 913 11.49 -35.03 24.94
N THR B 914 11.36 -34.71 26.24
CA THR B 914 11.84 -33.46 26.79
C THR B 914 13.37 -33.41 26.75
N ILE B 915 13.93 -32.22 26.98
CA ILE B 915 15.38 -32.07 27.00
C ILE B 915 16.00 -32.97 28.06
N THR B 916 15.52 -32.87 29.31
CA THR B 916 16.07 -33.67 30.38
C THR B 916 15.91 -35.17 30.17
N ALA B 917 15.09 -35.59 29.20
CA ALA B 917 14.78 -36.99 28.99
C ALA B 917 15.35 -37.58 27.70
N LEU B 918 15.66 -36.75 26.70
CA LEU B 918 16.02 -37.26 25.39
C LEU B 918 17.32 -38.05 25.46
N THR B 919 17.33 -39.23 24.84
CA THR B 919 18.47 -40.13 24.87
C THR B 919 19.28 -40.02 23.59
N ALA B 920 20.29 -40.88 23.46
CA ALA B 920 21.08 -40.93 22.24
C ALA B 920 20.32 -41.59 21.11
N GLY B 921 19.70 -42.75 21.39
CA GLY B 921 18.91 -43.42 20.38
C GLY B 921 17.74 -42.59 19.88
N GLN B 922 17.15 -41.78 20.75
CA GLN B 922 16.07 -40.89 20.31
C GLN B 922 16.59 -39.82 19.36
N VAL B 923 17.81 -39.32 19.58
CA VAL B 923 18.40 -38.37 18.64
C VAL B 923 18.78 -39.09 17.34
N ASP B 924 19.58 -40.15 17.47
CA ASP B 924 20.02 -40.92 16.31
C ASP B 924 18.85 -41.34 15.42
N ALA B 925 17.75 -41.78 16.03
CA ALA B 925 16.64 -42.32 15.25
C ALA B 925 15.98 -41.26 14.39
N VAL B 926 16.09 -39.99 14.77
CA VAL B 926 15.44 -38.90 14.05
C VAL B 926 16.45 -38.24 13.12
N LEU B 927 17.73 -38.22 13.52
CA LEU B 927 18.75 -37.67 12.63
C LEU B 927 19.00 -38.56 11.43
N ARG B 928 18.92 -39.89 11.61
CA ARG B 928 19.19 -40.80 10.50
C ARG B 928 18.30 -40.57 9.28
N PRO B 929 16.98 -40.41 9.41
CA PRO B 929 16.17 -40.16 8.21
C PRO B 929 16.32 -38.77 7.66
N LYS B 930 16.54 -37.77 8.53
CA LYS B 930 16.58 -36.38 8.09
C LYS B 930 17.98 -35.95 7.64
N ALA B 931 18.94 -35.96 8.58
CA ALA B 931 20.26 -35.41 8.28
C ALA B 931 21.13 -36.39 7.51
N ASP B 932 21.23 -37.63 8.01
CA ASP B 932 22.12 -38.62 7.42
C ASP B 932 21.74 -38.92 5.97
N ALA B 933 20.45 -38.89 5.66
CA ALA B 933 20.00 -39.20 4.31
C ALA B 933 20.33 -38.07 3.35
N VAL B 934 20.08 -36.82 3.76
CA VAL B 934 20.38 -35.67 2.92
C VAL B 934 21.85 -35.65 2.52
N VAL B 935 22.74 -35.91 3.48
CA VAL B 935 24.18 -35.85 3.20
C VAL B 935 24.56 -36.91 2.18
N ASN B 936 23.94 -38.10 2.27
CA ASN B 936 24.24 -39.14 1.29
C ASN B 936 23.76 -38.74 -0.09
N LEU B 937 22.58 -38.11 -0.18
CA LEU B 937 22.06 -37.67 -1.46
C LEU B 937 22.96 -36.64 -2.12
N HIS B 938 23.56 -35.76 -1.33
CA HIS B 938 24.42 -34.72 -1.89
C HIS B 938 25.76 -35.28 -2.35
N GLU B 939 26.32 -36.22 -1.60
CA GLU B 939 27.67 -36.69 -1.88
C GLU B 939 27.71 -37.90 -2.81
N LEU B 940 26.63 -38.68 -2.89
CA LEU B 940 26.59 -39.81 -3.80
C LEU B 940 26.13 -39.45 -5.21
N THR B 941 25.68 -38.20 -5.41
CA THR B 941 25.17 -37.75 -6.71
C THR B 941 25.93 -36.54 -7.25
N ARG B 942 27.09 -36.20 -6.68
CA ARG B 942 27.93 -35.09 -7.15
C ARG B 942 28.14 -35.14 -8.69
N ASP B 943 28.21 -36.35 -9.27
CA ASP B 943 28.37 -36.45 -10.74
C ASP B 943 27.06 -36.02 -11.53
N ARG B 944 26.01 -35.47 -10.90
CA ARG B 944 24.81 -35.07 -11.62
C ARG B 944 24.36 -33.69 -11.16
N GLU B 945 23.95 -32.86 -12.13
CA GLU B 945 23.46 -31.50 -11.90
C GLU B 945 21.94 -31.55 -11.96
N LEU B 946 21.30 -31.62 -10.79
CA LEU B 946 19.87 -31.84 -10.73
C LEU B 946 19.09 -30.61 -11.19
N SER B 947 18.06 -30.84 -12.01
CA SER B 947 17.20 -29.75 -12.46
C SER B 947 16.25 -29.28 -11.38
N ALA B 948 15.93 -30.15 -10.43
CA ALA B 948 15.14 -29.79 -9.25
C ALA B 948 15.65 -30.62 -8.08
N PHE B 949 15.60 -30.05 -6.88
CA PHE B 949 16.09 -30.76 -5.69
C PHE B 949 15.36 -30.21 -4.48
N VAL B 950 14.37 -30.95 -3.99
CA VAL B 950 13.45 -30.47 -2.98
C VAL B 950 13.62 -31.28 -1.69
N LEU B 951 13.65 -30.57 -0.56
CA LEU B 951 13.82 -31.16 0.76
C LEU B 951 12.63 -30.73 1.62
N PHE B 952 12.02 -31.67 2.32
CA PHE B 952 10.94 -31.37 3.25
C PHE B 952 11.46 -31.24 4.67
N SER B 953 11.15 -30.11 5.31
CA SER B 953 11.50 -29.82 6.70
C SER B 953 10.19 -29.62 7.47
N SER B 954 10.30 -29.12 8.71
CA SER B 954 9.13 -28.76 9.49
C SER B 954 9.27 -27.33 10.01
N ALA B 955 8.11 -26.71 10.25
CA ALA B 955 8.07 -25.38 10.84
C ALA B 955 8.32 -25.39 12.34
N ALA B 956 8.33 -26.57 12.98
CA ALA B 956 8.71 -26.66 14.38
C ALA B 956 10.21 -26.44 14.58
N ALA B 957 11.01 -26.57 13.52
CA ALA B 957 12.43 -26.24 13.64
C ALA B 957 12.63 -24.73 13.77
N LEU B 958 11.80 -23.93 13.10
CA LEU B 958 11.90 -22.49 13.19
C LEU B 958 11.21 -21.95 14.44
N PHE B 959 10.06 -22.51 14.80
CA PHE B 959 9.29 -22.05 15.94
C PHE B 959 9.76 -22.66 17.25
N GLY B 960 10.32 -23.86 17.20
CA GLY B 960 10.64 -24.62 18.39
C GLY B 960 9.38 -25.33 18.87
N SER B 961 9.46 -26.63 19.07
CA SER B 961 8.35 -27.42 19.58
C SER B 961 8.84 -28.17 20.80
N PRO B 962 8.15 -28.08 21.93
CA PRO B 962 8.62 -28.76 23.14
C PRO B 962 8.60 -30.27 22.94
N GLY B 963 9.45 -30.94 23.71
CA GLY B 963 9.55 -32.39 23.62
C GLY B 963 9.94 -32.92 22.26
N GLN B 964 10.47 -32.06 21.38
CA GLN B 964 10.88 -32.48 20.04
C GLN B 964 12.20 -31.84 19.66
N GLY B 965 13.15 -31.84 20.60
CA GLY B 965 14.46 -31.26 20.31
C GLY B 965 15.15 -31.95 19.15
N ASN B 966 15.20 -33.28 19.18
CA ASN B 966 15.90 -34.03 18.14
C ASN B 966 15.28 -33.79 16.77
N TYR B 967 13.95 -33.86 16.68
CA TYR B 967 13.27 -33.56 15.44
C TYR B 967 13.52 -32.11 15.02
N SER B 968 13.43 -31.19 15.98
CA SER B 968 13.71 -29.79 15.70
C SER B 968 15.15 -29.59 15.27
N ALA B 969 16.09 -30.30 15.91
CA ALA B 969 17.49 -30.20 15.53
C ALA B 969 17.74 -30.77 14.13
N ALA B 970 17.15 -31.93 13.82
CA ALA B 970 17.35 -32.55 12.53
C ALA B 970 16.87 -31.64 11.40
N ASN B 971 15.64 -31.13 11.51
CA ASN B 971 15.07 -30.28 10.48
C ASN B 971 15.82 -28.96 10.34
N GLY B 972 16.47 -28.49 11.42
CA GLY B 972 17.29 -27.30 11.31
C GLY B 972 18.52 -27.53 10.47
N PHE B 973 19.12 -28.73 10.59
CA PHE B 973 20.23 -29.09 9.70
C PHE B 973 19.79 -29.14 8.24
N VAL B 974 18.57 -29.62 7.98
CA VAL B 974 18.10 -29.73 6.61
C VAL B 974 17.92 -28.36 5.98
N ASP B 975 17.27 -27.44 6.71
CA ASP B 975 17.05 -26.09 6.21
C ASP B 975 18.34 -25.45 5.71
N ALA B 976 19.40 -25.52 6.52
CA ALA B 976 20.64 -24.85 6.17
C ALA B 976 21.37 -25.57 5.03
N PHE B 977 21.31 -26.90 5.01
CA PHE B 977 22.03 -27.63 3.98
C PHE B 977 21.44 -27.44 2.60
N ALA B 978 20.23 -26.89 2.51
CA ALA B 978 19.72 -26.42 1.22
C ALA B 978 20.24 -25.02 0.91
N GLN B 979 20.21 -24.13 1.91
CA GLN B 979 20.89 -22.85 1.80
C GLN B 979 22.37 -23.05 1.50
N TYR B 980 22.93 -24.15 1.98
CA TYR B 980 24.33 -24.46 1.74
C TYR B 980 24.56 -24.94 0.31
N ARG B 981 23.54 -25.50 -0.34
CA ARG B 981 23.68 -25.90 -1.73
C ARG B 981 23.44 -24.75 -2.71
N ARG B 982 22.38 -23.95 -2.51
CA ARG B 982 22.13 -22.87 -3.44
C ARG B 982 23.27 -21.87 -3.46
N ALA B 983 23.97 -21.72 -2.33
CA ALA B 983 25.19 -20.91 -2.32
C ALA B 983 26.22 -21.45 -3.30
N GLN B 984 26.27 -22.77 -3.49
CA GLN B 984 27.27 -23.38 -4.34
C GLN B 984 26.87 -23.41 -5.81
N GLY B 985 25.70 -22.85 -6.14
CA GLY B 985 25.20 -22.90 -7.50
C GLY B 985 24.34 -24.11 -7.82
N LEU B 986 23.95 -24.89 -6.82
CA LEU B 986 23.17 -26.10 -7.02
C LEU B 986 21.71 -25.86 -6.71
N HIS B 987 20.84 -26.58 -7.43
CA HIS B 987 19.43 -26.55 -7.10
C HIS B 987 19.18 -27.14 -5.72
N ALA B 988 18.29 -26.50 -4.97
CA ALA B 988 17.93 -26.91 -3.62
C ALA B 988 16.79 -26.05 -3.13
N VAL B 989 15.98 -26.62 -2.24
CA VAL B 989 14.99 -25.85 -1.50
C VAL B 989 14.59 -26.65 -0.27
N SER B 990 14.56 -26.00 0.89
CA SER B 990 14.03 -26.60 2.10
C SER B 990 12.66 -26.01 2.36
N LEU B 991 11.71 -26.86 2.68
CA LEU B 991 10.32 -26.46 2.88
C LEU B 991 9.87 -26.85 4.27
N ALA B 992 9.72 -25.87 5.16
CA ALA B 992 9.33 -26.08 6.54
C ALA B 992 7.80 -26.09 6.62
N TRP B 993 7.22 -27.26 6.39
CA TRP B 993 5.77 -27.37 6.26
C TRP B 993 5.08 -27.05 7.58
N GLY B 994 3.88 -26.49 7.46
CA GLY B 994 2.97 -26.39 8.59
C GLY B 994 2.35 -27.74 8.88
N LEU B 995 1.10 -27.77 9.32
CA LEU B 995 0.43 -29.01 9.65
C LEU B 995 -0.46 -29.40 8.49
N TRP B 996 -0.39 -30.67 8.09
CA TRP B 996 -1.18 -31.22 7.00
C TRP B 996 -2.45 -31.84 7.56
N ALA B 997 -3.43 -32.04 6.67
CA ALA B 997 -4.73 -32.50 7.15
C ALA B 997 -4.63 -33.92 7.70
N ASP B 998 -3.90 -34.80 7.03
CA ASP B 998 -3.71 -36.16 7.53
C ASP B 998 -2.31 -36.71 7.35
N HIS B 1005 -0.14 -43.51 14.37
CA HIS B 1005 -0.14 -42.05 14.41
C HIS B 1005 -0.02 -41.49 15.83
N LEU B 1006 0.52 -42.29 16.77
CA LEU B 1006 0.62 -41.81 18.15
C LEU B 1006 1.64 -40.69 18.29
N ASP B 1007 2.82 -40.87 17.68
CA ASP B 1007 3.80 -39.78 17.66
C ASP B 1007 3.27 -38.59 16.87
N GLN B 1008 2.37 -38.83 15.93
CA GLN B 1008 1.86 -37.75 15.10
C GLN B 1008 0.76 -36.98 15.82
N GLU B 1009 -0.10 -37.68 16.56
CA GLU B 1009 -1.08 -37.01 17.40
C GLU B 1009 -0.42 -36.14 18.45
N GLY B 1010 0.84 -36.42 18.80
CA GLY B 1010 1.57 -35.53 19.68
C GLY B 1010 1.98 -34.25 18.99
N MET B 1011 2.29 -34.31 17.69
CA MET B 1011 2.61 -33.09 16.96
C MET B 1011 1.37 -32.28 16.61
N ARG B 1012 0.29 -32.96 16.17
CA ARG B 1012 -0.96 -32.26 15.91
C ARG B 1012 -1.42 -31.48 17.14
N ARG B 1013 -1.27 -32.07 18.32
CA ARG B 1013 -1.62 -31.38 19.56
C ARG B 1013 -0.78 -30.12 19.74
N ARG B 1014 0.54 -30.25 19.58
CA ARG B 1014 1.43 -29.13 19.85
C ARG B 1014 1.42 -28.09 18.74
N MET B 1015 1.10 -28.50 17.51
CA MET B 1015 0.93 -27.52 16.45
C MET B 1015 -0.32 -26.67 16.67
N ALA B 1016 -1.29 -27.19 17.42
CA ALA B 1016 -2.47 -26.40 17.77
C ALA B 1016 -2.17 -25.45 18.92
N ARG B 1017 -1.38 -25.89 19.91
CA ARG B 1017 -1.00 -25.02 21.02
C ARG B 1017 -0.35 -23.73 20.52
N GLY B 1018 0.27 -23.77 19.34
CA GLY B 1018 0.90 -22.63 18.74
C GLY B 1018 0.12 -21.93 17.65
N GLY B 1019 -1.12 -22.36 17.38
CA GLY B 1019 -1.96 -21.66 16.43
C GLY B 1019 -1.83 -22.09 14.99
N VAL B 1020 -1.14 -23.19 14.71
CA VAL B 1020 -1.02 -23.68 13.34
C VAL B 1020 -2.29 -24.43 12.96
N LEU B 1021 -2.78 -24.18 11.75
CA LEU B 1021 -3.97 -24.80 11.22
C LEU B 1021 -3.62 -25.75 10.08
N PRO B 1022 -4.47 -26.74 9.80
CA PRO B 1022 -4.10 -27.75 8.82
C PRO B 1022 -4.17 -27.20 7.40
N LEU B 1023 -3.23 -27.65 6.57
CA LEU B 1023 -3.24 -27.31 5.16
C LEU B 1023 -3.99 -28.39 4.41
N THR B 1024 -4.99 -27.99 3.63
CA THR B 1024 -5.70 -28.98 2.83
C THR B 1024 -4.72 -29.68 1.89
N THR B 1025 -5.10 -30.90 1.48
CA THR B 1025 -4.21 -31.67 0.62
C THR B 1025 -3.99 -30.96 -0.72
N ASP B 1026 -5.02 -30.33 -1.26
CA ASP B 1026 -4.89 -29.63 -2.54
C ASP B 1026 -4.05 -28.36 -2.39
N GLN B 1027 -4.31 -27.56 -1.34
CA GLN B 1027 -3.47 -26.40 -1.08
C GLN B 1027 -2.00 -26.77 -1.03
N GLY B 1028 -1.64 -27.73 -0.17
CA GLY B 1028 -0.24 -28.11 0.01
C GLY B 1028 0.49 -28.28 -1.30
N LEU B 1029 -0.10 -29.03 -2.23
CA LEU B 1029 0.54 -29.23 -3.53
C LEU B 1029 0.59 -27.92 -4.32
N ALA B 1030 -0.51 -27.17 -4.34
CA ALA B 1030 -0.54 -25.90 -5.04
C ALA B 1030 0.53 -24.95 -4.51
N LEU B 1031 0.77 -24.98 -3.20
CA LEU B 1031 1.80 -24.13 -2.62
C LEU B 1031 3.20 -24.62 -3.02
N PHE B 1032 3.44 -25.94 -2.93
CA PHE B 1032 4.69 -26.49 -3.43
C PHE B 1032 4.96 -26.09 -4.88
N ASP B 1033 3.95 -26.23 -5.74
CA ASP B 1033 4.12 -25.82 -7.13
C ASP B 1033 4.63 -24.39 -7.20
N ALA B 1034 3.97 -23.49 -6.47
CA ALA B 1034 4.35 -22.08 -6.50
C ALA B 1034 5.70 -21.84 -5.85
N ALA B 1035 6.07 -22.64 -4.85
CA ALA B 1035 7.37 -22.49 -4.22
C ALA B 1035 8.52 -22.75 -5.19
N GLN B 1036 8.27 -23.51 -6.24
CA GLN B 1036 9.28 -23.73 -7.27
C GLN B 1036 9.64 -22.45 -8.01
N LEU B 1037 8.78 -21.44 -7.94
CA LEU B 1037 8.94 -20.20 -8.69
C LEU B 1037 9.66 -19.11 -7.89
N VAL B 1038 9.99 -19.37 -6.63
CA VAL B 1038 10.56 -18.37 -5.74
C VAL B 1038 12.02 -18.72 -5.49
N ASP B 1039 12.88 -17.72 -5.58
CA ASP B 1039 14.33 -17.93 -5.47
C ASP B 1039 14.78 -17.69 -4.03
N GLU B 1040 14.18 -18.45 -3.12
CA GLU B 1040 14.57 -18.47 -1.72
C GLU B 1040 15.00 -19.88 -1.36
N ALA B 1041 16.14 -19.99 -0.68
CA ALA B 1041 16.64 -21.31 -0.30
C ALA B 1041 15.78 -21.94 0.79
N LEU B 1042 15.08 -21.13 1.59
CA LEU B 1042 14.19 -21.61 2.64
C LEU B 1042 12.83 -20.97 2.50
N GLN B 1043 11.78 -21.78 2.48
CA GLN B 1043 10.42 -21.28 2.34
C GLN B 1043 9.51 -22.04 3.30
N VAL B 1044 8.43 -21.39 3.73
CA VAL B 1044 7.58 -21.92 4.81
C VAL B 1044 6.12 -21.93 4.38
N PRO B 1045 5.62 -23.03 3.79
CA PRO B 1045 4.18 -23.13 3.49
C PRO B 1045 3.39 -23.50 4.74
N ILE B 1046 2.48 -22.62 5.15
CA ILE B 1046 1.79 -22.80 6.43
C ILE B 1046 0.53 -21.94 6.47
N ARG B 1047 -0.41 -22.33 7.31
CA ARG B 1047 -1.65 -21.62 7.58
C ARG B 1047 -1.66 -21.31 9.06
N LEU B 1048 -1.78 -20.03 9.41
CA LEU B 1048 -1.66 -19.61 10.80
C LEU B 1048 -2.89 -18.84 11.25
N ASN B 1049 -3.37 -19.15 12.45
CA ASN B 1049 -4.44 -18.38 13.07
C ASN B 1049 -3.83 -17.40 14.06
N VAL B 1050 -3.23 -16.35 13.51
CA VAL B 1050 -2.51 -15.38 14.34
C VAL B 1050 -3.47 -14.60 15.22
N GLY B 1051 -4.69 -14.35 14.73
CA GLY B 1051 -5.66 -13.60 15.52
C GLY B 1051 -5.95 -14.28 16.85
N ALA B 1052 -6.00 -15.61 16.85
CA ALA B 1052 -6.19 -16.34 18.09
C ALA B 1052 -4.99 -16.20 19.02
N LEU B 1053 -3.84 -15.80 18.47
CA LEU B 1053 -2.66 -15.58 19.30
C LEU B 1053 -2.65 -14.18 19.91
N ARG B 1054 -3.11 -13.16 19.16
CA ARG B 1054 -3.31 -11.85 19.79
C ARG B 1054 -4.32 -11.93 20.92
N ALA B 1055 -5.39 -12.69 20.74
CA ALA B 1055 -6.37 -12.85 21.79
C ALA B 1055 -5.70 -13.33 23.07
N ALA B 1056 -5.05 -14.49 23.01
CA ALA B 1056 -4.46 -15.08 24.20
C ALA B 1056 -3.12 -14.47 24.58
N GLY B 1057 -2.53 -13.66 23.70
CA GLY B 1057 -1.28 -13.01 24.04
C GLY B 1057 -0.05 -13.88 23.90
N LYS B 1058 -0.15 -14.96 23.14
CA LYS B 1058 0.92 -15.96 23.02
C LYS B 1058 1.68 -15.84 21.70
N VAL B 1059 1.89 -14.63 21.18
CA VAL B 1059 2.52 -14.44 19.88
C VAL B 1059 4.05 -14.55 20.00
N PRO B 1060 4.67 -15.52 19.34
CA PRO B 1060 6.14 -15.59 19.37
C PRO B 1060 6.77 -14.45 18.59
N ALA B 1061 7.98 -14.08 19.03
CA ALA B 1061 8.69 -12.96 18.43
C ALA B 1061 8.80 -13.07 16.92
N LEU B 1062 9.06 -14.28 16.41
CA LEU B 1062 9.24 -14.48 14.97
C LEU B 1062 8.01 -14.04 14.19
N LEU B 1063 6.83 -14.12 14.81
CA LEU B 1063 5.57 -13.82 14.14
C LEU B 1063 5.05 -12.42 14.44
N ALA B 1064 5.81 -11.62 15.20
CA ALA B 1064 5.31 -10.35 15.71
C ALA B 1064 4.88 -9.39 14.60
N ASP B 1065 5.41 -9.54 13.40
CA ASP B 1065 5.06 -8.66 12.30
C ASP B 1065 3.83 -9.10 11.53
N LEU B 1066 3.28 -10.27 11.82
CA LEU B 1066 2.07 -10.71 11.13
C LEU B 1066 0.82 -10.09 11.72
N VAL B 1067 0.97 -9.31 12.78
CA VAL B 1067 -0.12 -8.56 13.37
C VAL B 1067 -0.32 -7.22 12.66
#